data_5UWX
#
_entry.id   5UWX
#
_cell.length_a   128.278
_cell.length_b   118.943
_cell.length_c   96.992
_cell.angle_alpha   90.00
_cell.angle_beta   102.88
_cell.angle_gamma   90.00
#
_symmetry.space_group_name_H-M   'C 1 2 1'
#
loop_
_entity.id
_entity.type
_entity.pdbx_description
1 polymer "Inosine-5'-monophosphate dehydrogenase,Inosine-5'-monophosphate dehydrogenase"
2 non-polymer N-{2-chloro-5-[({2-[3-(prop-1-en-2-yl)phenyl]propan-2-yl}carbamoyl)amino]phenyl}-alpha-D-ribofuranosylamine
3 non-polymer 'INOSINIC ACID'
4 non-polymer (4S)-2-METHYL-2,4-PENTANEDIOL
5 non-polymer 'ACETIC ACID'
6 non-polymer (4R)-2-METHYLPENTANE-2,4-DIOL
7 water water
#
_entity_poly.entity_id   1
_entity_poly.type   'polypeptide(L)'
_entity_poly.pdbx_seq_one_letter_code
;SNAMARILKTAYTFDDVLLVPNKSEVLPNEVSLKTQLTKKIQLNIPLMSASMDTVTESKMAIAMAREGGIGIIHKNMTIE
DQAREVDRVKRSGGLLCGASIGVTNDMMERVDAVVKAKVDVIVLDTAHGHSKGVIEGVKRIKAKYPELQVIAGNIATPEA
VRDLAEAGADCVKVGIGPGSICTTRIVAGVGVPQLTAVMDCAEEGKKLGIPVIADGGLKYSGDIVKALAAGACAAMMGSI
FAGCEEAPGAIEIYQGRSYKVYRGMGSLGAMAKGSSDRYFQNGTKKFVPEGVEGRIAYKGHLADTIYQLIGGIKSGMGYL
GAPTLENLYENANFVVQTSAGFRESHPHDINITKEAPNYSVNQ
;
_entity_poly.pdbx_strand_id   A,B,C,D
#
loop_
_chem_comp.id
_chem_comp.type
_chem_comp.name
_chem_comp.formula
8L7 non-polymer N-{2-chloro-5-[({2-[3-(prop-1-en-2-yl)phenyl]propan-2-yl}carbamoyl)amino]phenyl}-alpha-D-ribofuranosylamine 'C24 H30 Cl N3 O5'
ACY non-polymer 'ACETIC ACID' 'C2 H4 O2'
IMP non-polymer 'INOSINIC ACID' 'C10 H13 N4 O8 P'
MPD non-polymer (4S)-2-METHYL-2,4-PENTANEDIOL 'C6 H14 O2'
MRD non-polymer (4R)-2-METHYLPENTANE-2,4-DIOL 'C6 H14 O2'
#
# COMPACT_ATOMS: atom_id res chain seq x y z
N SER A 1 -52.11 20.36 -9.80
CA SER A 1 -52.92 19.30 -9.22
C SER A 1 -52.25 18.87 -7.92
N ASN A 2 -52.63 17.72 -7.36
CA ASN A 2 -51.85 17.14 -6.27
C ASN A 2 -50.67 16.38 -6.85
N ALA A 3 -49.47 16.73 -6.42
CA ALA A 3 -48.25 16.26 -7.06
C ALA A 3 -47.68 15.02 -6.37
N MET A 4 -46.96 14.22 -7.15
CA MET A 4 -46.18 13.11 -6.62
C MET A 4 -44.86 13.62 -6.04
N ALA A 5 -44.53 13.17 -4.83
CA ALA A 5 -43.35 13.65 -4.13
C ALA A 5 -42.49 12.47 -3.70
N ARG A 6 -41.18 12.70 -3.68
CA ARG A 6 -40.22 11.73 -3.16
C ARG A 6 -40.26 11.76 -1.64
N ILE A 7 -40.48 10.62 -1.00
CA ILE A 7 -40.52 10.56 0.46
C ILE A 7 -39.13 10.16 0.95
N LEU A 8 -38.44 11.11 1.57
CA LEU A 8 -37.15 10.90 2.19
C LEU A 8 -37.21 11.51 3.59
N LYS A 9 -37.07 10.65 4.62
CA LYS A 9 -37.07 11.10 5.99
C LYS A 9 -35.72 11.68 6.37
N THR A 10 -35.72 12.78 7.11
CA THR A 10 -34.50 13.32 7.68
C THR A 10 -34.19 12.59 8.99
N ALA A 11 -32.92 12.21 9.16
CA ALA A 11 -32.48 11.57 10.39
C ALA A 11 -31.46 12.47 11.08
N TYR A 12 -31.45 12.44 12.41
CA TYR A 12 -30.75 13.42 13.24
C TYR A 12 -29.63 12.79 14.03
N THR A 13 -28.56 13.58 14.24
CA THR A 13 -27.52 13.25 15.19
C THR A 13 -27.71 14.13 16.43
N PHE A 14 -26.88 13.88 17.44
CA PHE A 14 -27.01 14.57 18.72
C PHE A 14 -26.96 16.08 18.55
N ASP A 15 -26.01 16.57 17.77
CA ASP A 15 -25.88 18.01 17.54
C ASP A 15 -27.10 18.63 16.84
N ASP A 16 -28.00 17.83 16.26
CA ASP A 16 -29.22 18.35 15.63
C ASP A 16 -30.31 18.71 16.62
N VAL A 17 -30.25 18.23 17.86
CA VAL A 17 -31.39 18.33 18.76
C VAL A 17 -30.97 18.88 20.14
N LEU A 18 -31.96 19.41 20.84
CA LEU A 18 -31.83 19.86 22.23
C LEU A 18 -33.02 19.37 23.03
N LEU A 19 -32.78 19.09 24.31
CA LEU A 19 -33.86 18.70 25.22
C LEU A 19 -34.55 19.92 25.82
N VAL A 20 -35.87 19.90 25.84
CA VAL A 20 -36.67 20.99 26.42
C VAL A 20 -36.72 20.81 27.94
N PRO A 21 -36.41 21.86 28.72
CA PRO A 21 -36.59 21.76 30.18
C PRO A 21 -38.03 21.38 30.58
N ASN A 22 -38.15 20.54 31.61
CA ASN A 22 -39.40 20.20 32.25
C ASN A 22 -39.51 20.90 33.61
N LYS A 23 -40.73 20.94 34.14
CA LYS A 23 -40.87 21.27 35.56
C LYS A 23 -40.03 20.29 36.37
N SER A 24 -39.33 20.82 37.39
CA SER A 24 -38.43 19.96 38.15
C SER A 24 -38.61 20.17 39.65
N GLU A 25 -38.72 19.06 40.37
CA GLU A 25 -38.71 19.04 41.82
C GLU A 25 -37.54 18.22 42.35
N VAL A 26 -36.53 17.97 41.53
CA VAL A 26 -35.34 17.21 41.91
C VAL A 26 -34.10 18.04 41.62
N LEU A 27 -33.19 18.05 42.58
CA LEU A 27 -31.86 18.62 42.40
C LEU A 27 -30.95 17.58 41.76
N PRO A 28 -29.99 18.01 40.94
CA PRO A 28 -29.05 17.04 40.36
C PRO A 28 -28.40 16.09 41.37
N ASN A 29 -28.15 16.52 42.61
CA ASN A 29 -27.56 15.60 43.58
C ASN A 29 -28.55 14.56 44.12
N GLU A 30 -29.82 14.62 43.75
CA GLU A 30 -30.82 13.66 44.20
C GLU A 30 -31.12 12.57 43.18
N VAL A 31 -30.61 12.68 41.96
CA VAL A 31 -30.99 11.73 40.92
C VAL A 31 -30.17 10.45 41.04
N SER A 32 -30.72 9.37 40.49
CA SER A 32 -30.07 8.07 40.46
C SER A 32 -29.70 7.70 39.03
N LEU A 33 -28.47 7.24 38.83
CA LEU A 33 -27.98 6.90 37.51
C LEU A 33 -27.96 5.40 37.24
N LYS A 34 -28.56 4.59 38.12
CA LYS A 34 -28.58 3.16 37.92
C LYS A 34 -29.30 2.79 36.63
N THR A 35 -28.83 1.74 35.97
CA THR A 35 -29.47 1.28 34.75
C THR A 35 -29.36 -0.25 34.64
N GLN A 36 -30.33 -0.85 33.95
CA GLN A 36 -30.24 -2.27 33.61
C GLN A 36 -29.61 -2.42 32.22
N LEU A 37 -28.35 -2.84 32.19
CA LEU A 37 -27.67 -3.16 30.94
C LEU A 37 -28.33 -4.35 30.26
N THR A 38 -28.75 -5.31 31.09
CA THR A 38 -29.53 -6.47 30.68
C THR A 38 -30.45 -6.70 31.86
N LYS A 39 -31.42 -7.60 31.72
CA LYS A 39 -32.33 -7.85 32.83
C LYS A 39 -31.48 -8.32 34.02
N LYS A 40 -30.51 -9.16 33.73
CA LYS A 40 -29.56 -9.69 34.71
C LYS A 40 -28.52 -8.73 35.28
N ILE A 41 -28.00 -7.82 34.46
CA ILE A 41 -26.94 -6.92 34.88
C ILE A 41 -27.30 -5.47 35.13
N GLN A 42 -27.00 -4.96 36.31
CA GLN A 42 -27.25 -3.57 36.64
C GLN A 42 -25.94 -2.80 36.73
N LEU A 43 -25.91 -1.60 36.16
CA LEU A 43 -24.78 -0.68 36.30
C LEU A 43 -25.15 0.47 37.23
N ASN A 44 -24.18 0.91 38.04
CA ASN A 44 -24.42 2.08 38.90
C ASN A 44 -24.39 3.38 38.09
N ILE A 45 -23.64 3.43 36.99
CA ILE A 45 -23.71 4.54 36.05
C ILE A 45 -23.82 3.99 34.63
N PRO A 46 -24.47 4.72 33.69
CA PRO A 46 -24.81 4.14 32.39
C PRO A 46 -23.73 4.32 31.32
N LEU A 47 -22.48 3.98 31.67
CA LEU A 47 -21.35 4.31 30.81
C LEU A 47 -20.53 3.06 30.55
N MET A 48 -20.13 2.88 29.31
CA MET A 48 -19.34 1.72 28.89
C MET A 48 -18.14 2.19 28.07
N SER A 49 -16.99 1.55 28.25
CA SER A 49 -15.82 1.83 27.40
C SER A 49 -15.76 0.85 26.24
N ALA A 50 -15.37 1.36 25.08
CA ALA A 50 -15.52 0.61 23.83
C ALA A 50 -14.51 -0.52 23.74
N SER A 51 -14.91 -1.59 23.04
N SER A 51 -14.88 -1.54 22.97
CA SER A 51 -14.05 -2.77 22.88
CA SER A 51 -14.08 -2.76 22.87
C SER A 51 -13.08 -2.49 21.74
C SER A 51 -12.99 -2.61 21.80
N MET A 52 -12.06 -1.68 22.05
CA MET A 52 -11.07 -1.29 21.05
C MET A 52 -9.67 -1.43 21.63
N ASP A 53 -8.71 -1.79 20.76
CA ASP A 53 -7.36 -2.05 21.25
C ASP A 53 -6.64 -0.77 21.63
N THR A 54 -7.28 0.39 21.46
CA THR A 54 -6.75 1.63 21.99
C THR A 54 -7.64 2.22 23.08
N VAL A 55 -8.59 1.43 23.60
CA VAL A 55 -9.47 1.92 24.66
C VAL A 55 -9.52 0.98 25.86
N THR A 56 -9.90 -0.30 25.68
CA THR A 56 -10.20 -1.17 26.83
C THR A 56 -9.40 -2.46 26.83
N GLU A 57 -8.41 -2.55 27.74
CA GLU A 57 -7.94 -3.83 28.24
C GLU A 57 -8.23 -3.89 29.75
N SER A 58 -7.57 -4.78 30.52
CA SER A 58 -8.06 -4.97 31.88
C SER A 58 -7.88 -3.71 32.73
N LYS A 59 -6.84 -2.93 32.48
CA LYS A 59 -6.62 -1.70 33.25
C LYS A 59 -7.83 -0.76 33.18
N MET A 60 -8.35 -0.54 31.96
CA MET A 60 -9.52 0.30 31.76
C MET A 60 -10.77 -0.37 32.31
N ALA A 61 -10.93 -1.67 32.04
CA ALA A 61 -12.12 -2.36 32.53
C ALA A 61 -12.19 -2.33 34.06
N ILE A 62 -11.05 -2.43 34.74
CA ILE A 62 -11.08 -2.35 36.20
C ILE A 62 -11.49 -0.95 36.64
N ALA A 63 -10.89 0.07 36.05
CA ALA A 63 -11.24 1.44 36.44
C ALA A 63 -12.71 1.75 36.13
N MET A 64 -13.18 1.33 34.94
CA MET A 64 -14.59 1.55 34.57
C MET A 64 -15.52 0.91 35.59
N ALA A 65 -15.20 -0.32 36.02
CA ALA A 65 -16.10 -1.02 36.93
C ALA A 65 -16.08 -0.36 38.31
N ARG A 66 -14.92 0.08 38.76
CA ARG A 66 -14.84 0.72 40.06
C ARG A 66 -15.57 2.06 40.09
N GLU A 67 -15.63 2.77 38.96
CA GLU A 67 -16.47 3.97 38.81
C GLU A 67 -17.96 3.67 38.71
N GLY A 68 -18.34 2.40 38.53
CA GLY A 68 -19.74 2.05 38.45
C GLY A 68 -20.24 1.72 37.05
N GLY A 69 -19.38 1.75 36.02
CA GLY A 69 -19.79 1.36 34.69
C GLY A 69 -19.20 0.00 34.34
N ILE A 70 -18.80 -0.19 33.08
CA ILE A 70 -18.27 -1.47 32.64
C ILE A 70 -17.38 -1.25 31.43
N GLY A 71 -16.34 -2.08 31.30
CA GLY A 71 -15.53 -2.12 30.10
C GLY A 71 -15.68 -3.43 29.36
N ILE A 72 -15.57 -3.37 28.03
CA ILE A 72 -15.64 -4.54 27.16
C ILE A 72 -14.21 -4.79 26.64
N ILE A 73 -13.58 -5.89 27.10
CA ILE A 73 -12.23 -6.21 26.63
C ILE A 73 -12.24 -6.51 25.14
N HIS A 74 -11.34 -5.86 24.40
CA HIS A 74 -11.32 -6.04 22.94
C HIS A 74 -10.77 -7.43 22.59
N LYS A 75 -11.01 -7.84 21.34
CA LYS A 75 -10.66 -9.20 20.91
C LYS A 75 -9.50 -9.24 19.92
N ASN A 76 -8.74 -8.14 19.82
CA ASN A 76 -7.55 -8.09 18.97
C ASN A 76 -6.34 -8.68 19.72
N MET A 77 -6.50 -9.93 20.15
CA MET A 77 -5.50 -10.64 20.93
C MET A 77 -5.89 -12.11 20.89
N THR A 78 -4.96 -12.98 21.30
CA THR A 78 -5.26 -14.40 21.29
C THR A 78 -6.40 -14.69 22.26
N ILE A 79 -7.04 -15.85 22.06
CA ILE A 79 -8.10 -16.27 22.96
C ILE A 79 -7.57 -16.36 24.38
N GLU A 80 -6.36 -16.93 24.53
CA GLU A 80 -5.74 -17.08 25.84
C GLU A 80 -5.52 -15.72 26.49
N ASP A 81 -5.06 -14.73 25.72
CA ASP A 81 -4.78 -13.42 26.31
C ASP A 81 -6.08 -12.75 26.75
N GLN A 82 -7.13 -12.84 25.93
CA GLN A 82 -8.38 -12.20 26.30
C GLN A 82 -8.96 -12.84 27.55
N ALA A 83 -8.87 -14.16 27.67
CA ALA A 83 -9.32 -14.82 28.90
C ALA A 83 -8.53 -14.33 30.09
N ARG A 84 -7.21 -14.17 29.94
CA ARG A 84 -6.39 -13.66 31.04
C ARG A 84 -6.77 -12.23 31.44
N GLU A 85 -7.11 -11.39 30.45
CA GLU A 85 -7.55 -10.02 30.72
C GLU A 85 -8.86 -9.99 31.51
N VAL A 86 -9.86 -10.76 31.06
CA VAL A 86 -11.14 -10.85 31.78
C VAL A 86 -10.89 -11.35 33.19
N ASP A 87 -10.11 -12.43 33.32
CA ASP A 87 -9.85 -13.01 34.63
C ASP A 87 -9.17 -12.00 35.55
N ARG A 88 -8.30 -11.15 35.00
CA ARG A 88 -7.65 -10.13 35.82
C ARG A 88 -8.67 -9.14 36.39
N VAL A 89 -9.68 -8.79 35.60
CA VAL A 89 -10.73 -7.90 36.09
C VAL A 89 -11.58 -8.61 37.12
N LYS A 90 -11.96 -9.86 36.86
CA LYS A 90 -12.82 -10.59 37.80
C LYS A 90 -12.12 -10.86 39.12
N ARG A 91 -10.79 -10.97 39.11
CA ARG A 91 -10.04 -11.21 40.33
C ARG A 91 -9.78 -9.94 41.13
N SER A 92 -10.11 -8.77 40.59
CA SER A 92 -9.82 -7.50 41.23
C SER A 92 -10.97 -7.02 42.11
N GLY A 93 -11.87 -7.91 42.52
CA GLY A 93 -12.85 -7.59 43.54
C GLY A 93 -14.29 -7.78 43.09
N GLY A 94 -14.55 -8.81 42.29
CA GLY A 94 -15.90 -9.10 41.84
C GLY A 94 -16.43 -8.19 40.75
N LEU A 95 -15.58 -7.34 40.19
CA LEU A 95 -16.01 -6.33 39.23
C LEU A 95 -16.66 -6.94 38.01
N LEU A 96 -17.67 -6.23 37.46
CA LEU A 96 -18.25 -6.62 36.17
C LEU A 96 -17.20 -6.53 35.06
N CYS A 97 -17.32 -7.43 34.10
CA CYS A 97 -16.44 -7.40 32.93
C CYS A 97 -17.18 -7.91 31.71
N GLY A 98 -17.00 -7.23 30.57
CA GLY A 98 -17.45 -7.72 29.27
C GLY A 98 -16.30 -8.15 28.37
N ALA A 99 -16.61 -8.90 27.30
CA ALA A 99 -15.62 -9.32 26.32
C ALA A 99 -16.24 -9.35 24.93
N SER A 100 -15.52 -8.83 23.95
CA SER A 100 -16.02 -8.82 22.58
C SER A 100 -15.70 -10.14 21.87
N ILE A 101 -16.65 -10.58 21.04
CA ILE A 101 -16.58 -11.82 20.29
C ILE A 101 -16.90 -11.50 18.83
N GLY A 102 -16.21 -12.15 17.90
CA GLY A 102 -16.45 -11.96 16.49
C GLY A 102 -17.18 -13.14 15.86
N VAL A 103 -17.70 -12.89 14.66
CA VAL A 103 -18.23 -13.97 13.83
C VAL A 103 -17.06 -14.63 13.11
N THR A 104 -16.47 -15.64 13.75
CA THR A 104 -15.25 -16.29 13.29
C THR A 104 -15.41 -17.80 13.42
N ASN A 105 -14.52 -18.54 12.76
CA ASN A 105 -14.56 -19.99 12.87
C ASN A 105 -14.26 -20.48 14.28
N ASP A 106 -13.50 -19.70 15.06
CA ASP A 106 -13.19 -20.08 16.44
C ASP A 106 -14.07 -19.35 17.44
N MET A 107 -15.25 -18.91 17.01
CA MET A 107 -16.12 -18.08 17.85
C MET A 107 -16.41 -18.74 19.18
N MET A 108 -16.86 -20.00 19.16
CA MET A 108 -17.24 -20.65 20.40
C MET A 108 -16.04 -20.95 21.29
N GLU A 109 -14.86 -21.22 20.71
CA GLU A 109 -13.68 -21.41 21.53
C GLU A 109 -13.35 -20.16 22.33
N ARG A 110 -13.54 -18.99 21.70
CA ARG A 110 -13.33 -17.73 22.41
C ARG A 110 -14.39 -17.54 23.48
N VAL A 111 -15.66 -17.81 23.14
CA VAL A 111 -16.72 -17.73 24.15
C VAL A 111 -16.43 -18.66 25.33
N ASP A 112 -16.02 -19.90 25.06
CA ASP A 112 -15.74 -20.85 26.14
C ASP A 112 -14.65 -20.33 27.06
N ALA A 113 -13.63 -19.69 26.50
CA ALA A 113 -12.51 -19.24 27.30
C ALA A 113 -12.91 -18.08 28.22
N VAL A 114 -13.64 -17.11 27.68
CA VAL A 114 -14.04 -15.96 28.50
C VAL A 114 -15.12 -16.37 29.49
N VAL A 115 -15.91 -17.39 29.16
CA VAL A 115 -16.89 -17.91 30.11
C VAL A 115 -16.17 -18.57 31.29
N LYS A 116 -15.16 -19.38 31.01
CA LYS A 116 -14.37 -19.96 32.10
C LYS A 116 -13.69 -18.89 32.96
N ALA A 117 -13.31 -17.77 32.36
CA ALA A 117 -12.76 -16.65 33.13
C ALA A 117 -13.84 -15.84 33.85
N LYS A 118 -15.11 -16.25 33.77
CA LYS A 118 -16.24 -15.64 34.49
C LYS A 118 -16.61 -14.25 33.95
N VAL A 119 -16.56 -14.09 32.63
CA VAL A 119 -17.05 -12.87 32.03
C VAL A 119 -18.54 -12.73 32.36
N ASP A 120 -18.97 -11.49 32.59
CA ASP A 120 -20.37 -11.23 32.91
C ASP A 120 -21.25 -11.08 31.67
N VAL A 121 -20.71 -10.54 30.59
CA VAL A 121 -21.50 -10.33 29.38
C VAL A 121 -20.53 -10.41 28.21
N ILE A 122 -20.98 -11.00 27.11
CA ILE A 122 -20.19 -10.94 25.90
C ILE A 122 -20.93 -10.06 24.90
N VAL A 123 -20.15 -9.41 24.04
CA VAL A 123 -20.65 -8.56 22.99
C VAL A 123 -20.27 -9.24 21.68
N LEU A 124 -21.25 -9.84 21.01
CA LEU A 124 -21.04 -10.34 19.66
C LEU A 124 -21.05 -9.12 18.76
N ASP A 125 -19.87 -8.76 18.27
CA ASP A 125 -19.53 -7.38 17.91
C ASP A 125 -19.03 -7.38 16.47
N THR A 126 -19.81 -6.79 15.55
CA THR A 126 -19.50 -6.82 14.14
C THR A 126 -19.91 -5.51 13.48
N ALA A 127 -19.34 -5.26 12.29
CA ALA A 127 -19.72 -4.09 11.51
C ALA A 127 -21.20 -4.08 11.16
N HIS A 128 -21.81 -5.26 10.98
CA HIS A 128 -23.18 -5.33 10.50
C HIS A 128 -23.89 -6.42 11.32
N GLY A 129 -24.49 -6.02 12.44
CA GLY A 129 -25.15 -6.96 13.33
C GLY A 129 -26.43 -7.54 12.77
N HIS A 130 -27.07 -6.86 11.81
CA HIS A 130 -28.34 -7.35 11.24
C HIS A 130 -28.05 -8.31 10.09
N SER A 131 -27.44 -9.42 10.45
CA SER A 131 -26.90 -10.35 9.48
C SER A 131 -27.10 -11.79 9.95
N LYS A 132 -27.06 -12.69 8.97
CA LYS A 132 -27.28 -14.11 9.25
C LYS A 132 -26.22 -14.65 10.20
N GLY A 133 -24.97 -14.19 10.07
CA GLY A 133 -23.92 -14.72 10.91
C GLY A 133 -24.07 -14.32 12.37
N VAL A 134 -24.50 -13.07 12.61
CA VAL A 134 -24.72 -12.63 13.99
C VAL A 134 -25.97 -13.29 14.56
N ILE A 135 -27.04 -13.38 13.78
CA ILE A 135 -28.26 -14.03 14.26
C ILE A 135 -27.98 -15.48 14.64
N GLU A 136 -27.25 -16.20 13.78
CA GLU A 136 -26.94 -17.59 14.09
C GLU A 136 -25.91 -17.70 15.21
N GLY A 137 -24.96 -16.76 15.26
CA GLY A 137 -24.02 -16.73 16.37
C GLY A 137 -24.73 -16.60 17.70
N VAL A 138 -25.70 -15.69 17.79
CA VAL A 138 -26.45 -15.52 19.04
C VAL A 138 -27.18 -16.81 19.40
N LYS A 139 -27.86 -17.42 18.43
CA LYS A 139 -28.60 -18.66 18.71
C LYS A 139 -27.66 -19.74 19.22
N ARG A 140 -26.50 -19.89 18.59
CA ARG A 140 -25.56 -20.93 19.01
C ARG A 140 -25.09 -20.70 20.44
N ILE A 141 -24.69 -19.48 20.75
CA ILE A 141 -24.16 -19.16 22.08
C ILE A 141 -25.22 -19.39 23.15
N LYS A 142 -26.44 -18.95 22.89
CA LYS A 142 -27.52 -19.08 23.86
C LYS A 142 -27.99 -20.53 24.00
N ALA A 143 -27.85 -21.33 22.94
CA ALA A 143 -28.14 -22.76 23.05
C ALA A 143 -27.15 -23.46 23.97
N LYS A 144 -25.87 -23.08 23.90
CA LYS A 144 -24.87 -23.69 24.79
C LYS A 144 -24.90 -23.06 26.19
N TYR A 145 -25.09 -21.75 26.28
CA TYR A 145 -24.99 -21.01 27.53
C TYR A 145 -26.24 -20.18 27.71
N PRO A 146 -27.35 -20.79 28.12
CA PRO A 146 -28.63 -20.05 28.10
C PRO A 146 -28.65 -18.86 29.05
N GLU A 147 -27.86 -18.87 30.12
CA GLU A 147 -27.86 -17.77 31.07
C GLU A 147 -26.74 -16.78 30.84
N LEU A 148 -25.85 -17.05 29.90
CA LEU A 148 -24.82 -16.07 29.55
C LEU A 148 -25.45 -14.84 28.92
N GLN A 149 -25.16 -13.67 29.47
CA GLN A 149 -25.70 -12.44 28.93
C GLN A 149 -25.00 -12.09 27.62
N VAL A 150 -25.78 -11.71 26.61
CA VAL A 150 -25.28 -11.47 25.26
C VAL A 150 -25.79 -10.13 24.76
N ILE A 151 -24.85 -9.23 24.40
CA ILE A 151 -25.11 -8.02 23.62
C ILE A 151 -24.75 -8.33 22.18
N ALA A 152 -25.61 -7.93 21.24
CA ALA A 152 -25.38 -8.15 19.81
C ALA A 152 -25.43 -6.81 19.09
N GLY A 153 -24.47 -6.58 18.19
CA GLY A 153 -24.42 -5.33 17.47
C GLY A 153 -23.43 -5.44 16.32
N ASN A 154 -23.27 -4.34 15.59
CA ASN A 154 -24.02 -3.09 15.78
C ASN A 154 -25.12 -2.96 14.75
N ILE A 155 -26.20 -2.26 15.08
CA ILE A 155 -27.37 -2.16 14.22
C ILE A 155 -27.84 -0.71 14.20
N ALA A 156 -28.86 -0.43 13.35
CA ALA A 156 -29.41 0.91 13.31
C ALA A 156 -30.90 0.96 12.99
N THR A 157 -31.62 -0.17 12.96
CA THR A 157 -33.04 -0.16 12.61
C THR A 157 -33.86 -0.94 13.63
N PRO A 158 -35.15 -0.58 13.79
CA PRO A 158 -36.05 -1.40 14.62
C PRO A 158 -36.16 -2.84 14.16
N GLU A 159 -36.16 -3.10 12.85
N GLU A 159 -36.16 -3.10 12.85
CA GLU A 159 -36.21 -4.47 12.35
CA GLU A 159 -36.21 -4.48 12.38
C GLU A 159 -35.03 -5.27 12.90
C GLU A 159 -35.03 -5.28 12.90
N ALA A 160 -33.86 -4.65 12.96
CA ALA A 160 -32.69 -5.32 13.50
C ALA A 160 -32.87 -5.60 14.99
N VAL A 161 -33.51 -4.67 15.72
CA VAL A 161 -33.76 -4.92 17.15
C VAL A 161 -34.61 -6.16 17.31
N ARG A 162 -35.67 -6.27 16.51
CA ARG A 162 -36.60 -7.39 16.64
C ARG A 162 -35.94 -8.70 16.24
N ASP A 163 -35.15 -8.71 15.17
CA ASP A 163 -34.51 -9.96 14.74
C ASP A 163 -33.47 -10.43 15.75
N LEU A 164 -32.68 -9.51 16.31
CA LEU A 164 -31.67 -9.93 17.28
C LEU A 164 -32.30 -10.36 18.59
N ALA A 165 -33.43 -9.74 18.96
CA ALA A 165 -34.14 -10.14 20.18
C ALA A 165 -34.73 -11.54 20.00
N GLU A 166 -35.41 -11.78 18.88
CA GLU A 166 -35.92 -13.12 18.61
C GLU A 166 -34.80 -14.16 18.59
N ALA A 167 -33.60 -13.76 18.17
CA ALA A 167 -32.47 -14.69 18.18
C ALA A 167 -31.97 -15.02 19.59
N GLY A 168 -32.33 -14.21 20.59
CA GLY A 168 -31.95 -14.48 21.96
C GLY A 168 -31.03 -13.45 22.61
N ALA A 169 -30.82 -12.31 21.95
CA ALA A 169 -29.94 -11.30 22.52
C ALA A 169 -30.61 -10.65 23.73
N ASP A 170 -29.83 -10.41 24.78
CA ASP A 170 -30.32 -9.77 25.98
C ASP A 170 -30.22 -8.25 25.93
N CYS A 171 -29.58 -7.72 24.89
CA CYS A 171 -29.37 -6.29 24.73
C CYS A 171 -28.79 -6.09 23.32
N VAL A 172 -29.09 -4.96 22.69
CA VAL A 172 -28.57 -4.71 21.33
C VAL A 172 -27.84 -3.39 21.33
N LYS A 173 -26.83 -3.29 20.46
CA LYS A 173 -25.94 -2.14 20.44
C LYS A 173 -26.13 -1.38 19.14
N VAL A 174 -26.41 -0.08 19.24
CA VAL A 174 -26.86 0.76 18.11
C VAL A 174 -25.70 1.65 17.68
N GLY A 175 -25.39 1.63 16.39
CA GLY A 175 -24.40 2.56 15.90
C GLY A 175 -23.75 2.07 14.62
N ILE A 176 -24.17 2.60 13.47
CA ILE A 176 -23.52 2.30 12.19
C ILE A 176 -22.99 3.63 11.67
N GLY A 177 -21.67 3.83 11.76
CA GLY A 177 -21.05 5.02 11.23
C GLY A 177 -20.88 6.29 12.08
N PRO A 178 -21.30 6.34 13.34
CA PRO A 178 -21.11 7.60 14.09
C PRO A 178 -19.76 7.75 14.76
N GLY A 179 -18.93 6.72 14.81
CA GLY A 179 -17.71 6.80 15.60
C GLY A 179 -16.78 7.88 15.10
N SER A 180 -16.06 8.48 16.04
CA SER A 180 -15.10 9.52 15.71
C SER A 180 -14.02 9.02 14.74
N ILE A 181 -13.64 7.75 14.83
CA ILE A 181 -12.60 7.20 13.96
C ILE A 181 -13.18 6.40 12.78
N CYS A 182 -14.46 6.52 12.50
CA CYS A 182 -15.17 5.62 11.60
C CYS A 182 -15.31 6.25 10.22
N THR A 183 -15.11 5.45 9.16
CA THR A 183 -15.35 5.88 7.77
C THR A 183 -16.39 5.02 7.04
N THR A 184 -17.08 4.13 7.75
CA THR A 184 -18.13 3.30 7.13
C THR A 184 -19.07 4.11 6.24
N ARG A 185 -19.60 5.23 6.75
CA ARG A 185 -20.56 5.97 5.92
C ARG A 185 -19.92 6.53 4.68
N ILE A 186 -18.63 6.86 4.76
CA ILE A 186 -17.91 7.47 3.66
C ILE A 186 -17.54 6.42 2.61
N VAL A 187 -17.08 5.25 3.05
CA VAL A 187 -16.53 4.29 2.09
C VAL A 187 -17.59 3.30 1.60
N ALA A 188 -18.63 3.04 2.39
CA ALA A 188 -19.71 2.17 1.95
C ALA A 188 -21.02 2.91 1.67
N GLY A 189 -21.16 4.16 2.14
CA GLY A 189 -22.35 4.94 1.92
C GLY A 189 -23.48 4.67 2.89
N VAL A 190 -23.23 3.91 3.95
CA VAL A 190 -24.28 3.30 4.77
C VAL A 190 -24.22 3.85 6.19
N GLY A 191 -25.37 4.15 6.76
CA GLY A 191 -25.44 4.44 8.20
C GLY A 191 -26.72 5.19 8.48
N VAL A 192 -26.99 5.38 9.77
CA VAL A 192 -28.12 6.19 10.22
C VAL A 192 -27.63 7.19 11.26
N PRO A 193 -27.83 8.50 11.05
CA PRO A 193 -27.53 9.50 12.09
C PRO A 193 -27.97 9.02 13.48
N GLN A 194 -27.08 9.17 14.46
CA GLN A 194 -27.11 8.30 15.63
C GLN A 194 -28.26 8.63 16.61
N LEU A 195 -28.69 9.89 16.70
CA LEU A 195 -29.79 10.18 17.62
C LEU A 195 -31.09 9.53 17.13
N THR A 196 -31.35 9.63 15.83
CA THR A 196 -32.51 8.96 15.25
C THR A 196 -32.38 7.44 15.36
N ALA A 197 -31.20 6.91 15.10
CA ALA A 197 -31.01 5.47 15.20
C ALA A 197 -31.35 4.99 16.61
N VAL A 198 -30.83 5.69 17.62
CA VAL A 198 -31.07 5.30 19.01
C VAL A 198 -32.55 5.42 19.36
N MET A 199 -33.18 6.54 18.98
CA MET A 199 -34.61 6.74 19.24
C MET A 199 -35.44 5.60 18.70
N ASP A 200 -35.28 5.33 17.39
CA ASP A 200 -36.13 4.35 16.73
C ASP A 200 -35.87 2.94 17.24
N CYS A 201 -34.59 2.59 17.46
CA CYS A 201 -34.27 1.29 18.04
C CYS A 201 -34.75 1.17 19.49
N ALA A 202 -34.54 2.21 20.31
CA ALA A 202 -34.98 2.12 21.71
C ALA A 202 -36.51 1.98 21.80
N GLU A 203 -37.24 2.69 20.94
CA GLU A 203 -38.69 2.58 20.93
C GLU A 203 -39.13 1.14 20.67
N GLU A 204 -38.49 0.47 19.70
CA GLU A 204 -38.81 -0.93 19.47
C GLU A 204 -38.36 -1.81 20.65
N GLY A 205 -37.16 -1.57 21.15
CA GLY A 205 -36.69 -2.31 22.33
C GLY A 205 -37.64 -2.20 23.51
N LYS A 206 -38.17 -0.99 23.76
CA LYS A 206 -39.10 -0.84 24.87
C LYS A 206 -40.33 -1.72 24.68
N LYS A 207 -40.84 -1.80 23.45
CA LYS A 207 -42.03 -2.62 23.22
C LYS A 207 -41.72 -4.10 23.36
N LEU A 208 -40.50 -4.50 23.01
CA LEU A 208 -40.10 -5.90 23.11
C LEU A 208 -39.54 -6.26 24.47
N GLY A 209 -39.22 -5.28 25.31
CA GLY A 209 -38.56 -5.57 26.57
C GLY A 209 -37.08 -5.85 26.45
N ILE A 210 -36.41 -5.25 25.48
CA ILE A 210 -34.97 -5.43 25.33
C ILE A 210 -34.28 -4.07 25.31
N PRO A 211 -33.24 -3.87 26.11
CA PRO A 211 -32.53 -2.59 26.12
C PRO A 211 -31.62 -2.41 24.92
N VAL A 212 -31.27 -1.15 24.67
CA VAL A 212 -30.35 -0.82 23.58
C VAL A 212 -29.27 0.12 24.12
N ILE A 213 -28.07 -0.04 23.56
CA ILE A 213 -26.90 0.77 23.89
C ILE A 213 -26.65 1.77 22.77
N ALA A 214 -26.33 3.00 23.14
CA ALA A 214 -25.99 4.05 22.20
C ALA A 214 -24.47 4.06 22.07
N ASP A 215 -23.96 3.51 20.97
CA ASP A 215 -22.54 3.27 20.79
C ASP A 215 -21.98 4.20 19.71
N GLY A 216 -21.21 5.20 20.13
CA GLY A 216 -20.41 5.95 19.18
C GLY A 216 -20.96 7.35 18.95
N GLY A 217 -20.07 8.27 18.58
CA GLY A 217 -20.45 9.61 18.17
C GLY A 217 -20.63 10.58 19.32
N LEU A 218 -20.33 10.17 20.56
CA LEU A 218 -20.52 11.04 21.71
C LEU A 218 -19.26 11.87 21.97
N LYS A 219 -19.45 13.16 22.19
CA LYS A 219 -18.30 14.03 22.39
C LYS A 219 -18.34 14.78 23.71
N TYR A 220 -19.52 15.25 24.12
CA TYR A 220 -19.72 16.02 25.34
C TYR A 220 -20.70 15.30 26.26
N SER A 221 -20.67 15.63 27.55
CA SER A 221 -21.60 14.99 28.48
C SER A 221 -23.05 15.21 28.06
N GLY A 222 -23.35 16.34 27.43
CA GLY A 222 -24.73 16.59 27.01
C GLY A 222 -25.19 15.65 25.92
N ASP A 223 -24.26 15.14 25.11
CA ASP A 223 -24.59 14.14 24.11
C ASP A 223 -25.10 12.87 24.77
N ILE A 224 -24.47 12.47 25.89
CA ILE A 224 -24.92 11.29 26.61
C ILE A 224 -26.33 11.49 27.17
N VAL A 225 -26.62 12.68 27.70
CA VAL A 225 -27.98 12.96 28.17
C VAL A 225 -28.97 12.72 27.05
N LYS A 226 -28.67 13.25 25.85
CA LYS A 226 -29.59 13.08 24.75
C LYS A 226 -29.79 11.60 24.42
N ALA A 227 -28.70 10.81 24.44
CA ALA A 227 -28.82 9.39 24.08
C ALA A 227 -29.67 8.64 25.11
N LEU A 228 -29.48 8.94 26.40
CA LEU A 228 -30.28 8.30 27.44
C LEU A 228 -31.73 8.77 27.39
N ALA A 229 -31.95 10.07 27.12
CA ALA A 229 -33.32 10.55 27.02
C ALA A 229 -34.05 9.92 25.84
N ALA A 230 -33.33 9.60 24.77
CA ALA A 230 -33.89 8.93 23.60
C ALA A 230 -34.23 7.48 23.88
N GLY A 231 -33.80 6.93 25.00
CA GLY A 231 -34.18 5.60 25.39
C GLY A 231 -33.04 4.60 25.53
N ALA A 232 -31.79 4.95 25.23
CA ALA A 232 -30.68 4.02 25.47
C ALA A 232 -30.51 3.71 26.95
N CYS A 233 -30.24 2.43 27.26
CA CYS A 233 -29.96 2.04 28.64
C CYS A 233 -28.56 2.45 29.07
N ALA A 234 -27.63 2.62 28.12
CA ALA A 234 -26.24 2.95 28.43
C ALA A 234 -25.60 3.57 27.20
N ALA A 235 -24.50 4.28 27.42
CA ALA A 235 -23.75 4.95 26.36
C ALA A 235 -22.35 4.36 26.29
N MET A 236 -21.89 4.05 25.08
CA MET A 236 -20.57 3.47 24.89
C MET A 236 -19.69 4.47 24.17
N MET A 237 -18.46 4.61 24.66
N MET A 237 -18.48 4.68 24.68
CA MET A 237 -17.56 5.65 24.21
CA MET A 237 -17.59 5.68 24.12
C MET A 237 -16.18 5.08 23.94
C MET A 237 -16.20 5.10 23.93
N GLY A 238 -15.57 5.51 22.83
CA GLY A 238 -14.17 5.23 22.60
C GLY A 238 -13.35 6.50 22.78
N SER A 239 -13.64 7.51 21.95
CA SER A 239 -12.82 8.73 21.95
C SER A 239 -12.75 9.39 23.32
N ILE A 240 -13.87 9.43 24.05
CA ILE A 240 -13.86 10.13 25.33
C ILE A 240 -12.95 9.46 26.36
N PHE A 241 -12.67 8.16 26.23
CA PHE A 241 -11.82 7.44 27.19
C PHE A 241 -10.42 7.12 26.68
N ALA A 242 -10.19 7.22 25.37
CA ALA A 242 -8.95 6.74 24.78
C ALA A 242 -7.75 7.56 25.22
N GLY A 243 -7.96 8.81 25.62
CA GLY A 243 -6.89 9.65 26.12
C GLY A 243 -6.62 9.53 27.61
N CYS A 244 -7.32 8.63 28.29
CA CYS A 244 -7.13 8.47 29.73
C CYS A 244 -5.93 7.58 30.03
N GLU A 245 -5.36 7.81 31.23
CA GLU A 245 -4.20 7.05 31.69
C GLU A 245 -4.43 5.55 31.63
N GLU A 246 -5.66 5.11 31.84
CA GLU A 246 -5.97 3.68 31.94
C GLU A 246 -6.17 3.01 30.59
N ALA A 247 -6.28 3.78 29.50
CA ALA A 247 -6.39 3.19 28.18
C ALA A 247 -5.03 2.61 27.76
N PRO A 248 -5.03 1.64 26.85
CA PRO A 248 -3.75 1.14 26.31
C PRO A 248 -2.96 2.27 25.64
N GLY A 249 -1.66 2.07 25.55
CA GLY A 249 -0.81 2.97 24.79
C GLY A 249 -0.01 3.91 25.66
N ALA A 250 1.19 4.26 25.20
CA ALA A 250 2.06 5.16 25.93
C ALA A 250 1.58 6.61 25.80
N ILE A 251 1.90 7.42 26.80
CA ILE A 251 1.70 8.86 26.68
C ILE A 251 2.82 9.42 25.82
N GLU A 252 2.47 10.06 24.70
CA GLU A 252 3.44 10.62 23.76
C GLU A 252 3.46 12.14 23.88
N ILE A 253 4.64 12.73 23.81
CA ILE A 253 4.80 14.17 23.96
C ILE A 253 5.24 14.75 22.62
N TYR A 254 4.59 15.83 22.20
CA TYR A 254 4.97 16.52 20.97
C TYR A 254 4.69 18.01 21.14
N GLN A 255 5.72 18.84 20.94
CA GLN A 255 5.61 20.29 21.03
C GLN A 255 4.79 20.74 22.24
N GLY A 256 5.19 20.26 23.41
CA GLY A 256 4.61 20.67 24.66
C GLY A 256 3.26 20.06 24.98
N ARG A 257 2.77 19.14 24.16
CA ARG A 257 1.46 18.56 24.36
C ARG A 257 1.56 17.05 24.48
N SER A 258 0.67 16.46 25.28
CA SER A 258 0.67 15.03 25.53
C SER A 258 -0.48 14.39 24.77
N TYR A 259 -0.21 13.22 24.19
CA TYR A 259 -1.17 12.55 23.31
C TYR A 259 -1.19 11.05 23.58
N LYS A 260 -2.31 10.42 23.22
CA LYS A 260 -2.37 8.97 23.12
C LYS A 260 -2.91 8.58 21.75
N VAL A 261 -2.52 7.38 21.30
CA VAL A 261 -2.99 6.85 20.03
C VAL A 261 -4.43 6.39 20.16
N TYR A 262 -5.24 6.67 19.15
CA TYR A 262 -6.60 6.14 19.08
C TYR A 262 -6.90 5.77 17.63
N ARG A 263 -7.53 4.62 17.41
CA ARG A 263 -7.71 4.18 16.02
C ARG A 263 -8.94 3.30 15.92
N GLY A 264 -9.58 3.31 14.76
CA GLY A 264 -10.68 2.40 14.54
C GLY A 264 -10.19 0.95 14.50
N MET A 265 -11.07 0.05 14.93
CA MET A 265 -10.75 -1.36 14.83
C MET A 265 -10.81 -1.84 13.38
N GLY A 266 -11.37 -1.05 12.48
CA GLY A 266 -11.32 -1.35 11.06
C GLY A 266 -10.31 -0.51 10.30
N SER A 267 -9.39 0.12 11.02
CA SER A 267 -8.29 0.80 10.35
C SER A 267 -7.23 -0.21 9.93
N LEU A 268 -6.39 0.19 8.96
CA LEU A 268 -5.29 -0.67 8.53
C LEU A 268 -4.47 -1.17 9.72
N GLY A 269 -4.05 -0.26 10.58
CA GLY A 269 -3.17 -0.66 11.67
C GLY A 269 -3.79 -1.66 12.62
N ALA A 270 -5.07 -1.46 12.96
CA ALA A 270 -5.75 -2.43 13.82
C ALA A 270 -5.92 -3.77 13.11
N MET A 271 -6.29 -3.75 11.83
CA MET A 271 -6.50 -4.99 11.08
C MET A 271 -5.21 -5.75 10.84
N ALA A 272 -4.07 -5.08 10.79
CA ALA A 272 -2.82 -5.78 10.49
C ALA A 272 -2.32 -6.61 11.68
N PHE A 287 -6.61 -4.98 1.97
CA PHE A 287 -7.46 -4.35 2.98
C PHE A 287 -8.27 -3.18 2.40
N VAL A 288 -9.56 -3.17 2.68
CA VAL A 288 -10.41 -2.00 2.44
C VAL A 288 -10.91 -1.51 3.79
N PRO A 289 -10.23 -0.55 4.41
CA PRO A 289 -10.54 -0.20 5.80
C PRO A 289 -11.80 0.65 5.91
N GLU A 290 -12.39 0.60 7.12
CA GLU A 290 -13.54 1.44 7.48
C GLU A 290 -13.25 2.29 8.71
N GLY A 291 -11.98 2.60 8.93
CA GLY A 291 -11.61 3.47 10.03
C GLY A 291 -10.25 4.10 9.78
N VAL A 292 -9.91 5.06 10.65
CA VAL A 292 -8.69 5.84 10.53
C VAL A 292 -7.89 5.69 11.83
N GLU A 293 -6.66 6.18 11.78
N GLU A 293 -6.64 6.13 11.81
CA GLU A 293 -5.68 6.05 12.86
CA GLU A 293 -5.72 5.96 12.94
C GLU A 293 -5.16 7.43 13.20
C GLU A 293 -5.06 7.31 13.23
N GLY A 294 -5.08 7.72 14.49
CA GLY A 294 -4.53 9.01 14.87
C GLY A 294 -4.23 9.20 16.33
N ARG A 295 -4.28 10.45 16.78
CA ARG A 295 -3.89 10.80 18.13
C ARG A 295 -4.95 11.71 18.72
N ILE A 296 -5.18 11.58 20.03
CA ILE A 296 -6.03 12.49 20.78
C ILE A 296 -5.28 12.98 22.01
N ALA A 297 -5.82 14.04 22.62
CA ALA A 297 -5.17 14.65 23.78
C ALA A 297 -5.16 13.70 24.97
N TYR A 298 -4.02 13.64 25.66
CA TYR A 298 -3.98 12.96 26.95
C TYR A 298 -4.84 13.71 27.96
N LYS A 299 -5.69 12.98 28.68
CA LYS A 299 -6.63 13.60 29.62
C LYS A 299 -6.44 13.16 31.08
N GLY A 300 -5.43 12.35 31.39
CA GLY A 300 -5.22 11.99 32.78
C GLY A 300 -6.08 10.82 33.22
N HIS A 301 -6.33 10.72 34.52
CA HIS A 301 -7.02 9.55 35.04
C HIS A 301 -8.50 9.53 34.67
N LEU A 302 -9.00 8.31 34.41
CA LEU A 302 -10.41 8.10 34.09
C LEU A 302 -11.35 8.76 35.10
N ALA A 303 -11.02 8.68 36.39
CA ALA A 303 -11.94 9.20 37.42
C ALA A 303 -12.34 10.63 37.14
N ASP A 304 -11.40 11.44 36.66
CA ASP A 304 -11.72 12.86 36.47
C ASP A 304 -12.62 13.06 35.27
N THR A 305 -12.45 12.26 34.20
CA THR A 305 -13.36 12.33 33.07
C THR A 305 -14.74 11.84 33.47
N ILE A 306 -14.82 10.72 34.21
CA ILE A 306 -16.13 10.23 34.63
C ILE A 306 -16.84 11.26 35.50
N TYR A 307 -16.09 11.92 36.41
CA TYR A 307 -16.69 12.93 37.26
C TYR A 307 -17.43 14.00 36.44
N GLN A 308 -16.78 14.52 35.40
CA GLN A 308 -17.41 15.53 34.55
C GLN A 308 -18.61 14.98 33.81
N LEU A 309 -18.50 13.76 33.27
CA LEU A 309 -19.62 13.17 32.53
C LEU A 309 -20.83 13.01 33.42
N ILE A 310 -20.62 12.46 34.61
CA ILE A 310 -21.70 12.23 35.57
C ILE A 310 -22.34 13.55 35.98
N GLY A 311 -21.50 14.54 36.30
CA GLY A 311 -22.06 15.82 36.69
C GLY A 311 -22.93 16.42 35.60
N GLY A 312 -22.51 16.25 34.34
CA GLY A 312 -23.33 16.75 33.24
C GLY A 312 -24.64 15.98 33.11
N ILE A 313 -24.59 14.65 33.25
CA ILE A 313 -25.81 13.87 33.19
C ILE A 313 -26.76 14.25 34.32
N LYS A 314 -26.25 14.40 35.53
CA LYS A 314 -27.10 14.78 36.66
C LYS A 314 -27.70 16.16 36.45
N SER A 315 -26.93 17.07 35.84
CA SER A 315 -27.46 18.38 35.50
C SER A 315 -28.65 18.26 34.55
N GLY A 316 -28.47 17.59 33.41
CA GLY A 316 -29.57 17.42 32.47
C GLY A 316 -30.79 16.80 33.10
N MET A 317 -30.59 15.80 33.98
CA MET A 317 -31.75 15.21 34.64
C MET A 317 -32.44 16.22 35.56
N GLY A 318 -31.66 17.08 36.23
CA GLY A 318 -32.28 18.15 37.01
C GLY A 318 -33.14 19.05 36.15
N TYR A 319 -32.63 19.44 34.97
CA TYR A 319 -33.38 20.29 34.05
C TYR A 319 -34.66 19.64 33.59
N LEU A 320 -34.69 18.32 33.49
CA LEU A 320 -35.87 17.60 33.02
C LEU A 320 -36.69 16.99 34.15
N GLY A 321 -36.33 17.28 35.41
CA GLY A 321 -37.11 16.83 36.56
C GLY A 321 -37.10 15.33 36.75
N ALA A 322 -36.04 14.66 36.30
CA ALA A 322 -35.99 13.20 36.27
C ALA A 322 -35.19 12.68 37.45
N PRO A 323 -35.80 11.95 38.38
CA PRO A 323 -35.02 11.32 39.46
C PRO A 323 -34.37 10.01 39.05
N THR A 324 -34.77 9.43 37.91
CA THR A 324 -34.19 8.20 37.40
C THR A 324 -34.05 8.32 35.89
N LEU A 325 -33.27 7.39 35.32
CA LEU A 325 -33.09 7.37 33.87
C LEU A 325 -34.39 6.96 33.15
N GLU A 326 -35.21 6.10 33.76
CA GLU A 326 -36.47 5.74 33.12
C GLU A 326 -37.40 6.95 33.05
N ASN A 327 -37.47 7.74 34.13
CA ASN A 327 -38.24 8.98 34.10
C ASN A 327 -37.67 9.98 33.10
N LEU A 328 -36.35 10.02 32.93
CA LEU A 328 -35.75 10.90 31.92
C LEU A 328 -36.33 10.59 30.55
N TYR A 329 -36.30 9.31 30.16
CA TYR A 329 -36.83 8.88 28.87
C TYR A 329 -38.33 9.16 28.75
N GLU A 330 -39.08 8.91 29.82
CA GLU A 330 -40.54 8.98 29.74
C GLU A 330 -41.03 10.39 29.48
N ASN A 331 -40.30 11.39 29.92
CA ASN A 331 -40.81 12.76 29.88
C ASN A 331 -39.94 13.69 29.03
N ALA A 332 -39.03 13.14 28.23
CA ALA A 332 -38.12 13.99 27.46
C ALA A 332 -38.77 14.43 26.16
N ASN A 333 -38.65 15.71 25.85
CA ASN A 333 -39.08 16.22 24.56
C ASN A 333 -37.87 16.90 23.95
N PHE A 334 -37.72 16.77 22.63
CA PHE A 334 -36.63 17.36 21.88
C PHE A 334 -37.14 18.46 20.97
N VAL A 335 -36.29 19.43 20.65
CA VAL A 335 -36.50 20.28 19.48
C VAL A 335 -35.28 20.14 18.58
N VAL A 336 -35.50 20.40 17.31
CA VAL A 336 -34.40 20.43 16.35
C VAL A 336 -33.84 21.85 16.29
N GLN A 337 -32.52 21.95 16.23
CA GLN A 337 -31.86 23.23 15.99
C GLN A 337 -31.16 23.20 14.63
N THR A 338 -31.05 24.39 14.02
CA THR A 338 -30.32 24.54 12.77
C THR A 338 -28.83 24.74 13.07
N SER A 339 -28.02 24.87 12.02
CA SER A 339 -26.60 25.16 12.22
C SER A 339 -26.41 26.49 12.94
N ALA A 340 -27.32 27.45 12.74
CA ALA A 340 -27.27 28.70 13.49
C ALA A 340 -27.65 28.48 14.96
N GLY A 341 -28.64 27.63 15.23
CA GLY A 341 -28.91 27.26 16.61
C GLY A 341 -27.71 26.60 17.28
N PHE A 342 -27.03 25.72 16.54
CA PHE A 342 -25.82 25.08 17.05
C PHE A 342 -24.77 26.10 17.43
N ARG A 343 -24.58 27.13 16.61
CA ARG A 343 -23.64 28.19 16.93
C ARG A 343 -24.05 28.95 18.20
N GLU A 344 -25.35 29.13 18.43
CA GLU A 344 -25.82 29.77 19.67
C GLU A 344 -25.58 28.86 20.87
N SER A 345 -25.80 27.55 20.69
CA SER A 345 -25.70 26.58 21.79
C SER A 345 -24.28 26.49 22.34
N HIS A 346 -23.30 26.52 21.47
CA HIS A 346 -21.92 26.58 21.89
C HIS A 346 -21.59 28.00 22.35
N PRO A 347 -20.59 28.17 23.22
CA PRO A 347 -20.09 29.52 23.49
C PRO A 347 -19.75 30.19 22.16
N HIS A 348 -20.01 31.49 22.09
CA HIS A 348 -19.78 32.25 20.87
C HIS A 348 -19.38 33.66 21.25
N ASP A 349 -18.61 34.31 20.34
CA ASP A 349 -18.26 35.73 20.45
C ASP A 349 -17.45 36.03 21.72
N ILE A 350 -16.59 35.09 22.10
CA ILE A 350 -15.73 35.27 23.27
C ILE A 350 -14.40 34.59 22.99
N ASN A 351 -13.31 35.22 23.44
CA ASN A 351 -11.98 34.61 23.43
C ASN A 351 -11.83 33.84 24.74
N ILE A 352 -12.01 32.53 24.70
CA ILE A 352 -11.92 31.73 25.91
C ILE A 352 -10.45 31.65 26.34
N THR A 353 -10.16 32.11 27.56
CA THR A 353 -8.79 32.19 28.04
C THR A 353 -8.43 31.16 29.11
N LYS A 354 -9.41 30.52 29.73
CA LYS A 354 -9.14 29.55 30.78
C LYS A 354 -9.75 28.21 30.41
N GLU A 355 -9.08 27.14 30.81
CA GLU A 355 -9.56 25.80 30.56
C GLU A 355 -10.84 25.54 31.35
N ALA A 356 -11.76 24.81 30.75
CA ALA A 356 -12.93 24.31 31.45
C ALA A 356 -12.88 22.79 31.45
N PRO A 357 -13.18 22.14 32.57
CA PRO A 357 -12.98 20.69 32.66
C PRO A 357 -13.94 19.89 31.79
N ASN A 358 -15.04 20.48 31.33
CA ASN A 358 -16.02 19.72 30.56
C ASN A 358 -16.33 20.34 29.20
N TYR A 359 -15.48 21.26 28.70
CA TYR A 359 -15.72 21.91 27.41
C TYR A 359 -14.40 22.26 26.78
N SER A 360 -14.16 21.77 25.56
CA SER A 360 -13.01 22.16 24.76
C SER A 360 -13.41 22.39 23.31
N ALA B 5 -42.71 30.47 -13.07
CA ALA B 5 -41.56 30.30 -12.18
C ALA B 5 -41.99 29.74 -10.80
N ARG B 6 -41.49 28.55 -10.47
CA ARG B 6 -41.96 27.80 -9.31
C ARG B 6 -40.83 26.95 -8.74
N ILE B 7 -40.84 26.79 -7.41
CA ILE B 7 -39.87 25.97 -6.69
C ILE B 7 -40.47 24.58 -6.49
N LEU B 8 -39.82 23.56 -7.06
CA LEU B 8 -40.43 22.23 -7.15
C LEU B 8 -40.25 21.43 -5.86
N LYS B 9 -39.03 21.38 -5.37
N LYS B 9 -38.98 21.26 -5.47
CA LYS B 9 -38.71 20.61 -4.19
CA LYS B 9 -38.55 20.37 -4.41
C LYS B 9 -37.25 20.89 -3.83
C LYS B 9 -37.24 20.88 -3.84
N THR B 10 -36.83 20.29 -2.72
CA THR B 10 -35.42 20.25 -2.38
C THR B 10 -34.79 19.09 -3.14
N ALA B 11 -33.66 19.34 -3.79
CA ALA B 11 -32.92 18.29 -4.50
C ALA B 11 -31.61 18.04 -3.75
N TYR B 12 -31.19 16.77 -3.72
CA TYR B 12 -30.08 16.32 -2.89
C TYR B 12 -28.90 15.87 -3.73
N THR B 13 -27.70 16.04 -3.17
CA THR B 13 -26.48 15.43 -3.70
C THR B 13 -26.06 14.27 -2.78
N PHE B 14 -24.97 13.58 -3.14
CA PHE B 14 -24.57 12.38 -2.39
C PHE B 14 -24.37 12.67 -0.91
N ASP B 15 -23.68 13.77 -0.59
CA ASP B 15 -23.40 14.08 0.82
C ASP B 15 -24.64 14.38 1.64
N ASP B 16 -25.81 14.59 0.99
CA ASP B 16 -27.03 14.82 1.75
C ASP B 16 -27.69 13.56 2.29
N VAL B 17 -27.33 12.37 1.77
CA VAL B 17 -28.10 11.17 2.10
C VAL B 17 -27.18 10.05 2.59
N LEU B 18 -27.79 9.07 3.27
CA LEU B 18 -27.14 7.83 3.68
C LEU B 18 -28.08 6.67 3.39
N LEU B 19 -27.50 5.49 3.11
CA LEU B 19 -28.31 4.30 2.93
C LEU B 19 -28.52 3.59 4.27
N VAL B 20 -29.74 3.15 4.52
CA VAL B 20 -30.08 2.42 5.75
C VAL B 20 -29.66 0.96 5.59
N PRO B 21 -28.95 0.37 6.56
CA PRO B 21 -28.59 -1.05 6.47
C PRO B 21 -29.83 -1.93 6.40
N ASN B 22 -29.74 -3.01 5.63
CA ASN B 22 -30.80 -4.01 5.56
C ASN B 22 -30.35 -5.30 6.21
N LYS B 23 -31.32 -6.17 6.51
CA LYS B 23 -30.98 -7.52 6.88
C LYS B 23 -30.16 -8.14 5.76
N SER B 24 -29.04 -8.77 6.10
CA SER B 24 -28.12 -9.27 5.10
C SER B 24 -27.79 -10.73 5.33
N GLU B 25 -27.93 -11.51 4.27
CA GLU B 25 -27.48 -12.91 4.26
C GLU B 25 -26.35 -13.13 3.27
N VAL B 26 -25.72 -12.06 2.79
CA VAL B 26 -24.65 -12.14 1.81
C VAL B 26 -23.44 -11.37 2.34
N LEU B 27 -22.26 -11.97 2.22
CA LEU B 27 -21.03 -11.30 2.60
C LEU B 27 -20.50 -10.44 1.45
N PRO B 28 -19.65 -9.43 1.74
CA PRO B 28 -19.14 -8.60 0.65
C PRO B 28 -18.39 -9.38 -0.43
N ASN B 29 -17.81 -10.54 -0.11
CA ASN B 29 -17.10 -11.31 -1.13
C ASN B 29 -18.03 -12.16 -1.99
N GLU B 30 -19.33 -12.22 -1.68
CA GLU B 30 -20.29 -13.04 -2.40
C GLU B 30 -21.15 -12.25 -3.39
N VAL B 31 -20.87 -10.98 -3.57
CA VAL B 31 -21.74 -10.10 -4.36
C VAL B 31 -21.20 -10.00 -5.78
N SER B 32 -22.10 -9.70 -6.72
CA SER B 32 -21.73 -9.58 -8.12
C SER B 32 -21.91 -8.13 -8.55
N LEU B 33 -20.89 -7.57 -9.19
CA LEU B 33 -20.91 -6.18 -9.63
C LEU B 33 -21.22 -6.03 -11.13
N LYS B 34 -21.67 -7.09 -11.78
CA LYS B 34 -21.95 -7.03 -13.20
C LYS B 34 -23.13 -6.12 -13.48
N THR B 35 -23.09 -5.43 -14.62
CA THR B 35 -24.13 -4.45 -14.94
C THR B 35 -24.27 -4.35 -16.45
N GLN B 36 -25.47 -3.98 -16.90
CA GLN B 36 -25.73 -3.78 -18.32
C GLN B 36 -25.61 -2.28 -18.57
N LEU B 37 -24.51 -1.89 -19.20
CA LEU B 37 -24.34 -0.53 -19.69
C LEU B 37 -25.38 -0.21 -20.77
N THR B 38 -25.61 -1.14 -21.69
CA THR B 38 -26.75 -1.15 -22.57
C THR B 38 -27.27 -2.58 -22.59
N LYS B 39 -28.37 -2.81 -23.32
CA LYS B 39 -28.87 -4.17 -23.44
C LYS B 39 -27.84 -5.09 -24.09
N LYS B 40 -26.95 -4.53 -24.90
CA LYS B 40 -25.95 -5.32 -25.61
C LYS B 40 -24.60 -5.41 -24.91
N ILE B 41 -24.31 -4.50 -23.97
CA ILE B 41 -22.96 -4.36 -23.42
C ILE B 41 -23.03 -4.59 -21.92
N GLN B 42 -22.36 -5.62 -21.44
CA GLN B 42 -22.23 -5.88 -20.01
C GLN B 42 -20.86 -5.44 -19.52
N LEU B 43 -20.81 -4.79 -18.34
CA LEU B 43 -19.54 -4.53 -17.66
C LEU B 43 -19.43 -5.46 -16.46
N ASN B 44 -18.20 -5.94 -16.19
CA ASN B 44 -17.95 -6.70 -14.97
C ASN B 44 -17.96 -5.85 -13.72
N ILE B 45 -17.59 -4.57 -13.81
CA ILE B 45 -17.75 -3.63 -12.69
C ILE B 45 -18.40 -2.36 -13.22
N PRO B 46 -19.17 -1.64 -12.39
CA PRO B 46 -20.01 -0.56 -12.89
C PRO B 46 -19.31 0.80 -12.94
N LEU B 47 -18.11 0.84 -13.51
CA LEU B 47 -17.23 2.01 -13.42
C LEU B 47 -16.74 2.41 -14.81
N MET B 48 -16.75 3.73 -15.07
CA MET B 48 -16.36 4.30 -16.36
C MET B 48 -15.41 5.48 -16.14
N SER B 49 -14.43 5.66 -17.01
CA SER B 49 -13.61 6.86 -16.95
C SER B 49 -14.12 7.91 -17.95
N ALA B 50 -14.06 9.17 -17.53
CA ALA B 50 -14.65 10.29 -18.24
C ALA B 50 -13.96 10.52 -19.58
N SER B 51 -14.71 11.05 -20.56
CA SER B 51 -14.14 11.38 -21.87
C SER B 51 -13.57 12.80 -21.82
N MET B 52 -12.41 12.91 -21.18
CA MET B 52 -11.75 14.18 -20.92
C MET B 52 -10.30 14.07 -21.32
N ASP B 53 -9.76 15.16 -21.90
CA ASP B 53 -8.39 15.05 -22.39
C ASP B 53 -7.36 14.99 -21.26
N THR B 54 -7.78 15.07 -20.00
CA THR B 54 -6.91 14.77 -18.88
C THR B 54 -7.32 13.51 -18.12
N VAL B 55 -8.24 12.71 -18.67
CA VAL B 55 -8.64 11.45 -18.04
C VAL B 55 -8.46 10.21 -18.92
N THR B 56 -9.06 10.16 -20.14
CA THR B 56 -9.11 8.90 -20.88
C THR B 56 -8.53 9.01 -22.29
N GLU B 57 -7.37 8.39 -22.49
CA GLU B 57 -6.95 8.00 -23.83
C GLU B 57 -6.78 6.49 -23.85
N SER B 58 -6.10 5.93 -24.85
CA SER B 58 -6.09 4.47 -24.95
C SER B 58 -5.45 3.81 -23.71
N LYS B 59 -4.43 4.44 -23.14
CA LYS B 59 -3.75 3.84 -21.97
C LYS B 59 -4.74 3.63 -20.82
N MET B 60 -5.53 4.67 -20.50
CA MET B 60 -6.56 4.55 -19.47
C MET B 60 -7.68 3.60 -19.88
N ALA B 61 -8.14 3.69 -21.14
CA ALA B 61 -9.22 2.81 -21.57
C ALA B 61 -8.82 1.34 -21.50
N ILE B 62 -7.60 1.01 -21.89
CA ILE B 62 -7.14 -0.38 -21.78
C ILE B 62 -7.14 -0.80 -20.31
N ALA B 63 -6.60 0.04 -19.43
CA ALA B 63 -6.57 -0.30 -18.01
C ALA B 63 -7.97 -0.48 -17.44
N MET B 64 -8.88 0.46 -17.76
CA MET B 64 -10.26 0.37 -17.27
C MET B 64 -10.93 -0.91 -17.72
N ALA B 65 -10.79 -1.26 -19.01
CA ALA B 65 -11.38 -2.49 -19.52
C ALA B 65 -10.77 -3.72 -18.86
N ARG B 66 -9.46 -3.73 -18.64
CA ARG B 66 -8.89 -4.91 -18.01
C ARG B 66 -9.36 -5.09 -16.57
N GLU B 67 -9.83 -4.02 -15.94
CA GLU B 67 -10.37 -4.07 -14.59
C GLU B 67 -11.84 -4.47 -14.56
N GLY B 68 -12.50 -4.50 -15.71
CA GLY B 68 -13.89 -4.87 -15.82
C GLY B 68 -14.82 -3.73 -16.15
N GLY B 69 -14.31 -2.51 -16.33
CA GLY B 69 -15.14 -1.35 -16.58
C GLY B 69 -14.91 -0.89 -18.00
N ILE B 70 -14.91 0.42 -18.26
CA ILE B 70 -14.78 0.89 -19.63
C ILE B 70 -14.27 2.32 -19.62
N GLY B 71 -13.44 2.67 -20.61
CA GLY B 71 -13.03 4.05 -20.82
C GLY B 71 -13.71 4.62 -22.06
N ILE B 72 -13.99 5.93 -22.02
CA ILE B 72 -14.52 6.67 -23.18
C ILE B 72 -13.42 7.60 -23.70
N ILE B 73 -12.91 7.31 -24.89
CA ILE B 73 -11.84 8.12 -25.47
C ILE B 73 -12.36 9.50 -25.80
N HIS B 74 -11.65 10.53 -25.34
CA HIS B 74 -12.14 11.90 -25.51
C HIS B 74 -12.01 12.34 -26.97
N LYS B 75 -12.65 13.46 -27.32
CA LYS B 75 -12.71 13.89 -28.73
C LYS B 75 -11.95 15.19 -28.99
N ASN B 76 -11.12 15.64 -28.05
CA ASN B 76 -10.22 16.78 -28.26
C ASN B 76 -8.94 16.34 -28.98
N MET B 77 -9.14 15.74 -30.15
CA MET B 77 -8.06 15.29 -31.04
C MET B 77 -8.67 15.12 -32.42
N THR B 78 -7.81 14.91 -33.43
CA THR B 78 -8.36 14.75 -34.77
C THR B 78 -9.18 13.48 -34.82
N ILE B 79 -9.99 13.37 -35.87
CA ILE B 79 -10.77 12.16 -36.11
C ILE B 79 -9.83 10.95 -36.28
N GLU B 80 -8.80 11.10 -37.11
N GLU B 80 -8.80 11.10 -37.11
CA GLU B 80 -7.85 10.00 -37.32
CA GLU B 80 -7.85 10.00 -37.32
C GLU B 80 -7.20 9.57 -36.01
C GLU B 80 -7.21 9.56 -36.01
N ASP B 81 -6.81 10.53 -35.16
CA ASP B 81 -6.17 10.20 -33.89
C ASP B 81 -7.12 9.47 -32.95
N GLN B 82 -8.41 9.85 -32.93
CA GLN B 82 -9.35 9.16 -32.05
C GLN B 82 -9.62 7.73 -32.55
N ALA B 83 -9.73 7.57 -33.86
CA ALA B 83 -9.90 6.23 -34.42
C ALA B 83 -8.72 5.32 -34.07
N ARG B 84 -7.50 5.87 -34.10
CA ARG B 84 -6.33 5.07 -33.76
C ARG B 84 -6.28 4.73 -32.28
N GLU B 85 -6.79 5.62 -31.42
CA GLU B 85 -6.85 5.33 -29.99
C GLU B 85 -7.81 4.19 -29.71
N VAL B 86 -9.02 4.28 -30.27
CA VAL B 86 -9.99 3.19 -30.18
C VAL B 86 -9.38 1.89 -30.69
N ASP B 87 -8.68 1.97 -31.82
CA ASP B 87 -8.14 0.77 -32.45
C ASP B 87 -7.11 0.08 -31.54
N ARG B 88 -6.29 0.87 -30.85
CA ARG B 88 -5.32 0.31 -29.92
C ARG B 88 -6.00 -0.45 -28.78
N VAL B 89 -7.17 0.00 -28.35
CA VAL B 89 -7.87 -0.68 -27.26
C VAL B 89 -8.49 -1.97 -27.75
N LYS B 90 -9.11 -1.94 -28.94
CA LYS B 90 -9.81 -3.11 -29.43
C LYS B 90 -8.85 -4.23 -29.80
N ARG B 91 -7.65 -3.88 -30.26
CA ARG B 91 -6.68 -4.91 -30.64
C ARG B 91 -6.01 -5.54 -29.43
N SER B 92 -6.10 -4.92 -28.26
CA SER B 92 -5.47 -5.41 -27.04
C SER B 92 -6.28 -6.49 -26.32
N GLY B 93 -7.24 -7.12 -27.00
CA GLY B 93 -7.86 -8.32 -26.46
C GLY B 93 -9.37 -8.35 -26.54
N GLY B 94 -9.94 -7.68 -27.55
CA GLY B 94 -11.38 -7.53 -27.59
C GLY B 94 -11.92 -6.72 -26.44
N LEU B 95 -11.08 -5.91 -25.81
CA LEU B 95 -11.51 -5.05 -24.70
C LEU B 95 -12.59 -4.07 -25.14
N LEU B 96 -13.57 -3.82 -24.27
CA LEU B 96 -14.59 -2.82 -24.55
C LEU B 96 -13.95 -1.43 -24.66
N CYS B 97 -14.49 -0.61 -25.55
CA CYS B 97 -13.99 0.76 -25.71
C CYS B 97 -15.13 1.67 -26.15
N GLY B 98 -15.18 2.89 -25.58
CA GLY B 98 -16.10 3.91 -25.99
C GLY B 98 -15.36 5.10 -26.60
N ALA B 99 -16.13 5.97 -27.26
CA ALA B 99 -15.61 7.16 -27.94
C ALA B 99 -16.62 8.30 -27.87
N SER B 100 -16.12 9.48 -27.55
CA SER B 100 -16.94 10.68 -27.47
C SER B 100 -17.13 11.31 -28.84
N ILE B 101 -18.35 11.81 -29.09
CA ILE B 101 -18.78 12.47 -30.32
C ILE B 101 -19.53 13.75 -29.92
N GLY B 102 -19.32 14.84 -30.65
CA GLY B 102 -20.06 16.07 -30.43
C GLY B 102 -21.07 16.36 -31.54
N VAL B 103 -21.90 17.37 -31.30
N VAL B 103 -21.90 17.37 -31.26
CA VAL B 103 -22.86 17.82 -32.31
CA VAL B 103 -22.83 17.90 -32.25
C VAL B 103 -22.13 18.86 -33.16
C VAL B 103 -22.06 18.88 -33.13
N THR B 104 -21.44 18.37 -34.19
CA THR B 104 -20.57 19.17 -35.05
C THR B 104 -20.92 18.91 -36.50
N ASN B 105 -20.36 19.74 -37.38
CA ASN B 105 -20.55 19.53 -38.81
C ASN B 105 -19.99 18.18 -39.25
N ASP B 106 -18.85 17.77 -38.68
CA ASP B 106 -18.21 16.52 -39.08
C ASP B 106 -18.59 15.36 -38.17
N MET B 107 -19.73 15.46 -37.47
CA MET B 107 -20.13 14.43 -36.52
C MET B 107 -20.13 13.04 -37.16
N MET B 108 -20.74 12.90 -38.34
CA MET B 108 -20.84 11.56 -38.92
C MET B 108 -19.50 11.07 -39.44
N GLU B 109 -18.63 11.96 -39.92
CA GLU B 109 -17.27 11.53 -40.27
C GLU B 109 -16.57 10.93 -39.06
N ARG B 110 -16.72 11.57 -37.90
CA ARG B 110 -16.07 11.04 -36.70
C ARG B 110 -16.66 9.71 -36.27
N VAL B 111 -18.00 9.59 -36.31
CA VAL B 111 -18.65 8.30 -36.02
C VAL B 111 -18.17 7.22 -37.00
N ASP B 112 -18.11 7.55 -38.30
CA ASP B 112 -17.65 6.58 -39.29
C ASP B 112 -16.26 6.04 -38.94
N ALA B 113 -15.38 6.91 -38.46
CA ALA B 113 -14.00 6.52 -38.25
C ALA B 113 -13.87 5.61 -37.02
N VAL B 114 -14.59 5.92 -35.94
CA VAL B 114 -14.47 5.09 -34.75
C VAL B 114 -15.25 3.79 -34.93
N VAL B 115 -16.31 3.79 -35.77
CA VAL B 115 -16.98 2.55 -36.11
C VAL B 115 -16.03 1.63 -36.88
N LYS B 116 -15.23 2.22 -37.77
CA LYS B 116 -14.24 1.43 -38.50
C LYS B 116 -13.20 0.84 -37.56
N ALA B 117 -12.85 1.57 -36.49
CA ALA B 117 -11.94 1.04 -35.49
C ALA B 117 -12.63 0.08 -34.53
N LYS B 118 -13.92 -0.19 -34.74
CA LYS B 118 -14.70 -1.19 -34.03
C LYS B 118 -14.99 -0.77 -32.58
N VAL B 119 -15.31 0.52 -32.41
CA VAL B 119 -15.72 1.02 -31.12
C VAL B 119 -17.01 0.31 -30.70
N ASP B 120 -17.13 0.06 -29.40
CA ASP B 120 -18.31 -0.66 -28.92
C ASP B 120 -19.47 0.28 -28.63
N VAL B 121 -19.19 1.53 -28.28
CA VAL B 121 -20.23 2.45 -27.89
C VAL B 121 -19.72 3.87 -28.16
N ILE B 122 -20.58 4.72 -28.69
CA ILE B 122 -20.24 6.12 -28.80
C ILE B 122 -21.07 6.88 -27.77
N VAL B 123 -20.49 7.95 -27.26
CA VAL B 123 -21.17 8.84 -26.33
C VAL B 123 -21.38 10.15 -27.05
N LEU B 124 -22.63 10.45 -27.42
CA LEU B 124 -22.92 11.73 -28.04
C LEU B 124 -23.07 12.68 -26.87
N ASP B 125 -22.04 13.47 -26.63
CA ASP B 125 -21.82 14.07 -25.32
C ASP B 125 -21.72 15.59 -25.46
N THR B 126 -22.63 16.29 -24.78
N THR B 126 -22.67 16.31 -24.87
CA THR B 126 -22.79 17.72 -24.90
CA THR B 126 -22.64 17.76 -24.92
C THR B 126 -23.05 18.31 -23.53
C THR B 126 -23.14 18.34 -23.60
N ALA B 127 -22.86 19.63 -23.43
CA ALA B 127 -23.26 20.34 -22.22
C ALA B 127 -24.74 20.18 -21.93
N HIS B 128 -25.59 20.19 -22.97
CA HIS B 128 -27.02 20.14 -22.77
C HIS B 128 -27.58 19.05 -23.69
N GLY B 129 -27.71 17.84 -23.16
CA GLY B 129 -28.19 16.71 -23.93
C GLY B 129 -29.66 16.77 -24.29
N HIS B 130 -30.47 17.51 -23.51
CA HIS B 130 -31.90 17.60 -23.79
C HIS B 130 -32.14 18.73 -24.80
N SER B 131 -31.66 18.50 -26.02
CA SER B 131 -31.62 19.54 -27.03
C SER B 131 -31.89 18.94 -28.40
N LYS B 132 -32.37 19.79 -29.30
CA LYS B 132 -32.70 19.34 -30.64
C LYS B 132 -31.46 18.77 -31.32
N GLY B 133 -30.30 19.40 -31.12
CA GLY B 133 -29.08 18.94 -31.77
C GLY B 133 -28.71 17.51 -31.37
N VAL B 134 -28.82 17.19 -30.09
CA VAL B 134 -28.49 15.85 -29.63
C VAL B 134 -29.55 14.86 -30.11
N ILE B 135 -30.82 15.22 -29.96
CA ILE B 135 -31.91 14.35 -30.40
C ILE B 135 -31.77 14.04 -31.90
N GLU B 136 -31.48 15.05 -32.72
CA GLU B 136 -31.36 14.82 -34.15
C GLU B 136 -30.07 14.08 -34.47
N GLY B 137 -29.00 14.32 -33.70
CA GLY B 137 -27.78 13.56 -33.87
C GLY B 137 -27.97 12.08 -33.60
N VAL B 138 -28.64 11.75 -32.48
CA VAL B 138 -28.92 10.35 -32.18
C VAL B 138 -29.73 9.69 -33.29
N LYS B 139 -30.76 10.38 -33.76
CA LYS B 139 -31.58 9.81 -34.84
C LYS B 139 -30.77 9.59 -36.11
N ARG B 140 -29.88 10.53 -36.43
N ARG B 140 -29.89 10.54 -36.45
CA ARG B 140 -29.04 10.40 -37.62
CA ARG B 140 -29.05 10.37 -37.63
C ARG B 140 -28.08 9.22 -37.50
C ARG B 140 -28.11 9.19 -37.48
N ILE B 141 -27.49 9.04 -36.31
CA ILE B 141 -26.53 7.95 -36.09
C ILE B 141 -27.24 6.60 -36.14
N LYS B 142 -28.36 6.48 -35.43
CA LYS B 142 -29.09 5.21 -35.42
C LYS B 142 -29.64 4.87 -36.81
N ALA B 143 -30.00 5.86 -37.61
CA ALA B 143 -30.47 5.58 -38.97
C ALA B 143 -29.37 4.97 -39.82
N LYS B 144 -28.15 5.48 -39.71
CA LYS B 144 -27.06 4.91 -40.51
C LYS B 144 -26.52 3.63 -39.89
N TYR B 145 -26.41 3.59 -38.56
CA TYR B 145 -25.84 2.47 -37.81
C TYR B 145 -26.85 1.97 -36.79
N PRO B 146 -27.83 1.17 -37.20
CA PRO B 146 -28.93 0.81 -36.29
C PRO B 146 -28.48 0.04 -35.06
N GLU B 147 -27.42 -0.76 -35.17
CA GLU B 147 -26.95 -1.60 -34.07
C GLU B 147 -25.80 -0.96 -33.30
N LEU B 148 -25.30 0.19 -33.73
CA LEU B 148 -24.27 0.88 -32.97
C LEU B 148 -24.85 1.36 -31.63
N GLN B 149 -24.23 0.98 -30.52
CA GLN B 149 -24.73 1.40 -29.22
C GLN B 149 -24.38 2.87 -28.99
N VAL B 150 -25.37 3.64 -28.55
CA VAL B 150 -25.24 5.08 -28.37
C VAL B 150 -25.65 5.48 -26.96
N ILE B 151 -24.74 6.13 -26.23
CA ILE B 151 -25.04 6.84 -24.99
C ILE B 151 -25.21 8.32 -25.35
N ALA B 152 -26.24 8.96 -24.81
CA ALA B 152 -26.47 10.38 -25.08
C ALA B 152 -26.55 11.13 -23.76
N GLY B 153 -25.96 12.34 -23.74
CA GLY B 153 -26.06 13.17 -22.55
C GLY B 153 -25.41 14.53 -22.78
N ASN B 154 -25.27 15.32 -21.71
CA ASN B 154 -25.75 14.98 -20.36
C ASN B 154 -27.12 15.60 -20.05
N ILE B 155 -27.83 14.99 -19.10
CA ILE B 155 -29.20 15.37 -18.81
C ILE B 155 -29.41 15.35 -17.29
N ALA B 156 -30.57 15.83 -16.87
CA ALA B 156 -30.88 15.81 -15.45
C ALA B 156 -32.36 15.63 -15.15
N THR B 157 -33.23 15.37 -16.14
CA THR B 157 -34.65 15.27 -15.90
C THR B 157 -35.24 13.99 -16.48
N PRO B 158 -36.35 13.51 -15.91
CA PRO B 158 -37.08 12.41 -16.57
C PRO B 158 -37.53 12.75 -17.99
N GLU B 159 -37.94 13.99 -18.25
CA GLU B 159 -38.35 14.33 -19.62
C GLU B 159 -37.21 14.10 -20.61
N ALA B 160 -35.98 14.43 -20.22
CA ALA B 160 -34.83 14.22 -21.08
C ALA B 160 -34.59 12.74 -21.31
N VAL B 161 -34.79 11.91 -20.28
CA VAL B 161 -34.71 10.46 -20.50
C VAL B 161 -35.69 10.04 -21.58
N ARG B 162 -36.95 10.50 -21.46
CA ARG B 162 -37.98 10.10 -22.42
C ARG B 162 -37.61 10.52 -23.83
N ASP B 163 -37.15 11.77 -23.97
CA ASP B 163 -36.92 12.32 -25.29
C ASP B 163 -35.71 11.67 -25.96
N LEU B 164 -34.67 11.36 -25.17
CA LEU B 164 -33.50 10.71 -25.73
C LEU B 164 -33.77 9.25 -26.04
N ALA B 165 -34.59 8.58 -25.20
CA ALA B 165 -34.97 7.21 -25.52
C ALA B 165 -35.79 7.15 -26.80
N GLU B 166 -36.70 8.09 -26.97
CA GLU B 166 -37.47 8.16 -28.21
C GLU B 166 -36.56 8.39 -29.41
N ALA B 167 -35.51 9.18 -29.23
CA ALA B 167 -34.58 9.44 -30.34
C ALA B 167 -33.81 8.19 -30.76
N GLY B 168 -33.72 7.19 -29.89
CA GLY B 168 -33.00 5.96 -30.17
C GLY B 168 -31.83 5.68 -29.24
N ALA B 169 -31.59 6.46 -28.21
CA ALA B 169 -30.42 6.24 -27.37
C ALA B 169 -30.57 4.91 -26.64
N ASP B 170 -29.46 4.19 -26.50
CA ASP B 170 -29.45 2.93 -25.79
C ASP B 170 -29.16 3.10 -24.31
N CYS B 171 -28.72 4.30 -23.90
CA CYS B 171 -28.32 4.63 -22.54
C CYS B 171 -28.18 6.16 -22.47
N VAL B 172 -28.49 6.75 -21.32
CA VAL B 172 -28.41 8.20 -21.17
C VAL B 172 -27.50 8.52 -19.99
N LYS B 173 -26.85 9.67 -20.05
CA LYS B 173 -25.86 10.01 -19.05
C LYS B 173 -26.32 11.24 -18.28
N VAL B 174 -26.37 11.12 -16.94
CA VAL B 174 -26.97 12.14 -16.07
C VAL B 174 -25.84 12.94 -15.41
N GLY B 175 -25.96 14.26 -15.45
CA GLY B 175 -25.13 15.11 -14.62
C GLY B 175 -25.02 16.47 -15.26
N ILE B 176 -25.73 17.46 -14.71
CA ILE B 176 -25.64 18.84 -15.15
C ILE B 176 -25.12 19.61 -13.95
N GLY B 177 -23.83 19.94 -13.97
CA GLY B 177 -23.20 20.72 -12.93
C GLY B 177 -22.52 20.04 -11.73
N PRO B 178 -22.50 18.71 -11.60
CA PRO B 178 -21.85 18.15 -10.38
C PRO B 178 -20.33 18.02 -10.47
N GLY B 179 -19.73 18.21 -11.63
CA GLY B 179 -18.33 17.87 -11.80
C GLY B 179 -17.44 18.72 -10.91
N SER B 180 -16.37 18.09 -10.41
CA SER B 180 -15.39 18.76 -9.56
C SER B 180 -14.80 19.99 -10.24
N ILE B 181 -14.66 19.96 -11.56
CA ILE B 181 -14.05 21.06 -12.31
C ILE B 181 -15.10 21.92 -13.02
N CYS B 182 -16.37 21.75 -12.67
CA CYS B 182 -17.49 22.33 -13.43
C CYS B 182 -17.98 23.63 -12.79
N THR B 183 -18.24 24.64 -13.63
CA THR B 183 -18.83 25.90 -13.14
C THR B 183 -20.20 26.19 -13.76
N THR B 184 -20.74 25.27 -14.57
CA THR B 184 -22.06 25.43 -15.18
C THR B 184 -23.12 26.01 -14.23
N ARG B 185 -23.27 25.42 -13.04
CA ARG B 185 -24.33 25.93 -12.15
C ARG B 185 -24.06 27.36 -11.72
N ILE B 186 -22.79 27.75 -11.64
CA ILE B 186 -22.44 29.08 -11.14
C ILE B 186 -22.59 30.12 -12.23
N VAL B 187 -22.15 29.79 -13.44
CA VAL B 187 -22.11 30.78 -14.51
C VAL B 187 -23.43 30.84 -15.27
N ALA B 188 -24.19 29.74 -15.32
CA ALA B 188 -25.47 29.72 -16.00
C ALA B 188 -26.67 29.60 -15.06
N GLY B 189 -26.45 29.22 -13.81
CA GLY B 189 -27.53 29.13 -12.85
C GLY B 189 -28.30 27.83 -12.87
N VAL B 190 -27.86 26.85 -13.66
CA VAL B 190 -28.66 25.69 -14.03
C VAL B 190 -28.03 24.41 -13.50
N GLY B 191 -28.86 23.46 -13.07
CA GLY B 191 -28.36 22.14 -12.72
C GLY B 191 -29.31 21.48 -11.73
N VAL B 192 -29.03 20.22 -11.44
CA VAL B 192 -29.85 19.49 -10.47
C VAL B 192 -28.87 18.74 -9.57
N PRO B 193 -28.90 18.95 -8.26
CA PRO B 193 -28.05 18.14 -7.36
C PRO B 193 -28.08 16.67 -7.73
N GLN B 194 -26.91 16.01 -7.70
CA GLN B 194 -26.74 14.82 -8.54
C GLN B 194 -27.50 13.61 -8.01
N LEU B 195 -27.66 13.45 -6.69
CA LEU B 195 -28.35 12.24 -6.22
C LEU B 195 -29.81 12.23 -6.67
N THR B 196 -30.49 13.36 -6.47
CA THR B 196 -31.86 13.48 -6.97
C THR B 196 -31.92 13.33 -8.48
N ALA B 197 -31.00 13.97 -9.21
CA ALA B 197 -31.02 13.82 -10.67
C ALA B 197 -30.94 12.36 -11.07
N VAL B 198 -30.05 11.58 -10.43
CA VAL B 198 -29.89 10.17 -10.76
C VAL B 198 -31.12 9.38 -10.34
N MET B 199 -31.68 9.63 -9.14
CA MET B 199 -32.86 8.89 -8.72
C MET B 199 -34.00 9.16 -9.69
N ASP B 200 -34.21 10.44 -10.00
CA ASP B 200 -35.31 10.81 -10.88
C ASP B 200 -35.13 10.20 -12.27
N CYS B 201 -33.95 10.36 -12.85
CA CYS B 201 -33.76 9.87 -14.22
C CYS B 201 -33.72 8.35 -14.27
N ALA B 202 -33.07 7.69 -13.28
CA ALA B 202 -32.97 6.24 -13.33
C ALA B 202 -34.33 5.58 -13.16
N GLU B 203 -35.19 6.17 -12.32
CA GLU B 203 -36.54 5.67 -12.20
C GLU B 203 -37.26 5.77 -13.55
N GLU B 204 -37.07 6.89 -14.26
CA GLU B 204 -37.71 7.04 -15.57
C GLU B 204 -37.13 6.03 -16.56
N GLY B 205 -35.81 5.84 -16.53
CA GLY B 205 -35.18 4.87 -17.42
C GLY B 205 -35.68 3.45 -17.19
N LYS B 206 -35.86 3.07 -15.91
CA LYS B 206 -36.35 1.73 -15.58
C LYS B 206 -37.71 1.48 -16.24
N LYS B 207 -38.61 2.46 -16.19
CA LYS B 207 -39.90 2.30 -16.85
C LYS B 207 -39.74 2.06 -18.35
N LEU B 208 -38.77 2.72 -18.97
CA LEU B 208 -38.62 2.65 -20.42
C LEU B 208 -37.67 1.55 -20.87
N GLY B 209 -36.99 0.89 -19.94
CA GLY B 209 -35.96 -0.07 -20.29
C GLY B 209 -34.68 0.54 -20.80
N ILE B 210 -34.32 1.74 -20.35
CA ILE B 210 -33.08 2.37 -20.79
C ILE B 210 -32.20 2.66 -19.57
N PRO B 211 -30.98 2.17 -19.53
CA PRO B 211 -30.12 2.42 -18.35
C PRO B 211 -29.66 3.86 -18.34
N VAL B 212 -29.18 4.31 -17.16
CA VAL B 212 -28.65 5.67 -17.02
C VAL B 212 -27.33 5.62 -16.24
N ILE B 213 -26.42 6.53 -16.63
CA ILE B 213 -25.10 6.62 -16.02
C ILE B 213 -25.06 7.82 -15.08
N ALA B 214 -24.47 7.62 -13.90
CA ALA B 214 -24.32 8.69 -12.92
C ALA B 214 -22.95 9.33 -13.15
N ASP B 215 -22.91 10.49 -13.80
CA ASP B 215 -21.66 11.09 -14.30
C ASP B 215 -21.36 12.37 -13.50
N GLY B 216 -20.30 12.34 -12.69
CA GLY B 216 -19.83 13.58 -12.08
C GLY B 216 -20.15 13.65 -10.59
N GLY B 217 -19.31 14.39 -9.86
CA GLY B 217 -19.57 14.68 -8.46
C GLY B 217 -19.18 13.59 -7.48
N LEU B 218 -18.58 12.48 -7.95
CA LEU B 218 -18.21 11.40 -7.06
C LEU B 218 -16.82 11.62 -6.47
N LYS B 219 -16.71 11.45 -5.14
CA LYS B 219 -15.44 11.68 -4.45
C LYS B 219 -14.94 10.47 -3.68
N TYR B 220 -15.84 9.71 -3.04
CA TYR B 220 -15.49 8.56 -2.23
C TYR B 220 -16.23 7.33 -2.76
N SER B 221 -15.73 6.14 -2.42
CA SER B 221 -16.40 4.92 -2.86
C SER B 221 -17.87 4.88 -2.41
N GLY B 222 -18.20 5.43 -1.25
CA GLY B 222 -19.58 5.39 -0.80
C GLY B 222 -20.50 6.21 -1.68
N ASP B 223 -19.97 7.24 -2.33
CA ASP B 223 -20.78 8.01 -3.28
C ASP B 223 -21.22 7.12 -4.44
N ILE B 224 -20.34 6.24 -4.92
CA ILE B 224 -20.74 5.33 -5.99
C ILE B 224 -21.85 4.40 -5.51
N VAL B 225 -21.73 3.87 -4.29
CA VAL B 225 -22.78 3.00 -3.77
C VAL B 225 -24.13 3.71 -3.81
N LYS B 226 -24.16 4.98 -3.36
CA LYS B 226 -25.40 5.75 -3.39
C LYS B 226 -25.91 5.92 -4.82
N ALA B 227 -25.02 6.19 -5.76
CA ALA B 227 -25.44 6.37 -7.14
C ALA B 227 -26.03 5.08 -7.73
N LEU B 228 -25.41 3.92 -7.44
CA LEU B 228 -25.95 2.63 -7.88
C LEU B 228 -27.24 2.27 -7.16
N ALA B 229 -27.30 2.53 -5.84
CA ALA B 229 -28.54 2.28 -5.11
C ALA B 229 -29.69 3.12 -5.66
N ALA B 230 -29.40 4.33 -6.13
CA ALA B 230 -30.41 5.19 -6.73
C ALA B 230 -30.85 4.73 -8.12
N GLY B 231 -30.16 3.75 -8.71
CA GLY B 231 -30.61 3.08 -9.91
C GLY B 231 -29.71 3.22 -11.11
N ALA B 232 -28.62 3.96 -11.00
CA ALA B 232 -27.72 4.10 -12.15
C ALA B 232 -27.10 2.75 -12.47
N CYS B 233 -26.97 2.46 -13.76
CA CYS B 233 -26.29 1.23 -14.18
C CYS B 233 -24.79 1.31 -14.03
N ALA B 234 -24.23 2.53 -13.94
CA ALA B 234 -22.78 2.65 -13.85
C ALA B 234 -22.47 4.07 -13.38
N ALA B 235 -21.25 4.27 -12.91
CA ALA B 235 -20.76 5.56 -12.42
C ALA B 235 -19.59 6.00 -13.28
N MET B 236 -19.57 7.28 -13.66
CA MET B 236 -18.47 7.85 -14.44
C MET B 236 -17.73 8.89 -13.62
N MET B 237 -16.38 8.83 -13.69
N MET B 237 -16.40 8.80 -13.60
CA MET B 237 -15.50 9.65 -12.87
CA MET B 237 -15.62 9.79 -12.87
C MET B 237 -14.42 10.31 -13.70
C MET B 237 -14.50 10.35 -13.73
N GLY B 238 -14.19 11.61 -13.47
CA GLY B 238 -12.98 12.25 -13.92
C GLY B 238 -11.97 12.36 -12.78
N SER B 239 -12.31 13.16 -11.76
CA SER B 239 -11.35 13.49 -10.71
C SER B 239 -10.71 12.25 -10.09
N ILE B 240 -11.54 11.25 -9.76
CA ILE B 240 -11.04 10.05 -9.08
C ILE B 240 -9.98 9.32 -9.92
N PHE B 241 -10.00 9.45 -11.25
CA PHE B 241 -9.03 8.74 -12.09
C PHE B 241 -7.95 9.63 -12.66
N ALA B 242 -8.08 10.95 -12.58
CA ALA B 242 -7.19 11.85 -13.31
C ALA B 242 -5.80 11.87 -12.72
N GLY B 243 -5.65 11.47 -11.45
CA GLY B 243 -4.35 11.37 -10.83
C GLY B 243 -3.66 10.06 -11.06
N CYS B 244 -4.30 9.11 -11.74
CA CYS B 244 -3.68 7.81 -11.92
C CYS B 244 -2.59 7.84 -12.99
N GLU B 245 -1.70 6.84 -12.90
CA GLU B 245 -0.56 6.79 -13.80
C GLU B 245 -1.01 6.69 -15.26
N GLU B 246 -2.16 6.03 -15.49
CA GLU B 246 -2.66 5.76 -16.83
C GLU B 246 -3.39 6.95 -17.45
N ALA B 247 -3.78 7.93 -16.65
CA ALA B 247 -4.38 9.13 -17.19
C ALA B 247 -3.35 9.91 -18.02
N PRO B 248 -3.82 10.72 -18.98
CA PRO B 248 -2.88 11.55 -19.75
C PRO B 248 -2.20 12.59 -18.88
N GLY B 249 -1.02 13.01 -19.31
CA GLY B 249 -0.30 14.10 -18.69
C GLY B 249 0.84 13.60 -17.81
N ALA B 250 1.85 14.45 -17.65
CA ALA B 250 3.05 14.08 -16.90
C ALA B 250 2.81 14.24 -15.41
N ILE B 251 3.53 13.44 -14.63
CA ILE B 251 3.58 13.62 -13.19
C ILE B 251 4.44 14.83 -12.88
N GLU B 252 3.92 15.75 -12.09
CA GLU B 252 4.59 17.01 -11.79
C GLU B 252 4.77 17.15 -10.29
N ILE B 253 5.95 17.62 -9.88
CA ILE B 253 6.32 17.72 -8.46
C ILE B 253 6.38 19.19 -8.05
N TYR B 254 5.75 19.51 -6.92
CA TYR B 254 5.74 20.86 -6.37
C TYR B 254 5.80 20.76 -4.85
N GLN B 255 6.89 21.25 -4.25
CA GLN B 255 7.09 21.25 -2.81
C GLN B 255 6.85 19.86 -2.20
N GLY B 256 7.48 18.85 -2.80
CA GLY B 256 7.49 17.52 -2.23
C GLY B 256 6.24 16.71 -2.44
N ARG B 257 5.30 17.19 -3.27
CA ARG B 257 4.05 16.49 -3.57
C ARG B 257 3.93 16.27 -5.07
N SER B 258 3.37 15.13 -5.44
CA SER B 258 3.20 14.75 -6.84
C SER B 258 1.79 15.09 -7.31
N TYR B 259 1.69 15.73 -8.48
CA TYR B 259 0.43 16.19 -9.04
C TYR B 259 0.29 15.83 -10.51
N LYS B 260 -0.96 15.72 -10.96
CA LYS B 260 -1.26 15.71 -12.38
C LYS B 260 -2.29 16.78 -12.69
N VAL B 261 -2.30 17.21 -13.96
CA VAL B 261 -3.22 18.26 -14.39
C VAL B 261 -4.62 17.68 -14.60
N TYR B 262 -5.63 18.43 -14.20
CA TYR B 262 -7.01 18.02 -14.41
C TYR B 262 -7.81 19.27 -14.74
N ARG B 263 -8.59 19.22 -15.81
CA ARG B 263 -9.33 20.43 -16.20
C ARG B 263 -10.66 20.06 -16.83
N GLY B 264 -11.63 20.94 -16.65
CA GLY B 264 -12.88 20.79 -17.38
C GLY B 264 -12.67 20.89 -18.88
N MET B 265 -13.49 20.15 -19.63
CA MET B 265 -13.46 20.25 -21.08
C MET B 265 -14.10 21.55 -21.58
N GLY B 266 -14.85 22.24 -20.73
CA GLY B 266 -15.33 23.57 -21.05
C GLY B 266 -14.53 24.67 -20.37
N SER B 267 -13.30 24.36 -19.92
CA SER B 267 -12.37 25.38 -19.45
C SER B 267 -11.68 26.04 -20.65
N LEU B 268 -11.09 27.22 -20.42
CA LEU B 268 -10.42 27.90 -21.53
C LEU B 268 -9.29 27.04 -22.08
N GLY B 269 -8.51 26.43 -21.21
CA GLY B 269 -7.39 25.63 -21.67
C GLY B 269 -7.80 24.51 -22.61
N ALA B 270 -8.86 23.78 -22.25
CA ALA B 270 -9.30 22.67 -23.08
C ALA B 270 -9.94 23.16 -24.39
N MET B 271 -10.66 24.29 -24.35
N MET B 271 -10.68 24.27 -24.34
CA MET B 271 -11.30 24.80 -25.55
CA MET B 271 -11.30 24.80 -25.55
C MET B 271 -10.30 25.44 -26.50
C MET B 271 -10.26 25.36 -26.51
N ALA B 272 -9.18 25.93 -26.00
CA ALA B 272 -8.19 26.56 -26.86
C ALA B 272 -7.48 25.58 -27.79
N LYS B 273 -7.53 24.28 -27.48
CA LYS B 273 -6.87 23.24 -28.28
C LYS B 273 -7.25 23.28 -29.76
N PHE B 287 -15.48 33.87 -25.61
CA PHE B 287 -15.13 32.69 -24.81
C PHE B 287 -15.62 32.78 -23.38
N VAL B 288 -16.71 32.08 -23.09
CA VAL B 288 -17.31 32.03 -21.76
C VAL B 288 -17.25 30.60 -21.25
N PRO B 289 -16.24 30.26 -20.46
CA PRO B 289 -16.04 28.87 -20.05
C PRO B 289 -17.06 28.42 -19.01
N GLU B 290 -17.20 27.09 -18.90
CA GLU B 290 -18.04 26.48 -17.87
C GLU B 290 -17.25 25.44 -17.08
N GLY B 291 -15.94 25.65 -16.97
CA GLY B 291 -15.06 24.78 -16.24
C GLY B 291 -13.80 25.51 -15.83
N VAL B 292 -13.03 24.85 -14.96
CA VAL B 292 -11.79 25.40 -14.45
C VAL B 292 -10.67 24.41 -14.73
N GLU B 293 -9.45 24.87 -14.50
CA GLU B 293 -8.23 24.11 -14.77
C GLU B 293 -7.40 24.07 -13.50
N GLY B 294 -6.86 22.90 -13.17
CA GLY B 294 -6.03 22.84 -11.99
C GLY B 294 -5.20 21.59 -11.83
N ARG B 295 -4.91 21.24 -10.57
CA ARG B 295 -4.09 20.07 -10.24
C ARG B 295 -4.78 19.25 -9.16
N ILE B 296 -4.56 17.94 -9.23
CA ILE B 296 -4.99 17.01 -8.21
C ILE B 296 -3.80 16.09 -7.90
N ALA B 297 -3.88 15.39 -6.77
CA ALA B 297 -2.74 14.58 -6.33
C ALA B 297 -2.52 13.36 -7.22
N TYR B 298 -1.26 12.99 -7.40
CA TYR B 298 -0.94 11.76 -8.10
C TYR B 298 -1.27 10.56 -7.22
N LYS B 299 -1.96 9.56 -7.79
CA LYS B 299 -2.49 8.41 -7.04
C LYS B 299 -1.80 7.09 -7.36
N GLY B 300 -0.82 7.07 -8.24
CA GLY B 300 -0.24 5.79 -8.63
C GLY B 300 -1.09 5.07 -9.67
N HIS B 301 -1.01 3.75 -9.68
CA HIS B 301 -1.65 2.98 -10.74
C HIS B 301 -3.14 2.83 -10.53
N LEU B 302 -3.88 2.80 -11.65
CA LEU B 302 -5.35 2.71 -11.65
C LEU B 302 -5.83 1.53 -10.82
N ALA B 303 -5.10 0.41 -10.91
CA ALA B 303 -5.51 -0.82 -10.24
C ALA B 303 -5.71 -0.61 -8.75
N ASP B 304 -4.82 0.16 -8.10
CA ASP B 304 -4.96 0.37 -6.65
C ASP B 304 -6.17 1.24 -6.31
N THR B 305 -6.50 2.19 -7.19
CA THR B 305 -7.70 2.99 -6.95
C THR B 305 -8.96 2.15 -7.15
N ILE B 306 -9.01 1.38 -8.24
CA ILE B 306 -10.16 0.52 -8.52
C ILE B 306 -10.38 -0.47 -7.37
N TYR B 307 -9.29 -1.06 -6.86
CA TYR B 307 -9.42 -2.01 -5.74
C TYR B 307 -10.15 -1.37 -4.57
N GLN B 308 -9.79 -0.14 -4.18
CA GLN B 308 -10.48 0.53 -3.08
C GLN B 308 -11.94 0.85 -3.43
N LEU B 309 -12.21 1.30 -4.67
CA LEU B 309 -13.58 1.62 -5.03
C LEU B 309 -14.46 0.39 -4.96
N ILE B 310 -13.98 -0.72 -5.53
CA ILE B 310 -14.74 -1.96 -5.57
C ILE B 310 -14.92 -2.54 -4.17
N GLY B 311 -13.90 -2.45 -3.33
CA GLY B 311 -14.06 -2.93 -1.96
C GLY B 311 -15.13 -2.16 -1.21
N GLY B 312 -15.16 -0.84 -1.39
CA GLY B 312 -16.18 -0.03 -0.74
C GLY B 312 -17.58 -0.35 -1.24
N ILE B 313 -17.71 -0.57 -2.56
CA ILE B 313 -18.99 -0.97 -3.14
C ILE B 313 -19.44 -2.31 -2.58
N LYS B 314 -18.55 -3.31 -2.60
CA LYS B 314 -18.88 -4.62 -2.04
C LYS B 314 -19.27 -4.53 -0.58
N SER B 315 -18.58 -3.68 0.19
CA SER B 315 -18.98 -3.47 1.58
C SER B 315 -20.39 -2.91 1.68
N GLY B 316 -20.68 -1.86 0.93
CA GLY B 316 -22.02 -1.29 0.91
C GLY B 316 -23.09 -2.29 0.53
N MET B 317 -22.80 -3.16 -0.44
CA MET B 317 -23.80 -4.15 -0.82
C MET B 317 -24.01 -5.19 0.28
N GLY B 318 -22.94 -5.56 0.99
CA GLY B 318 -23.10 -6.41 2.16
C GLY B 318 -24.00 -5.82 3.22
N TYR B 319 -23.79 -4.53 3.52
CA TYR B 319 -24.66 -3.83 4.47
C TYR B 319 -26.12 -3.81 4.04
N LEU B 320 -26.36 -3.82 2.72
CA LEU B 320 -27.74 -3.76 2.24
C LEU B 320 -28.29 -5.13 1.86
N GLY B 321 -27.55 -6.20 2.16
CA GLY B 321 -27.98 -7.56 1.86
C GLY B 321 -28.19 -7.84 0.39
N ALA B 322 -27.47 -7.13 -0.48
CA ALA B 322 -27.69 -7.16 -1.93
C ALA B 322 -26.65 -8.03 -2.64
N PRO B 323 -27.02 -9.20 -3.19
CA PRO B 323 -26.05 -9.97 -3.98
C PRO B 323 -25.82 -9.45 -5.38
N THR B 324 -26.67 -8.54 -5.88
CA THR B 324 -26.56 -7.97 -7.22
C THR B 324 -26.88 -6.49 -7.17
N LEU B 325 -26.47 -5.76 -8.22
CA LEU B 325 -26.80 -4.34 -8.32
C LEU B 325 -28.30 -4.10 -8.43
N GLU B 326 -29.03 -4.98 -9.11
CA GLU B 326 -30.47 -4.81 -9.19
C GLU B 326 -31.13 -4.96 -7.82
N ASN B 327 -30.68 -5.94 -7.03
CA ASN B 327 -31.25 -6.08 -5.70
C ASN B 327 -30.88 -4.89 -4.83
N LEU B 328 -29.71 -4.30 -5.06
CA LEU B 328 -29.30 -3.13 -4.32
C LEU B 328 -30.29 -1.99 -4.52
N TYR B 329 -30.63 -1.72 -5.79
CA TYR B 329 -31.63 -0.72 -6.13
C TYR B 329 -32.99 -1.07 -5.53
N GLU B 330 -33.41 -2.34 -5.63
CA GLU B 330 -34.77 -2.68 -5.22
C GLU B 330 -35.00 -2.51 -3.72
N ASN B 331 -33.96 -2.68 -2.90
CA ASN B 331 -34.14 -2.63 -1.46
C ASN B 331 -33.45 -1.45 -0.80
N ALA B 332 -33.03 -0.46 -1.58
CA ALA B 332 -32.30 0.68 -1.03
C ALA B 332 -33.27 1.66 -0.39
N ASN B 333 -33.00 2.08 0.83
CA ASN B 333 -33.74 3.17 1.44
C ASN B 333 -32.77 4.26 1.86
N PHE B 334 -32.99 5.48 1.42
CA PHE B 334 -32.14 6.60 1.85
C PHE B 334 -32.80 7.35 3.01
N VAL B 335 -31.95 7.94 3.87
CA VAL B 335 -32.38 8.99 4.79
C VAL B 335 -31.55 10.22 4.48
N VAL B 336 -32.08 11.38 4.81
CA VAL B 336 -31.38 12.65 4.65
C VAL B 336 -30.64 12.97 5.93
N GLN B 337 -29.42 13.49 5.82
CA GLN B 337 -28.66 13.93 6.99
C GLN B 337 -28.43 15.43 6.88
N THR B 338 -28.40 16.09 8.05
CA THR B 338 -28.09 17.51 8.09
C THR B 338 -26.59 17.72 7.95
N SER B 339 -26.14 18.98 8.02
CA SER B 339 -24.69 19.18 8.01
C SER B 339 -24.08 18.73 9.34
N ALA B 340 -24.86 18.72 10.42
CA ALA B 340 -24.39 18.09 11.65
C ALA B 340 -24.23 16.58 11.47
N GLY B 341 -25.18 15.95 10.78
CA GLY B 341 -25.04 14.55 10.45
C GLY B 341 -23.81 14.28 9.59
N PHE B 342 -23.59 15.14 8.57
CA PHE B 342 -22.39 15.01 7.75
C PHE B 342 -21.12 15.03 8.60
N ARG B 343 -21.05 15.92 9.60
CA ARG B 343 -19.86 15.98 10.43
C ARG B 343 -19.69 14.71 11.27
N GLU B 344 -20.80 14.09 11.69
CA GLU B 344 -20.72 12.82 12.38
C GLU B 344 -20.25 11.72 11.44
N SER B 345 -20.73 11.75 10.19
CA SER B 345 -20.45 10.68 9.23
C SER B 345 -18.97 10.62 8.89
N HIS B 346 -18.33 11.78 8.72
CA HIS B 346 -16.89 11.80 8.55
C HIS B 346 -16.19 11.54 9.88
N PRO B 347 -14.95 11.06 9.86
CA PRO B 347 -14.12 11.08 11.06
C PRO B 347 -14.13 12.49 11.65
N HIS B 348 -14.13 12.56 12.98
CA HIS B 348 -14.25 13.83 13.68
C HIS B 348 -13.52 13.71 15.00
N ASP B 349 -13.00 14.85 15.49
CA ASP B 349 -12.41 14.96 16.82
C ASP B 349 -11.21 14.00 16.97
N ILE B 350 -10.46 13.86 15.88
CA ILE B 350 -9.29 12.99 15.83
C ILE B 350 -8.24 13.68 14.98
N ASN B 351 -6.99 13.71 15.44
CA ASN B 351 -5.87 14.14 14.59
C ASN B 351 -5.40 12.90 13.84
N ILE B 352 -5.74 12.79 12.56
CA ILE B 352 -5.35 11.62 11.79
C ILE B 352 -3.88 11.74 11.45
N THR B 353 -3.11 10.70 11.77
CA THR B 353 -1.68 10.72 11.55
C THR B 353 -1.20 9.65 10.59
N LYS B 354 -2.07 8.76 10.13
CA LYS B 354 -1.70 7.69 9.21
C LYS B 354 -2.56 7.82 7.96
N GLU B 355 -1.96 7.57 6.81
CA GLU B 355 -2.71 7.57 5.56
C GLU B 355 -3.72 6.43 5.55
N ALA B 356 -4.90 6.73 5.07
CA ALA B 356 -5.80 5.64 4.75
C ALA B 356 -5.96 5.56 3.23
N PRO B 357 -6.06 4.36 2.66
CA PRO B 357 -6.06 4.24 1.19
C PRO B 357 -7.38 4.66 0.53
N ASN B 358 -8.46 4.77 1.30
CA ASN B 358 -9.77 5.12 0.75
C ASN B 358 -10.38 6.33 1.45
N TYR B 359 -9.57 7.12 2.15
CA TYR B 359 -10.07 8.31 2.82
C TYR B 359 -8.98 9.37 2.89
N SER B 360 -9.30 10.58 2.47
CA SER B 360 -8.47 11.74 2.72
C SER B 360 -9.41 12.91 3.06
N VAL B 361 -8.83 13.99 3.59
CA VAL B 361 -9.66 15.07 4.13
C VAL B 361 -9.41 16.44 3.50
N SER C 1 49.00 24.19 35.61
CA SER C 1 49.22 24.76 34.29
C SER C 1 48.89 26.25 34.27
N ASN C 2 49.78 27.03 33.64
CA ASN C 2 49.60 28.47 33.56
C ASN C 2 48.96 28.90 32.25
N ALA C 3 48.58 27.95 31.38
CA ALA C 3 47.86 28.29 30.17
C ALA C 3 46.49 28.87 30.54
N MET C 4 45.90 29.62 29.61
CA MET C 4 44.62 30.24 29.85
C MET C 4 43.68 30.00 28.68
N ALA C 5 42.39 30.09 28.95
CA ALA C 5 41.41 30.01 27.87
C ALA C 5 41.67 31.11 26.85
N ARG C 6 41.43 30.81 25.59
CA ARG C 6 41.60 31.82 24.56
C ARG C 6 40.73 31.53 23.34
N ILE C 7 40.61 32.56 22.50
CA ILE C 7 39.86 32.46 21.26
C ILE C 7 40.89 32.43 20.15
N LEU C 8 40.88 31.36 19.36
CA LEU C 8 41.95 31.14 18.40
C LEU C 8 41.73 31.94 17.12
N LYS C 9 40.59 31.74 16.49
CA LYS C 9 40.31 32.30 15.16
C LYS C 9 38.85 32.07 14.85
N THR C 10 38.40 32.67 13.74
CA THR C 10 37.11 32.36 13.16
C THR C 10 37.23 31.10 12.30
N ALA C 11 36.26 30.20 12.43
CA ALA C 11 36.19 28.95 11.67
C ALA C 11 34.91 28.94 10.85
N TYR C 12 34.98 28.30 9.68
CA TYR C 12 33.98 28.45 8.61
C TYR C 12 33.34 27.10 8.29
N THR C 13 32.05 27.15 7.95
CA THR C 13 31.35 26.00 7.41
C THR C 13 31.23 26.20 5.89
N PHE C 14 30.64 25.21 5.19
CA PHE C 14 30.59 25.28 3.73
C PHE C 14 29.84 26.53 3.26
N ASP C 15 28.73 26.87 3.92
CA ASP C 15 27.94 28.04 3.51
C ASP C 15 28.68 29.36 3.69
N ASP C 16 29.80 29.36 4.44
CA ASP C 16 30.59 30.59 4.62
C ASP C 16 31.48 30.91 3.44
N VAL C 17 31.73 29.97 2.53
CA VAL C 17 32.76 30.16 1.52
C VAL C 17 32.27 29.78 0.13
N LEU C 18 32.94 30.34 -0.88
CA LEU C 18 32.76 30.00 -2.29
C LEU C 18 34.13 29.75 -2.92
N LEU C 19 34.15 28.86 -3.93
CA LEU C 19 35.35 28.60 -4.71
C LEU C 19 35.46 29.57 -5.87
N VAL C 20 36.64 30.16 -6.05
CA VAL C 20 36.85 31.13 -7.11
C VAL C 20 37.08 30.38 -8.43
N PRO C 21 36.43 30.74 -9.53
CA PRO C 21 36.69 30.04 -10.79
C PRO C 21 38.13 30.22 -11.21
N ASN C 22 38.69 29.18 -11.81
CA ASN C 22 40.03 29.18 -12.39
C ASN C 22 39.94 29.15 -13.92
N LYS C 23 41.06 29.46 -14.57
CA LYS C 23 41.19 29.19 -15.99
C LYS C 23 40.94 27.69 -16.19
N SER C 24 40.11 27.35 -17.18
CA SER C 24 39.77 25.96 -17.38
C SER C 24 40.04 25.55 -18.82
N GLU C 25 40.74 24.43 -19.00
CA GLU C 25 40.82 23.79 -20.32
C GLU C 25 40.18 22.41 -20.29
N VAL C 26 39.35 22.14 -19.30
CA VAL C 26 38.76 20.82 -19.13
C VAL C 26 37.25 20.99 -19.02
N LEU C 27 36.53 20.18 -19.78
CA LEU C 27 35.08 20.13 -19.72
C LEU C 27 34.65 19.20 -18.60
N PRO C 28 33.50 19.46 -17.98
CA PRO C 28 33.03 18.58 -16.88
C PRO C 28 33.00 17.10 -17.24
N ASN C 29 32.73 16.76 -18.49
CA ASN C 29 32.73 15.36 -18.90
C ASN C 29 34.12 14.77 -19.09
N GLU C 30 35.18 15.59 -19.03
CA GLU C 30 36.53 15.10 -19.19
C GLU C 30 37.24 14.82 -17.88
N VAL C 31 36.62 15.16 -16.72
CA VAL C 31 37.28 15.11 -15.43
C VAL C 31 37.18 13.72 -14.84
N SER C 32 38.13 13.37 -13.98
CA SER C 32 38.18 12.08 -13.31
C SER C 32 37.91 12.27 -11.83
N LEU C 33 36.99 11.45 -11.30
CA LEU C 33 36.59 11.53 -9.89
C LEU C 33 37.25 10.46 -9.03
N LYS C 34 38.18 9.68 -9.58
CA LYS C 34 38.86 8.64 -8.79
C LYS C 34 39.61 9.25 -7.63
N THR C 35 39.66 8.49 -6.52
CA THR C 35 40.29 8.98 -5.31
C THR C 35 40.84 7.78 -4.52
N GLN C 36 41.91 8.04 -3.76
CA GLN C 36 42.46 7.04 -2.84
C GLN C 36 41.84 7.26 -1.47
N LEU C 37 40.96 6.34 -1.07
CA LEU C 37 40.40 6.38 0.28
C LEU C 37 41.46 6.04 1.31
N THR C 38 42.29 5.05 0.99
CA THR C 38 43.55 4.78 1.66
C THR C 38 44.60 4.52 0.57
N LYS C 39 45.84 4.29 0.96
CA LYS C 39 46.86 3.97 -0.02
C LYS C 39 46.51 2.71 -0.81
N LYS C 40 45.67 1.85 -0.24
CA LYS C 40 45.33 0.58 -0.86
C LYS C 40 43.94 0.55 -1.48
N ILE C 41 43.03 1.45 -1.12
CA ILE C 41 41.66 1.41 -1.61
C ILE C 41 41.41 2.61 -2.50
N GLN C 42 41.12 2.35 -3.78
CA GLN C 42 40.70 3.41 -4.69
C GLN C 42 39.19 3.39 -4.85
N LEU C 43 38.58 4.58 -4.89
CA LEU C 43 37.16 4.73 -5.22
C LEU C 43 37.01 5.42 -6.58
N ASN C 44 36.04 4.95 -7.39
CA ASN C 44 35.76 5.61 -8.67
C ASN C 44 35.12 6.99 -8.51
N ILE C 45 34.33 7.18 -7.46
CA ILE C 45 33.78 8.50 -7.12
C ILE C 45 34.01 8.69 -5.63
N PRO C 46 34.21 9.94 -5.12
CA PRO C 46 34.64 10.17 -3.74
C PRO C 46 33.49 10.29 -2.74
N LEU C 47 32.57 9.32 -2.75
CA LEU C 47 31.36 9.44 -1.94
C LEU C 47 31.20 8.22 -1.06
N MET C 48 30.77 8.45 0.17
CA MET C 48 30.54 7.38 1.13
C MET C 48 29.19 7.57 1.81
N SER C 49 28.49 6.46 2.09
CA SER C 49 27.28 6.52 2.91
C SER C 49 27.61 6.25 4.38
N ALA C 50 26.93 6.97 5.26
CA ALA C 50 27.27 6.97 6.68
C ALA C 50 26.91 5.65 7.34
N SER C 51 27.67 5.30 8.38
CA SER C 51 27.39 4.05 9.12
C SER C 51 26.33 4.33 10.18
N MET C 52 25.12 4.53 9.70
CA MET C 52 23.98 4.79 10.57
C MET C 52 22.90 3.77 10.27
N ASP C 53 22.10 3.43 11.29
CA ASP C 53 21.06 2.42 11.14
C ASP C 53 19.85 2.93 10.38
N THR C 54 19.86 4.20 9.95
CA THR C 54 18.85 4.69 9.02
C THR C 54 19.46 5.08 7.67
N VAL C 55 20.70 4.66 7.40
CA VAL C 55 21.37 4.98 6.15
C VAL C 55 21.95 3.76 5.45
N THR C 56 22.83 2.98 6.10
CA THR C 56 23.64 1.99 5.37
C THR C 56 23.54 0.59 5.95
N GLU C 57 22.79 -0.28 5.25
CA GLU C 57 22.94 -1.72 5.42
C GLU C 57 23.39 -2.32 4.09
N SER C 58 23.27 -3.65 3.92
CA SER C 58 23.87 -4.25 2.73
C SER C 58 23.26 -3.70 1.43
N LYS C 59 21.98 -3.35 1.44
CA LYS C 59 21.37 -2.86 0.21
C LYS C 59 22.00 -1.53 -0.22
N MET C 60 22.20 -0.62 0.73
CA MET C 60 22.84 0.65 0.43
C MET C 60 24.31 0.49 0.07
N ALA C 61 25.03 -0.32 0.83
CA ALA C 61 26.44 -0.55 0.52
C ALA C 61 26.60 -1.14 -0.87
N ILE C 62 25.76 -2.11 -1.24
CA ILE C 62 25.82 -2.68 -2.58
C ILE C 62 25.59 -1.60 -3.62
N ALA C 63 24.56 -0.77 -3.43
CA ALA C 63 24.27 0.24 -4.43
C ALA C 63 25.35 1.32 -4.48
N MET C 64 25.84 1.76 -3.32
CA MET C 64 26.95 2.71 -3.28
C MET C 64 28.16 2.18 -4.04
N ALA C 65 28.52 0.92 -3.80
CA ALA C 65 29.68 0.35 -4.49
C ALA C 65 29.43 0.26 -5.99
N ARG C 66 28.22 -0.15 -6.40
CA ARG C 66 27.88 -0.19 -7.82
C ARG C 66 28.08 1.16 -8.48
N GLU C 67 27.80 2.23 -7.76
CA GLU C 67 27.96 3.58 -8.28
C GLU C 67 29.42 4.05 -8.28
N GLY C 68 30.30 3.29 -7.63
CA GLY C 68 31.71 3.66 -7.57
C GLY C 68 32.17 4.23 -6.25
N GLY C 69 31.28 4.36 -5.27
CA GLY C 69 31.62 4.79 -3.92
C GLY C 69 31.73 3.61 -2.99
N ILE C 70 31.34 3.82 -1.73
CA ILE C 70 31.41 2.74 -0.74
C ILE C 70 30.43 3.06 0.38
N GLY C 71 29.87 2.02 0.98
CA GLY C 71 29.03 2.15 2.17
C GLY C 71 29.71 1.54 3.38
N ILE C 72 29.46 2.13 4.55
CA ILE C 72 29.96 1.59 5.83
C ILE C 72 28.78 0.97 6.57
N ILE C 73 28.77 -0.35 6.71
CA ILE C 73 27.70 -1.03 7.44
C ILE C 73 27.73 -0.61 8.90
N HIS C 74 26.58 -0.19 9.42
CA HIS C 74 26.51 0.28 10.81
C HIS C 74 26.64 -0.90 11.78
N LYS C 75 26.93 -0.58 13.03
CA LYS C 75 27.19 -1.59 14.05
C LYS C 75 26.08 -1.70 15.08
N ASN C 76 24.90 -1.14 14.79
CA ASN C 76 23.77 -1.26 15.68
C ASN C 76 23.05 -2.58 15.42
N MET C 77 23.80 -3.67 15.49
CA MET C 77 23.30 -5.03 15.27
C MET C 77 24.33 -5.97 15.89
N THR C 78 23.94 -7.23 16.03
CA THR C 78 24.87 -8.21 16.57
C THR C 78 26.09 -8.34 15.67
N ILE C 79 27.18 -8.82 16.25
CA ILE C 79 28.39 -9.12 15.49
C ILE C 79 28.08 -10.05 14.32
N GLU C 80 27.25 -11.07 14.57
CA GLU C 80 26.94 -12.03 13.51
C GLU C 80 26.16 -11.36 12.38
N ASP C 81 25.17 -10.54 12.71
CA ASP C 81 24.39 -9.87 11.68
C ASP C 81 25.26 -8.93 10.85
N GLN C 82 26.24 -8.27 11.49
CA GLN C 82 27.09 -7.34 10.74
C GLN C 82 28.02 -8.10 9.80
N ALA C 83 28.55 -9.23 10.26
CA ALA C 83 29.33 -10.09 9.39
C ALA C 83 28.50 -10.58 8.22
N ARG C 84 27.25 -11.02 8.48
CA ARG C 84 26.36 -11.42 7.40
C ARG C 84 26.14 -10.27 6.41
N GLU C 85 26.02 -9.04 6.91
CA GLU C 85 25.79 -7.91 6.01
C GLU C 85 27.00 -7.64 5.13
N VAL C 86 28.20 -7.65 5.72
CA VAL C 86 29.42 -7.51 4.90
C VAL C 86 29.49 -8.63 3.88
N ASP C 87 29.09 -9.84 4.27
CA ASP C 87 29.16 -10.99 3.38
C ASP C 87 28.25 -10.82 2.18
N ARG C 88 27.05 -10.26 2.38
CA ARG C 88 26.15 -10.05 1.25
C ARG C 88 26.76 -9.10 0.23
N VAL C 89 27.45 -8.06 0.70
CA VAL C 89 28.05 -7.11 -0.23
C VAL C 89 29.20 -7.76 -0.99
N LYS C 90 30.06 -8.49 -0.28
CA LYS C 90 31.24 -9.09 -0.90
C LYS C 90 30.87 -10.12 -1.96
N ARG C 91 29.80 -10.88 -1.74
CA ARG C 91 29.42 -11.88 -2.72
C ARG C 91 28.58 -11.31 -3.85
N SER C 92 28.29 -10.01 -3.81
CA SER C 92 27.54 -9.33 -4.85
C SER C 92 28.43 -8.83 -5.99
N GLY C 93 29.59 -9.45 -6.19
CA GLY C 93 30.46 -9.08 -7.28
C GLY C 93 31.81 -8.54 -6.83
N GLY C 94 32.23 -8.90 -5.62
CA GLY C 94 33.48 -8.37 -5.11
C GLY C 94 33.45 -6.87 -4.85
N LEU C 95 32.27 -6.30 -4.70
CA LEU C 95 32.15 -4.88 -4.40
C LEU C 95 32.86 -4.53 -3.09
N LEU C 96 33.42 -3.32 -3.05
CA LEU C 96 34.01 -2.80 -1.83
C LEU C 96 32.98 -2.72 -0.71
N CYS C 97 33.44 -2.94 0.52
CA CYS C 97 32.54 -2.86 1.66
C CYS C 97 33.29 -2.36 2.89
N GLY C 98 32.61 -1.53 3.69
CA GLY C 98 33.18 -1.09 4.95
C GLY C 98 32.32 -1.50 6.13
N ALA C 99 32.87 -1.48 7.34
CA ALA C 99 32.09 -1.82 8.52
C ALA C 99 32.54 -0.98 9.70
N SER C 100 31.56 -0.53 10.49
CA SER C 100 31.83 0.29 11.66
C SER C 100 32.17 -0.58 12.87
N ILE C 101 33.09 -0.07 13.69
CA ILE C 101 33.51 -0.70 14.94
C ILE C 101 33.55 0.36 16.03
N GLY C 102 33.11 0.00 17.23
CA GLY C 102 33.17 0.88 18.38
C GLY C 102 34.28 0.47 19.35
N VAL C 103 34.55 1.38 20.29
CA VAL C 103 35.46 1.10 21.41
C VAL C 103 34.67 0.37 22.49
N THR C 104 34.59 -0.95 22.37
CA THR C 104 33.78 -1.76 23.26
C THR C 104 34.61 -2.92 23.78
N ASN C 105 34.10 -3.61 24.79
CA ASN C 105 34.78 -4.78 25.31
C ASN C 105 34.88 -5.91 24.28
N ASP C 106 33.98 -5.95 23.30
CA ASP C 106 33.98 -6.98 22.27
C ASP C 106 34.51 -6.47 20.94
N MET C 107 35.31 -5.40 20.96
CA MET C 107 35.81 -4.79 19.72
C MET C 107 36.51 -5.80 18.82
N MET C 108 37.51 -6.50 19.35
CA MET C 108 38.25 -7.45 18.51
C MET C 108 37.38 -8.58 18.02
N GLU C 109 36.39 -9.00 18.82
CA GLU C 109 35.47 -10.04 18.38
C GLU C 109 34.65 -9.58 17.19
N ARG C 110 34.22 -8.32 17.19
CA ARG C 110 33.48 -7.81 16.03
C ARG C 110 34.41 -7.65 14.83
N VAL C 111 35.61 -7.08 15.05
CA VAL C 111 36.60 -6.97 13.97
C VAL C 111 36.90 -8.34 13.37
N ASP C 112 37.12 -9.35 14.22
CA ASP C 112 37.39 -10.70 13.72
C ASP C 112 36.32 -11.18 12.75
N ALA C 113 35.05 -10.93 13.08
CA ALA C 113 33.95 -11.44 12.26
C ALA C 113 33.87 -10.73 10.92
N VAL C 114 34.01 -9.39 10.89
CA VAL C 114 33.91 -8.71 9.60
C VAL C 114 35.16 -8.97 8.77
N VAL C 115 36.31 -9.23 9.42
CA VAL C 115 37.51 -9.63 8.68
C VAL C 115 37.29 -10.96 7.98
N LYS C 116 36.70 -11.93 8.69
CA LYS C 116 36.38 -13.21 8.07
C LYS C 116 35.41 -13.07 6.91
N ALA C 117 34.47 -12.12 7.01
CA ALA C 117 33.54 -11.82 5.93
C ALA C 117 34.19 -10.99 4.82
N LYS C 118 35.49 -10.72 4.93
CA LYS C 118 36.29 -10.09 3.88
C LYS C 118 35.93 -8.60 3.72
N VAL C 119 35.68 -7.92 4.84
CA VAL C 119 35.50 -6.48 4.76
C VAL C 119 36.78 -5.85 4.23
N ASP C 120 36.64 -4.77 3.47
CA ASP C 120 37.80 -4.10 2.92
C ASP C 120 38.35 -3.02 3.84
N VAL C 121 37.51 -2.39 4.64
CA VAL C 121 37.95 -1.34 5.56
C VAL C 121 37.04 -1.34 6.78
N ILE C 122 37.62 -1.18 7.97
CA ILE C 122 36.79 -0.92 9.14
C ILE C 122 36.92 0.54 9.49
N VAL C 123 35.87 1.07 10.11
CA VAL C 123 35.86 2.44 10.62
C VAL C 123 35.73 2.32 12.14
N LEU C 124 36.81 2.62 12.86
CA LEU C 124 36.73 2.71 14.31
C LEU C 124 36.16 4.07 14.62
N ASP C 125 34.89 4.10 15.02
CA ASP C 125 34.02 5.25 14.86
C ASP C 125 33.41 5.59 16.21
N THR C 126 33.77 6.75 16.77
CA THR C 126 33.27 7.18 18.07
C THR C 126 32.98 8.67 18.02
N ALA C 127 32.30 9.14 19.08
CA ALA C 127 32.02 10.57 19.18
C ALA C 127 33.30 11.39 19.29
N HIS C 128 34.36 10.83 19.88
CA HIS C 128 35.56 11.61 20.14
C HIS C 128 36.72 10.71 19.74
N GLY C 129 37.13 10.81 18.47
CA GLY C 129 38.22 10.00 17.96
C GLY C 129 39.59 10.34 18.53
N HIS C 130 39.78 11.58 19.01
CA HIS C 130 41.08 11.97 19.55
C HIS C 130 41.16 11.58 21.02
N SER C 131 41.13 10.28 21.26
CA SER C 131 41.01 9.78 22.61
C SER C 131 41.90 8.56 22.79
N LYS C 132 42.19 8.24 24.05
CA LYS C 132 43.01 7.07 24.34
C LYS C 132 42.33 5.79 23.84
N GLY C 133 41.01 5.69 23.99
CA GLY C 133 40.34 4.45 23.59
C GLY C 133 40.51 4.16 22.12
N VAL C 134 40.37 5.19 21.27
CA VAL C 134 40.49 5.00 19.83
C VAL C 134 41.94 4.75 19.44
N ILE C 135 42.89 5.50 20.02
CA ILE C 135 44.31 5.33 19.72
C ILE C 135 44.77 3.92 20.07
N GLU C 136 44.40 3.42 21.26
CA GLU C 136 44.78 2.06 21.64
C GLU C 136 44.04 1.03 20.80
N GLY C 137 42.79 1.32 20.43
CA GLY C 137 42.05 0.43 19.57
C GLY C 137 42.70 0.26 18.20
N VAL C 138 43.08 1.37 17.58
CA VAL C 138 43.77 1.31 16.29
C VAL C 138 45.06 0.49 16.43
N LYS C 139 45.86 0.79 17.45
CA LYS C 139 47.09 0.03 17.66
C LYS C 139 46.82 -1.46 17.84
N ARG C 140 45.79 -1.80 18.60
CA ARG C 140 45.47 -3.21 18.82
C ARG C 140 45.06 -3.90 17.52
N ILE C 141 44.25 -3.22 16.70
CA ILE C 141 43.80 -3.82 15.44
C ILE C 141 44.96 -3.96 14.47
N LYS C 142 45.77 -2.90 14.34
CA LYS C 142 46.92 -2.95 13.44
C LYS C 142 47.95 -3.98 13.86
N ALA C 143 48.01 -4.33 15.14
CA ALA C 143 48.90 -5.39 15.59
C ALA C 143 48.40 -6.76 15.14
N LYS C 144 47.09 -7.01 15.24
CA LYS C 144 46.58 -8.34 14.89
C LYS C 144 46.42 -8.48 13.38
N TYR C 145 46.01 -7.40 12.71
CA TYR C 145 45.73 -7.39 11.26
C TYR C 145 46.51 -6.25 10.62
N PRO C 146 47.82 -6.41 10.43
CA PRO C 146 48.63 -5.31 9.88
C PRO C 146 48.13 -4.81 8.54
N GLU C 147 47.50 -5.68 7.74
CA GLU C 147 47.06 -5.33 6.40
C GLU C 147 45.65 -4.77 6.34
N LEU C 148 44.86 -4.95 7.38
CA LEU C 148 43.48 -4.46 7.39
C LEU C 148 43.46 -2.93 7.36
N GLN C 149 42.77 -2.36 6.37
CA GLN C 149 42.66 -0.90 6.29
C GLN C 149 41.74 -0.37 7.39
N VAL C 150 42.18 0.70 8.05
CA VAL C 150 41.48 1.25 9.20
C VAL C 150 41.30 2.74 9.02
N ILE C 151 40.04 3.20 9.04
CA ILE C 151 39.66 4.59 9.20
C ILE C 151 39.35 4.81 10.68
N ALA C 152 39.83 5.93 11.24
CA ALA C 152 39.50 6.26 12.62
C ALA C 152 38.96 7.68 12.69
N GLY C 153 37.98 7.87 13.59
CA GLY C 153 37.36 9.18 13.78
C GLY C 153 36.37 9.13 14.92
N ASN C 154 35.62 10.22 15.12
CA ASN C 154 35.74 11.45 14.34
C ASN C 154 36.60 12.47 15.07
N ILE C 155 37.24 13.34 14.30
CA ILE C 155 38.22 14.29 14.81
C ILE C 155 37.98 15.64 14.14
N ALA C 156 38.67 16.65 14.66
CA ALA C 156 38.53 17.98 14.05
C ALA C 156 39.81 18.79 14.16
N THR C 157 40.95 18.20 14.52
CA THR C 157 42.15 19.01 14.68
C THR C 157 43.35 18.33 14.02
N PRO C 158 44.34 19.12 13.58
CA PRO C 158 45.59 18.52 13.07
C PRO C 158 46.29 17.66 14.10
N GLU C 159 46.25 18.04 15.39
CA GLU C 159 46.89 17.21 16.40
C GLU C 159 46.28 15.81 16.41
N ALA C 160 44.96 15.73 16.19
CA ALA C 160 44.29 14.44 16.16
C ALA C 160 44.66 13.65 14.91
N VAL C 161 44.88 14.32 13.77
CA VAL C 161 45.36 13.59 12.58
C VAL C 161 46.71 12.97 12.88
N ARG C 162 47.60 13.74 13.50
CA ARG C 162 48.95 13.28 13.80
C ARG C 162 48.91 12.09 14.74
N ASP C 163 48.10 12.18 15.81
CA ASP C 163 48.08 11.10 16.80
C ASP C 163 47.45 9.83 16.24
N LEU C 164 46.41 9.96 15.41
CA LEU C 164 45.81 8.74 14.86
C LEU C 164 46.73 8.12 13.80
N ALA C 165 47.42 8.95 13.02
CA ALA C 165 48.39 8.43 12.05
C ALA C 165 49.51 7.71 12.76
N GLU C 166 50.04 8.30 13.83
CA GLU C 166 51.09 7.62 14.62
C GLU C 166 50.58 6.30 15.18
N ALA C 167 49.30 6.22 15.55
CA ALA C 167 48.73 4.97 16.06
C ALA C 167 48.60 3.91 14.97
N GLY C 168 48.65 4.30 13.70
CA GLY C 168 48.55 3.36 12.59
C GLY C 168 47.35 3.54 11.69
N ALA C 169 46.51 4.55 11.88
CA ALA C 169 45.35 4.70 11.02
C ALA C 169 45.78 4.91 9.57
N ASP C 170 45.04 4.31 8.65
CA ASP C 170 45.27 4.50 7.23
C ASP C 170 44.51 5.70 6.67
N CYS C 171 43.60 6.28 7.44
CA CYS C 171 42.73 7.37 7.02
C CYS C 171 42.02 7.86 8.27
N VAL C 172 41.74 9.16 8.31
CA VAL C 172 41.04 9.72 9.45
C VAL C 172 39.77 10.41 8.97
N LYS C 173 38.75 10.41 9.81
CA LYS C 173 37.45 10.94 9.44
C LYS C 173 37.15 12.20 10.27
N VAL C 174 36.82 13.29 9.57
CA VAL C 174 36.71 14.62 10.17
C VAL C 174 35.24 14.98 10.33
N GLY C 175 34.89 15.43 11.53
CA GLY C 175 33.56 15.97 11.74
C GLY C 175 33.14 15.86 13.18
N ILE C 176 33.17 16.97 13.92
CA ILE C 176 32.62 17.03 15.27
C ILE C 176 31.52 18.08 15.24
N GLY C 177 30.26 17.63 15.22
CA GLY C 177 29.11 18.51 15.30
C GLY C 177 28.44 19.04 14.04
N PRO C 178 28.90 18.72 12.81
CA PRO C 178 28.21 19.31 11.64
C PRO C 178 26.97 18.55 11.18
N GLY C 179 26.72 17.35 11.71
CA GLY C 179 25.67 16.50 11.15
C GLY C 179 24.29 17.14 11.26
N SER C 180 23.45 16.85 10.24
CA SER C 180 22.09 17.38 10.23
C SER C 180 21.32 16.99 11.49
N ILE C 181 21.57 15.79 12.02
CA ILE C 181 20.81 15.24 13.16
C ILE C 181 21.59 15.34 14.47
N CYS C 182 22.68 16.10 14.48
CA CYS C 182 23.62 16.18 15.58
C CYS C 182 23.35 17.38 16.48
N THR C 183 23.39 17.16 17.80
CA THR C 183 23.31 18.24 18.78
C THR C 183 24.56 18.34 19.66
N THR C 184 25.65 17.63 19.33
CA THR C 184 26.88 17.67 20.11
C THR C 184 27.28 19.11 20.46
N ARG C 185 27.28 19.99 19.46
CA ARG C 185 27.74 21.34 19.72
C ARG C 185 26.83 22.08 20.69
N ILE C 186 25.54 21.72 20.71
CA ILE C 186 24.56 22.44 21.51
C ILE C 186 24.59 21.90 22.93
N VAL C 187 24.75 20.59 23.09
CA VAL C 187 24.65 20.01 24.42
C VAL C 187 25.99 19.95 25.14
N ALA C 188 27.11 19.85 24.42
CA ALA C 188 28.44 19.81 25.05
C ALA C 188 29.25 21.06 24.80
N GLY C 189 28.88 21.87 23.80
CA GLY C 189 29.56 23.13 23.56
C GLY C 189 30.75 23.02 22.65
N VAL C 190 30.95 21.86 22.01
CA VAL C 190 32.23 21.46 21.40
C VAL C 190 32.04 21.17 19.92
N GLY C 191 32.95 21.67 19.11
CA GLY C 191 33.01 21.28 17.71
C GLY C 191 33.76 22.32 16.92
N VAL C 192 33.98 22.00 15.64
CA VAL C 192 34.68 22.92 14.75
C VAL C 192 33.88 23.05 13.46
N PRO C 193 33.50 24.26 13.04
CA PRO C 193 32.82 24.43 11.74
C PRO C 193 33.54 23.66 10.62
N GLN C 194 32.75 22.96 9.79
CA GLN C 194 33.28 21.77 9.11
C GLN C 194 34.27 22.11 7.98
N LEU C 195 34.11 23.24 7.30
CA LEU C 195 35.04 23.55 6.21
C LEU C 195 36.45 23.82 6.77
N THR C 196 36.53 24.66 7.80
CA THR C 196 37.81 24.87 8.46
C THR C 196 38.37 23.57 9.04
N ALA C 197 37.51 22.73 9.63
CA ALA C 197 38.00 21.51 10.23
C ALA C 197 38.61 20.61 9.15
N VAL C 198 37.94 20.50 7.99
CA VAL C 198 38.45 19.68 6.90
C VAL C 198 39.72 20.28 6.31
N MET C 199 39.73 21.60 6.11
CA MET C 199 40.92 22.24 5.55
C MET C 199 42.13 22.06 6.45
N ASP C 200 41.98 22.31 7.75
CA ASP C 200 43.12 22.21 8.66
C ASP C 200 43.58 20.76 8.87
N CYS C 201 42.64 19.82 8.93
CA CYS C 201 43.06 18.43 9.11
C CYS C 201 43.67 17.86 7.85
N ALA C 202 43.15 18.26 6.68
CA ALA C 202 43.69 17.76 5.42
C ALA C 202 45.08 18.31 5.18
N GLU C 203 45.35 19.54 5.65
CA GLU C 203 46.69 20.09 5.55
C GLU C 203 47.69 19.23 6.32
N GLU C 204 47.33 18.86 7.55
CA GLU C 204 48.20 17.97 8.32
C GLU C 204 48.28 16.59 7.65
N GLY C 205 47.14 16.08 7.16
CA GLY C 205 47.16 14.78 6.53
C GLY C 205 48.08 14.72 5.32
N LYS C 206 48.09 15.77 4.50
CA LYS C 206 48.96 15.72 3.33
C LYS C 206 50.43 15.74 3.72
N LYS C 207 50.77 16.44 4.80
CA LYS C 207 52.15 16.43 5.28
C LYS C 207 52.57 15.05 5.76
N LEU C 208 51.64 14.25 6.25
CA LEU C 208 51.95 12.94 6.80
C LEU C 208 51.62 11.81 5.85
N GLY C 209 51.04 12.10 4.70
CA GLY C 209 50.64 11.05 3.80
C GLY C 209 49.42 10.25 4.23
N ILE C 210 48.47 10.86 4.92
CA ILE C 210 47.27 10.17 5.39
C ILE C 210 46.04 10.92 4.89
N PRO C 211 45.13 10.27 4.19
CA PRO C 211 43.94 10.98 3.71
C PRO C 211 42.95 11.26 4.82
N VAL C 212 42.02 12.16 4.54
CA VAL C 212 41.00 12.54 5.52
C VAL C 212 39.64 12.57 4.83
N ILE C 213 38.61 12.12 5.53
CA ILE C 213 37.24 12.11 5.04
C ILE C 213 36.48 13.29 5.62
N ALA C 214 35.70 13.98 4.76
CA ALA C 214 34.80 15.06 5.20
C ALA C 214 33.43 14.44 5.51
N ASP C 215 33.13 14.26 6.80
CA ASP C 215 31.95 13.55 7.28
C ASP C 215 30.94 14.50 7.95
N GLY C 216 29.80 14.72 7.30
CA GLY C 216 28.70 15.40 7.95
C GLY C 216 28.53 16.84 7.46
N GLY C 217 27.28 17.32 7.51
CA GLY C 217 26.97 18.71 7.23
C GLY C 217 26.83 19.05 5.76
N LEU C 218 26.87 18.07 4.87
CA LEU C 218 26.75 18.32 3.44
C LEU C 218 25.28 18.30 3.06
N LYS C 219 24.85 19.32 2.30
CA LYS C 219 23.46 19.40 1.89
C LYS C 219 23.29 19.46 0.38
N TYR C 220 24.18 20.14 -0.33
CA TYR C 220 24.08 20.31 -1.77
C TYR C 220 25.34 19.75 -2.42
N SER C 221 25.25 19.49 -3.74
CA SER C 221 26.42 18.98 -4.46
C SER C 221 27.59 19.95 -4.37
N GLY C 222 27.32 21.26 -4.34
CA GLY C 222 28.39 22.24 -4.24
C GLY C 222 29.14 22.15 -2.91
N ASP C 223 28.48 21.65 -1.86
CA ASP C 223 29.20 21.47 -0.60
C ASP C 223 30.26 20.40 -0.71
N ILE C 224 29.97 19.33 -1.46
CA ILE C 224 30.96 18.28 -1.67
C ILE C 224 32.18 18.85 -2.40
N VAL C 225 31.94 19.68 -3.42
CA VAL C 225 33.05 20.29 -4.14
C VAL C 225 33.94 21.07 -3.19
N LYS C 226 33.34 21.85 -2.28
CA LYS C 226 34.15 22.61 -1.34
C LYS C 226 34.96 21.67 -0.45
N ALA C 227 34.35 20.56 0.01
CA ALA C 227 35.05 19.65 0.91
C ALA C 227 36.22 18.99 0.19
N LEU C 228 36.02 18.60 -1.08
CA LEU C 228 37.11 18.00 -1.83
C LEU C 228 38.20 19.03 -2.15
N ALA C 229 37.79 20.24 -2.51
CA ALA C 229 38.78 21.30 -2.78
C ALA C 229 39.59 21.65 -1.54
N ALA C 230 39.00 21.49 -0.34
CA ALA C 230 39.72 21.71 0.92
C ALA C 230 40.69 20.59 1.25
N GLY C 231 40.66 19.49 0.51
CA GLY C 231 41.65 18.43 0.65
C GLY C 231 41.10 17.11 1.14
N ALA C 232 39.79 16.98 1.35
CA ALA C 232 39.24 15.67 1.68
C ALA C 232 39.37 14.71 0.51
N CYS C 233 39.71 13.46 0.81
CA CYS C 233 39.75 12.41 -0.19
C CYS C 233 38.37 11.89 -0.56
N ALA C 234 37.38 12.11 0.32
CA ALA C 234 36.03 11.60 0.14
C ALA C 234 35.11 12.35 1.07
N ALA C 235 33.82 12.31 0.74
CA ALA C 235 32.76 12.95 1.50
C ALA C 235 31.81 11.87 1.98
N MET C 236 31.43 11.94 3.25
CA MET C 236 30.49 10.99 3.82
C MET C 236 29.20 11.72 4.15
N MET C 237 28.08 11.10 3.79
CA MET C 237 26.76 11.71 3.92
C MET C 237 25.78 10.75 4.58
N GLY C 238 25.00 11.27 5.50
CA GLY C 238 23.87 10.53 6.02
C GLY C 238 22.57 11.06 5.44
N SER C 239 22.32 12.36 5.63
CA SER C 239 21.05 12.96 5.26
C SER C 239 20.77 12.86 3.76
N ILE C 240 21.78 13.13 2.92
CA ILE C 240 21.57 13.11 1.46
C ILE C 240 21.16 11.73 0.97
N PHE C 241 21.50 10.67 1.71
CA PHE C 241 21.23 9.30 1.30
C PHE C 241 20.10 8.64 2.09
N ALA C 242 19.69 9.19 3.23
CA ALA C 242 18.75 8.49 4.09
C ALA C 242 17.35 8.38 3.47
N GLY C 243 17.01 9.28 2.54
CA GLY C 243 15.73 9.22 1.89
C GLY C 243 15.67 8.34 0.67
N CYS C 244 16.76 7.66 0.33
CA CYS C 244 16.77 6.87 -0.89
C CYS C 244 16.12 5.51 -0.64
N GLU C 245 15.65 4.91 -1.72
CA GLU C 245 15.00 3.61 -1.62
C GLU C 245 15.91 2.57 -0.96
N GLU C 246 17.21 2.66 -1.19
CA GLU C 246 18.14 1.65 -0.69
C GLU C 246 18.53 1.82 0.78
N ALA C 247 18.15 2.95 1.42
CA ALA C 247 18.41 3.08 2.85
C ALA C 247 17.40 2.26 3.64
N PRO C 248 17.75 1.83 4.85
CA PRO C 248 16.78 1.08 5.67
C PRO C 248 15.55 1.91 5.96
N GLY C 249 14.45 1.23 6.22
CA GLY C 249 13.27 1.92 6.69
C GLY C 249 12.18 1.97 5.66
N ALA C 250 10.93 1.90 6.13
CA ALA C 250 9.78 1.93 5.25
C ALA C 250 9.51 3.35 4.74
N ILE C 251 8.88 3.42 3.58
CA ILE C 251 8.43 4.69 3.03
C ILE C 251 7.10 5.05 3.70
N GLU C 252 7.09 6.17 4.41
CA GLU C 252 5.92 6.66 5.12
C GLU C 252 5.24 7.76 4.31
N ILE C 253 3.91 7.76 4.30
CA ILE C 253 3.13 8.75 3.57
C ILE C 253 2.33 9.56 4.58
N TYR C 254 2.40 10.88 4.48
CA TYR C 254 1.66 11.77 5.36
C TYR C 254 1.32 13.04 4.58
N GLN C 255 0.02 13.26 4.34
CA GLN C 255 -0.45 14.45 3.64
C GLN C 255 0.20 14.59 2.26
N GLY C 256 0.08 13.53 1.45
CA GLY C 256 0.58 13.57 0.09
C GLY C 256 2.08 13.67 -0.06
N ARG C 257 2.84 13.43 1.01
CA ARG C 257 4.29 13.49 0.99
C ARG C 257 4.86 12.17 1.46
N SER C 258 5.95 11.74 0.83
CA SER C 258 6.60 10.48 1.18
C SER C 258 7.83 10.78 2.01
N TYR C 259 8.01 10.03 3.10
CA TYR C 259 9.10 10.25 4.04
C TYR C 259 9.83 8.94 4.36
N LYS C 260 11.03 9.11 4.88
CA LYS C 260 11.80 8.03 5.50
C LYS C 260 12.35 8.53 6.83
N VAL C 261 12.47 7.61 7.79
CA VAL C 261 13.02 7.95 9.10
C VAL C 261 14.52 8.21 9.00
N TYR C 262 14.98 9.25 9.69
CA TYR C 262 16.40 9.54 9.80
C TYR C 262 16.65 10.03 11.22
N ARG C 263 17.69 9.50 11.87
CA ARG C 263 17.95 9.83 13.26
C ARG C 263 19.44 9.69 13.55
N GLY C 264 19.91 10.51 14.49
CA GLY C 264 21.29 10.38 14.93
C GLY C 264 21.54 9.06 15.64
N MET C 265 22.77 8.56 15.49
CA MET C 265 23.12 7.36 16.23
C MET C 265 23.27 7.64 17.71
N GLY C 266 23.45 8.91 18.09
CA GLY C 266 23.43 9.36 19.46
C GLY C 266 22.08 9.81 19.98
N SER C 267 20.99 9.55 19.24
CA SER C 267 19.66 9.90 19.69
C SER C 267 19.12 8.84 20.65
N LEU C 268 18.09 9.22 21.41
CA LEU C 268 17.47 8.28 22.35
C LEU C 268 17.03 7.01 21.64
N GLY C 269 16.35 7.17 20.50
CA GLY C 269 15.81 6.01 19.81
C GLY C 269 16.88 5.05 19.33
N ALA C 270 17.96 5.58 18.75
CA ALA C 270 19.03 4.72 18.24
C ALA C 270 19.77 4.02 19.37
N MET C 271 19.92 4.69 20.50
CA MET C 271 20.44 4.04 21.70
C MET C 271 19.31 3.21 22.32
N ALA C 272 19.16 2.00 21.80
CA ALA C 272 18.12 1.06 22.24
C ALA C 272 18.33 -0.31 21.61
N VAL C 288 23.48 11.32 28.13
CA VAL C 288 22.37 12.09 27.59
C VAL C 288 22.54 12.12 26.07
N PRO C 289 21.47 12.32 25.29
CA PRO C 289 21.60 12.20 23.84
C PRO C 289 22.44 13.32 23.24
N GLU C 290 23.00 13.04 22.05
CA GLU C 290 23.70 14.02 21.23
C GLU C 290 23.20 14.00 19.78
N GLY C 291 21.94 13.58 19.58
CA GLY C 291 21.30 13.58 18.29
C GLY C 291 19.79 13.67 18.43
N VAL C 292 19.13 13.88 17.28
CA VAL C 292 17.67 13.95 17.23
C VAL C 292 17.14 12.91 16.25
N GLU C 293 15.82 12.71 16.30
CA GLU C 293 15.11 11.74 15.49
C GLU C 293 14.04 12.45 14.69
N GLY C 294 13.96 12.15 13.40
CA GLY C 294 12.94 12.75 12.57
C GLY C 294 12.69 12.04 11.26
N ARG C 295 12.23 12.81 10.28
CA ARG C 295 11.90 12.33 8.95
C ARG C 295 12.46 13.29 7.92
N ILE C 296 12.86 12.73 6.78
CA ILE C 296 13.27 13.50 5.61
C ILE C 296 12.49 13.01 4.40
N ALA C 297 12.51 13.81 3.33
CA ALA C 297 11.75 13.47 2.14
C ALA C 297 12.27 12.18 1.51
N TYR C 298 11.36 11.38 0.97
CA TYR C 298 11.75 10.23 0.17
C TYR C 298 12.28 10.71 -1.18
N LYS C 299 13.40 10.15 -1.63
CA LYS C 299 14.08 10.63 -2.83
C LYS C 299 14.07 9.64 -3.99
N GLY C 300 13.47 8.46 -3.84
CA GLY C 300 13.59 7.47 -4.89
C GLY C 300 14.95 6.77 -4.86
N HIS C 301 15.38 6.29 -6.01
CA HIS C 301 16.56 5.43 -6.07
C HIS C 301 17.86 6.21 -5.92
N LEU C 302 18.83 5.60 -5.23
CA LEU C 302 20.15 6.18 -5.03
C LEU C 302 20.78 6.67 -6.34
N ALA C 303 20.64 5.89 -7.42
CA ALA C 303 21.24 6.24 -8.69
C ALA C 303 20.91 7.67 -9.13
N ASP C 304 19.65 8.08 -8.93
CA ASP C 304 19.23 9.42 -9.35
C ASP C 304 19.87 10.51 -8.49
N THR C 305 20.05 10.24 -7.20
CA THR C 305 20.74 11.20 -6.33
C THR C 305 22.21 11.29 -6.69
N ILE C 306 22.88 10.14 -6.82
CA ILE C 306 24.30 10.15 -7.19
C ILE C 306 24.51 10.91 -8.49
N TYR C 307 23.65 10.68 -9.49
CA TYR C 307 23.80 11.35 -10.77
C TYR C 307 23.86 12.86 -10.59
N GLN C 308 22.95 13.41 -9.78
CA GLN C 308 22.94 14.85 -9.54
C GLN C 308 24.20 15.30 -8.80
N LEU C 309 24.61 14.54 -7.78
CA LEU C 309 25.80 14.91 -7.03
C LEU C 309 27.04 14.91 -7.92
N ILE C 310 27.23 13.85 -8.69
CA ILE C 310 28.37 13.73 -9.59
C ILE C 310 28.36 14.84 -10.64
N GLY C 311 27.19 15.12 -11.22
CA GLY C 311 27.12 16.21 -12.18
C GLY C 311 27.53 17.55 -11.57
N GLY C 312 27.08 17.82 -10.35
CA GLY C 312 27.48 19.06 -9.68
C GLY C 312 28.97 19.10 -9.40
N ILE C 313 29.53 17.96 -8.98
CA ILE C 313 30.96 17.90 -8.71
C ILE C 313 31.74 18.13 -10.01
N LYS C 314 31.36 17.42 -11.08
CA LYS C 314 32.01 17.63 -12.37
C LYS C 314 31.89 19.06 -12.87
N SER C 315 30.72 19.69 -12.69
CA SER C 315 30.60 21.09 -13.03
C SER C 315 31.59 21.95 -12.25
N GLY C 316 31.69 21.75 -10.93
CA GLY C 316 32.60 22.54 -10.13
C GLY C 316 34.04 22.33 -10.56
N MET C 317 34.38 21.10 -10.90
CA MET C 317 35.75 20.83 -11.36
C MET C 317 36.00 21.50 -12.71
N GLY C 318 34.98 21.55 -13.57
CA GLY C 318 35.09 22.34 -14.80
C GLY C 318 35.37 23.81 -14.53
N TYR C 319 34.60 24.42 -13.61
CA TYR C 319 34.82 25.81 -13.24
C TYR C 319 36.23 26.05 -12.69
N LEU C 320 36.80 25.07 -12.00
CA LEU C 320 38.15 25.23 -11.45
C LEU C 320 39.23 24.64 -12.34
N GLY C 321 38.90 24.24 -13.57
CA GLY C 321 39.89 23.70 -14.48
C GLY C 321 40.62 22.51 -13.93
N ALA C 322 39.97 21.71 -13.10
CA ALA C 322 40.62 20.57 -12.47
C ALA C 322 40.28 19.28 -13.21
N PRO C 323 41.24 18.63 -13.91
CA PRO C 323 40.93 17.32 -14.49
C PRO C 323 40.88 16.19 -13.47
N THR C 324 41.44 16.41 -12.27
CA THR C 324 41.58 15.36 -11.25
C THR C 324 41.33 16.00 -9.89
N LEU C 325 41.00 15.16 -8.90
CA LEU C 325 40.75 15.71 -7.56
C LEU C 325 42.02 16.30 -6.94
N GLU C 326 43.17 15.69 -7.20
CA GLU C 326 44.42 16.25 -6.69
C GLU C 326 44.69 17.63 -7.29
N ASN C 327 44.35 17.81 -8.58
CA ASN C 327 44.52 19.12 -9.21
C ASN C 327 43.55 20.14 -8.61
N LEU C 328 42.34 19.70 -8.31
CA LEU C 328 41.36 20.59 -7.69
C LEU C 328 41.89 21.18 -6.39
N TYR C 329 42.42 20.32 -5.52
CA TYR C 329 42.94 20.74 -4.23
C TYR C 329 44.12 21.68 -4.39
N GLU C 330 45.05 21.35 -5.30
CA GLU C 330 46.27 22.14 -5.50
C GLU C 330 45.97 23.56 -5.97
N ASN C 331 44.87 23.78 -6.68
CA ASN C 331 44.66 25.08 -7.29
C ASN C 331 43.41 25.79 -6.79
N ALA C 332 42.76 25.27 -5.75
CA ALA C 332 41.53 25.87 -5.26
C ALA C 332 41.80 27.08 -4.39
N ASN C 333 41.04 28.14 -4.62
CA ASN C 333 41.08 29.34 -3.80
C ASN C 333 39.66 29.61 -3.34
N PHE C 334 39.49 29.94 -2.05
CA PHE C 334 38.19 30.25 -1.48
C PHE C 334 38.08 31.74 -1.20
N VAL C 335 36.85 32.27 -1.25
CA VAL C 335 36.55 33.54 -0.59
C VAL C 335 35.46 33.28 0.45
N VAL C 336 35.42 34.12 1.48
CA VAL C 336 34.35 34.12 2.46
C VAL C 336 33.22 35.01 1.96
N GLN C 337 31.99 34.54 2.11
CA GLN C 337 30.81 35.37 1.85
C GLN C 337 30.09 35.69 3.15
N THR C 338 29.42 36.84 3.17
CA THR C 338 28.60 37.21 4.32
C THR C 338 27.21 36.57 4.21
N SER C 339 26.36 36.83 5.19
CA SER C 339 25.00 36.35 5.06
C SER C 339 24.31 37.05 3.89
N ALA C 340 24.75 38.26 3.53
CA ALA C 340 24.19 38.88 2.32
C ALA C 340 24.70 38.20 1.06
N GLY C 341 25.98 37.82 1.01
CA GLY C 341 26.46 37.03 -0.12
C GLY C 341 25.73 35.71 -0.23
N PHE C 342 25.43 35.10 0.91
CA PHE C 342 24.70 33.83 0.92
C PHE C 342 23.32 33.98 0.27
N ARG C 343 22.60 35.06 0.61
CA ARG C 343 21.31 35.33 -0.03
C ARG C 343 21.45 35.52 -1.53
N GLU C 344 22.56 36.14 -1.96
CA GLU C 344 22.80 36.29 -3.40
C GLU C 344 23.09 34.95 -4.05
N SER C 345 23.84 34.09 -3.37
CA SER C 345 24.27 32.82 -3.93
C SER C 345 23.10 31.88 -4.18
N HIS C 346 22.12 31.89 -3.28
CA HIS C 346 20.90 31.13 -3.52
C HIS C 346 20.02 31.90 -4.50
N PRO C 347 19.15 31.20 -5.23
CA PRO C 347 18.08 31.91 -5.96
C PRO C 347 17.39 32.88 -5.01
N HIS C 348 17.02 34.03 -5.53
CA HIS C 348 16.41 35.08 -4.71
C HIS C 348 15.46 35.85 -5.59
N ASP C 349 14.42 36.44 -4.95
CA ASP C 349 13.50 37.34 -5.63
C ASP C 349 12.80 36.65 -6.80
N ILE C 350 12.47 35.38 -6.61
CA ILE C 350 11.78 34.57 -7.61
C ILE C 350 10.79 33.65 -6.89
N ASN C 351 9.58 33.52 -7.43
CA ASN C 351 8.64 32.50 -6.96
C ASN C 351 8.91 31.24 -7.77
N ILE C 352 9.67 30.29 -7.21
CA ILE C 352 10.02 29.07 -7.94
C ILE C 352 8.78 28.19 -8.09
N THR C 353 8.44 27.86 -9.34
CA THR C 353 7.21 27.10 -9.59
C THR C 353 7.46 25.70 -10.12
N LYS C 354 8.71 25.32 -10.34
CA LYS C 354 9.05 24.02 -10.90
C LYS C 354 10.15 23.41 -10.06
N GLU C 355 10.04 22.11 -9.78
CA GLU C 355 11.09 21.43 -9.03
C GLU C 355 12.35 21.36 -9.86
N ALA C 356 13.45 21.71 -9.25
CA ALA C 356 14.76 21.42 -9.78
C ALA C 356 15.28 20.16 -9.11
N PRO C 357 15.89 19.24 -9.87
CA PRO C 357 16.33 17.96 -9.26
C PRO C 357 17.52 18.09 -8.34
N ASN C 358 18.26 19.19 -8.39
CA ASN C 358 19.46 19.35 -7.57
C ASN C 358 19.38 20.57 -6.66
N TYR C 359 18.20 21.16 -6.52
CA TYR C 359 18.01 22.31 -5.64
C TYR C 359 16.64 22.23 -5.00
N SER C 360 16.60 22.32 -3.67
CA SER C 360 15.34 22.30 -2.95
C SER C 360 15.30 23.45 -1.94
N VAL C 361 14.07 23.78 -1.53
CA VAL C 361 13.75 24.83 -0.56
C VAL C 361 14.57 26.10 -0.79
N ALA D 5 1.45 -54.38 -18.27
CA ALA D 5 2.37 -53.44 -18.91
C ALA D 5 1.83 -53.06 -20.29
N ARG D 6 1.65 -51.76 -20.53
CA ARG D 6 1.04 -51.26 -21.75
C ARG D 6 1.66 -49.93 -22.15
N ILE D 7 1.83 -49.72 -23.45
CA ILE D 7 2.37 -48.47 -23.96
C ILE D 7 1.21 -47.56 -24.29
N LEU D 8 1.15 -46.40 -23.63
CA LEU D 8 -0.04 -45.55 -23.72
C LEU D 8 -0.09 -44.73 -24.99
N LYS D 9 1.02 -44.07 -25.34
CA LYS D 9 1.03 -43.15 -26.47
C LYS D 9 2.47 -42.68 -26.64
N THR D 10 2.70 -41.93 -27.71
CA THR D 10 3.94 -41.17 -27.84
C THR D 10 3.80 -39.85 -27.09
N ALA D 11 4.86 -39.50 -26.34
CA ALA D 11 4.87 -38.28 -25.55
C ALA D 11 5.98 -37.39 -26.05
N TYR D 12 5.74 -36.08 -26.06
CA TYR D 12 6.58 -35.11 -26.76
C TYR D 12 7.25 -34.15 -25.79
N THR D 13 8.44 -33.69 -26.15
CA THR D 13 9.16 -32.63 -25.47
C THR D 13 9.05 -31.37 -26.34
N PHE D 14 9.63 -30.27 -25.84
CA PHE D 14 9.50 -29.01 -26.57
C PHE D 14 10.04 -29.12 -28.00
N ASP D 15 11.20 -29.73 -28.18
CA ASP D 15 11.84 -29.81 -29.50
C ASP D 15 11.05 -30.64 -30.51
N ASP D 16 10.05 -31.42 -30.06
CA ASP D 16 9.22 -32.22 -30.97
C ASP D 16 8.14 -31.42 -31.67
N VAL D 17 7.94 -30.16 -31.29
CA VAL D 17 6.68 -29.51 -31.58
C VAL D 17 6.90 -28.05 -31.94
N LEU D 18 6.01 -27.51 -32.79
CA LEU D 18 6.03 -26.09 -33.14
C LEU D 18 4.62 -25.55 -33.07
N LEU D 19 4.48 -24.25 -32.78
CA LEU D 19 3.16 -23.61 -32.77
C LEU D 19 2.82 -23.04 -34.15
N VAL D 20 1.62 -23.30 -34.61
CA VAL D 20 1.11 -22.77 -35.88
C VAL D 20 0.73 -21.30 -35.70
N PRO D 21 1.21 -20.39 -36.55
CA PRO D 21 0.79 -18.98 -36.41
C PRO D 21 -0.71 -18.82 -36.60
N ASN D 22 -1.26 -17.86 -35.87
CA ASN D 22 -2.68 -17.48 -35.95
C ASN D 22 -2.82 -16.11 -36.60
N LYS D 23 -4.01 -15.80 -37.09
CA LYS D 23 -4.28 -14.42 -37.47
C LYS D 23 -4.10 -13.54 -36.25
N SER D 24 -3.36 -12.44 -36.39
CA SER D 24 -3.02 -11.57 -35.27
C SER D 24 -3.38 -10.11 -35.54
N GLU D 25 -3.85 -9.42 -34.49
CA GLU D 25 -3.99 -7.97 -34.53
C GLU D 25 -3.12 -7.28 -33.50
N VAL D 26 -2.20 -7.99 -32.86
CA VAL D 26 -1.35 -7.42 -31.82
C VAL D 26 0.08 -7.40 -32.32
N LEU D 27 0.76 -6.29 -32.05
CA LEU D 27 2.21 -6.25 -32.13
C LEU D 27 2.80 -6.82 -30.84
N PRO D 28 3.98 -7.44 -30.90
CA PRO D 28 4.64 -7.93 -29.68
C PRO D 28 4.66 -6.91 -28.53
N ASN D 29 5.04 -5.66 -28.80
CA ASN D 29 5.18 -4.67 -27.74
C ASN D 29 3.86 -4.36 -27.03
N GLU D 30 2.71 -4.67 -27.63
CA GLU D 30 1.42 -4.38 -27.03
C GLU D 30 0.91 -5.49 -26.12
N VAL D 31 1.67 -6.60 -26.00
CA VAL D 31 1.23 -7.82 -25.34
C VAL D 31 1.38 -7.71 -23.82
N SER D 32 0.53 -8.43 -23.08
CA SER D 32 0.58 -8.47 -21.61
C SER D 32 0.91 -9.86 -21.09
N LEU D 33 1.90 -9.94 -20.19
CA LEU D 33 2.44 -11.18 -19.69
C LEU D 33 2.02 -11.52 -18.25
N LYS D 34 1.02 -10.84 -17.72
CA LYS D 34 0.59 -11.14 -16.36
C LYS D 34 -0.04 -12.53 -16.28
N THR D 35 0.17 -13.18 -15.14
CA THR D 35 -0.31 -14.53 -14.95
C THR D 35 -0.60 -14.77 -13.48
N GLN D 36 -1.54 -15.66 -13.21
CA GLN D 36 -1.86 -16.06 -11.84
C GLN D 36 -1.05 -17.30 -11.50
N LEU D 37 -0.06 -17.13 -10.62
CA LEU D 37 0.68 -18.27 -10.07
C LEU D 37 -0.25 -19.13 -9.21
N THR D 38 -1.04 -18.49 -8.36
CA THR D 38 -2.15 -19.10 -7.63
C THR D 38 -3.32 -18.15 -7.74
N LYS D 39 -4.43 -18.50 -7.09
CA LYS D 39 -5.58 -17.61 -7.08
C LYS D 39 -5.26 -16.29 -6.41
N LYS D 40 -4.34 -16.30 -5.45
CA LYS D 40 -4.00 -15.09 -4.72
C LYS D 40 -2.73 -14.41 -5.22
N ILE D 41 -1.86 -15.08 -5.96
CA ILE D 41 -0.55 -14.54 -6.29
C ILE D 41 -0.49 -14.27 -7.79
N GLN D 42 -0.39 -12.99 -8.15
CA GLN D 42 -0.19 -12.60 -9.54
C GLN D 42 1.27 -12.25 -9.80
N LEU D 43 1.78 -12.64 -10.97
CA LEU D 43 3.11 -12.26 -11.43
C LEU D 43 2.99 -11.36 -12.64
N ASN D 44 3.89 -10.38 -12.76
CA ASN D 44 3.90 -9.58 -13.99
C ASN D 44 4.56 -10.32 -15.15
N ILE D 45 5.53 -11.18 -14.90
CA ILE D 45 6.02 -12.07 -15.97
C ILE D 45 5.94 -13.51 -15.47
N PRO D 46 5.62 -14.50 -16.38
CA PRO D 46 5.41 -15.90 -15.97
C PRO D 46 6.68 -16.73 -15.84
N LEU D 47 7.67 -16.20 -15.11
CA LEU D 47 8.97 -16.85 -15.00
C LEU D 47 9.34 -17.03 -13.53
N MET D 48 9.88 -18.21 -13.21
CA MET D 48 10.32 -18.56 -11.87
C MET D 48 11.73 -19.13 -11.92
N SER D 49 12.53 -18.84 -10.90
CA SER D 49 13.85 -19.42 -10.78
C SER D 49 13.82 -20.63 -9.84
N ALA D 50 14.56 -21.68 -10.21
CA ALA D 50 14.48 -22.96 -9.53
C ALA D 50 15.04 -22.89 -8.12
N SER D 51 14.54 -23.76 -7.24
CA SER D 51 14.97 -23.77 -5.84
C SER D 51 16.14 -24.76 -5.69
N MET D 52 17.27 -24.35 -6.21
CA MET D 52 18.47 -25.17 -6.21
C MET D 52 19.59 -24.34 -5.60
N ASP D 53 20.57 -25.03 -4.98
CA ASP D 53 21.64 -24.31 -4.30
C ASP D 53 22.68 -23.74 -5.24
N THR D 54 22.50 -23.89 -6.55
CA THR D 54 23.27 -23.15 -7.53
C THR D 54 22.41 -22.20 -8.36
N VAL D 55 21.18 -21.91 -7.92
CA VAL D 55 20.31 -21.05 -8.71
C VAL D 55 19.71 -19.92 -7.86
N THR D 56 19.00 -20.25 -6.77
CA THR D 56 18.22 -19.22 -6.04
C THR D 56 18.55 -19.14 -4.56
N GLU D 57 19.23 -18.07 -4.17
CA GLU D 57 19.19 -17.56 -2.79
C GLU D 57 18.57 -16.16 -2.84
N SER D 58 18.68 -15.39 -1.76
CA SER D 58 17.95 -14.12 -1.70
C SER D 58 18.35 -13.18 -2.83
N LYS D 59 19.63 -13.19 -3.21
CA LYS D 59 20.09 -12.33 -4.29
C LYS D 59 19.32 -12.61 -5.58
N MET D 60 19.24 -13.88 -5.97
CA MET D 60 18.46 -14.24 -7.14
C MET D 60 16.99 -13.90 -6.93
N ALA D 61 16.44 -14.23 -5.76
CA ALA D 61 15.00 -14.05 -5.54
C ALA D 61 14.60 -12.58 -5.65
N ILE D 62 15.42 -11.69 -5.11
CA ILE D 62 15.15 -10.25 -5.22
C ILE D 62 15.17 -9.82 -6.68
N ALA D 63 16.18 -10.25 -7.42
CA ALA D 63 16.29 -9.87 -8.83
C ALA D 63 15.10 -10.38 -9.62
N MET D 64 14.74 -11.66 -9.43
CA MET D 64 13.57 -12.21 -10.13
C MET D 64 12.32 -11.39 -9.84
N ALA D 65 12.10 -10.99 -8.58
CA ALA D 65 10.90 -10.24 -8.23
C ALA D 65 10.92 -8.83 -8.82
N ARG D 66 12.08 -8.17 -8.79
CA ARG D 66 12.22 -6.88 -9.45
C ARG D 66 11.87 -6.95 -10.93
N GLU D 67 12.15 -8.10 -11.58
CA GLU D 67 11.85 -8.27 -12.99
C GLU D 67 10.40 -8.66 -13.24
N GLY D 68 9.63 -8.95 -12.19
CA GLY D 68 8.23 -9.32 -12.30
C GLY D 68 7.92 -10.78 -12.03
N GLY D 69 8.93 -11.63 -11.94
CA GLY D 69 8.71 -13.04 -11.62
C GLY D 69 8.88 -13.31 -10.13
N ILE D 70 9.47 -14.46 -9.81
CA ILE D 70 9.63 -14.88 -8.43
C ILE D 70 10.74 -15.92 -8.37
N GLY D 71 11.44 -15.95 -7.25
CA GLY D 71 12.43 -16.99 -6.98
C GLY D 71 12.01 -17.82 -5.79
N ILE D 72 12.30 -19.11 -5.85
CA ILE D 72 12.04 -20.04 -4.76
C ILE D 72 13.37 -20.32 -4.06
N ILE D 73 13.50 -19.89 -2.81
CA ILE D 73 14.75 -20.07 -2.09
C ILE D 73 14.94 -21.54 -1.74
N HIS D 74 16.10 -22.09 -2.10
CA HIS D 74 16.34 -23.51 -1.87
C HIS D 74 16.44 -23.81 -0.38
N LYS D 75 16.27 -25.09 -0.03
CA LYS D 75 16.21 -25.52 1.35
C LYS D 75 17.49 -26.20 1.82
N ASN D 76 18.55 -26.16 1.01
CA ASN D 76 19.85 -26.76 1.37
C ASN D 76 20.63 -25.83 2.30
N MET D 77 20.05 -25.59 3.47
CA MET D 77 20.59 -24.69 4.48
C MET D 77 19.75 -24.91 5.74
N THR D 78 20.22 -24.37 6.85
CA THR D 78 19.46 -24.53 8.08
C THR D 78 18.11 -23.82 7.97
N ILE D 79 17.18 -24.19 8.86
CA ILE D 79 15.89 -23.51 8.90
C ILE D 79 16.11 -22.02 9.15
N GLU D 80 17.00 -21.70 10.08
CA GLU D 80 17.27 -20.31 10.44
C GLU D 80 17.79 -19.52 9.25
N ASP D 81 18.71 -20.10 8.46
CA ASP D 81 19.26 -19.41 7.31
C ASP D 81 18.19 -19.15 6.25
N GLN D 82 17.32 -20.14 6.01
CA GLN D 82 16.31 -19.98 4.97
C GLN D 82 15.30 -18.93 5.36
N ALA D 83 14.95 -18.84 6.65
CA ALA D 83 14.09 -17.77 7.12
C ALA D 83 14.76 -16.41 6.93
N ARG D 84 16.06 -16.32 7.28
CA ARG D 84 16.80 -15.09 7.02
C ARG D 84 16.77 -14.70 5.55
N GLU D 85 16.89 -15.70 4.66
CA GLU D 85 16.89 -15.41 3.24
C GLU D 85 15.54 -14.85 2.80
N VAL D 86 14.45 -15.49 3.24
CA VAL D 86 13.11 -14.98 2.93
C VAL D 86 12.92 -13.59 3.50
N ASP D 87 13.30 -13.41 4.77
CA ASP D 87 13.28 -12.11 5.41
C ASP D 87 13.95 -11.05 4.55
N ARG D 88 15.17 -11.34 4.08
CA ARG D 88 15.94 -10.37 3.30
C ARG D 88 15.21 -9.96 2.04
N VAL D 89 14.56 -10.92 1.37
CA VAL D 89 13.79 -10.59 0.18
C VAL D 89 12.58 -9.74 0.54
N LYS D 90 11.83 -10.15 1.57
CA LYS D 90 10.59 -9.45 1.91
C LYS D 90 10.84 -8.03 2.41
N ARG D 91 11.92 -7.83 3.16
CA ARG D 91 12.25 -6.48 3.63
C ARG D 91 12.86 -5.62 2.54
N SER D 92 13.22 -6.19 1.40
CA SER D 92 13.77 -5.41 0.31
C SER D 92 12.71 -4.63 -0.46
N GLY D 93 11.50 -4.53 0.07
CA GLY D 93 10.51 -3.61 -0.48
C GLY D 93 9.28 -4.26 -1.06
N GLY D 94 8.65 -5.18 -0.32
CA GLY D 94 7.42 -5.78 -0.79
C GLY D 94 7.58 -6.57 -2.06
N LEU D 95 8.70 -7.26 -2.22
CA LEU D 95 8.92 -8.17 -3.32
C LEU D 95 8.38 -9.54 -2.96
N LEU D 96 7.81 -10.25 -3.95
CA LEU D 96 7.34 -11.60 -3.70
C LEU D 96 8.52 -12.53 -3.44
N CYS D 97 8.27 -13.59 -2.68
CA CYS D 97 9.33 -14.55 -2.37
C CYS D 97 8.70 -15.91 -2.07
N GLY D 98 9.28 -16.97 -2.62
CA GLY D 98 8.93 -18.33 -2.26
C GLY D 98 10.09 -19.04 -1.56
N ALA D 99 9.76 -20.20 -0.99
CA ALA D 99 10.76 -21.02 -0.31
C ALA D 99 10.40 -22.50 -0.47
N SER D 100 11.44 -23.32 -0.67
CA SER D 100 11.29 -24.77 -0.78
C SER D 100 11.14 -25.44 0.58
N ILE D 101 10.28 -26.46 0.63
CA ILE D 101 10.06 -27.29 1.80
C ILE D 101 10.15 -28.75 1.36
N GLY D 102 10.74 -29.59 2.21
CA GLY D 102 10.85 -31.01 1.94
C GLY D 102 9.94 -31.86 2.81
N VAL D 103 9.76 -33.12 2.39
CA VAL D 103 9.04 -34.09 3.21
C VAL D 103 10.02 -34.61 4.27
N THR D 104 10.14 -33.88 5.37
CA THR D 104 11.15 -34.12 6.39
C THR D 104 10.49 -34.12 7.77
N ASN D 105 11.25 -34.57 8.78
CA ASN D 105 10.77 -34.53 10.17
C ASN D 105 10.52 -33.11 10.64
N ASP D 106 11.38 -32.17 10.23
CA ASP D 106 11.26 -30.78 10.63
C ASP D 106 10.45 -29.95 9.64
N MET D 107 9.66 -30.62 8.79
CA MET D 107 8.89 -29.91 7.77
C MET D 107 8.11 -28.74 8.35
N MET D 108 7.37 -29.00 9.44
N MET D 108 7.32 -29.00 9.40
CA MET D 108 6.53 -27.96 10.02
CA MET D 108 6.45 -27.94 9.90
C MET D 108 7.37 -26.89 10.73
C MET D 108 7.25 -26.81 10.55
N GLU D 109 8.47 -27.29 11.38
N GLU D 109 8.35 -27.15 11.23
CA GLU D 109 9.44 -26.32 11.88
CA GLU D 109 9.18 -26.12 11.83
C GLU D 109 9.83 -25.34 10.79
C GLU D 109 9.89 -25.28 10.78
N ARG D 110 10.24 -25.87 9.63
CA ARG D 110 10.76 -25.05 8.54
C ARG D 110 9.67 -24.16 7.99
N VAL D 111 8.47 -24.72 7.76
CA VAL D 111 7.34 -23.91 7.32
C VAL D 111 7.06 -22.80 8.33
N ASP D 112 7.06 -23.14 9.61
CA ASP D 112 6.84 -22.15 10.66
C ASP D 112 7.78 -20.95 10.53
N ALA D 113 9.06 -21.21 10.28
CA ALA D 113 10.03 -20.11 10.21
C ALA D 113 9.82 -19.26 8.97
N VAL D 114 9.59 -19.88 7.81
CA VAL D 114 9.45 -19.07 6.60
C VAL D 114 8.13 -18.29 6.60
N VAL D 115 7.07 -18.84 7.20
CA VAL D 115 5.85 -18.03 7.32
C VAL D 115 6.08 -16.90 8.30
N LYS D 116 6.80 -17.16 9.40
CA LYS D 116 7.22 -16.08 10.29
C LYS D 116 7.92 -14.98 9.50
N ALA D 117 8.80 -15.36 8.57
CA ALA D 117 9.51 -14.39 7.74
C ALA D 117 8.65 -13.82 6.62
N LYS D 118 7.36 -14.18 6.57
CA LYS D 118 6.38 -13.64 5.61
C LYS D 118 6.65 -14.12 4.18
N VAL D 119 6.96 -15.41 4.03
CA VAL D 119 7.07 -15.98 2.69
C VAL D 119 5.72 -15.86 1.99
N ASP D 120 5.75 -15.62 0.68
CA ASP D 120 4.51 -15.47 -0.07
C ASP D 120 3.96 -16.80 -0.56
N VAL D 121 4.83 -17.76 -0.83
CA VAL D 121 4.40 -19.06 -1.31
C VAL D 121 5.43 -20.10 -0.88
N ILE D 122 4.95 -21.26 -0.46
CA ILE D 122 5.80 -22.41 -0.15
C ILE D 122 5.73 -23.40 -1.30
N VAL D 123 6.85 -24.07 -1.58
CA VAL D 123 6.90 -25.14 -2.58
C VAL D 123 7.29 -26.42 -1.85
N LEU D 124 6.33 -27.33 -1.70
CA LEU D 124 6.63 -28.64 -1.11
C LEU D 124 7.15 -29.49 -2.27
N ASP D 125 8.48 -29.61 -2.34
N ASP D 125 8.47 -29.53 -2.44
CA ASP D 125 9.18 -30.06 -3.53
CA ASP D 125 9.05 -30.08 -3.65
C ASP D 125 9.90 -31.37 -3.25
C ASP D 125 9.89 -31.31 -3.34
N THR D 126 9.54 -32.42 -3.98
CA THR D 126 10.18 -33.71 -3.84
C THR D 126 10.42 -34.28 -5.24
N ALA D 127 11.25 -35.33 -5.30
CA ALA D 127 11.41 -36.08 -6.55
C ALA D 127 10.09 -36.66 -7.05
N HIS D 128 9.22 -37.07 -6.14
CA HIS D 128 7.98 -37.75 -6.54
C HIS D 128 6.84 -37.12 -5.75
N GLY D 129 6.24 -36.06 -6.32
CA GLY D 129 5.14 -35.36 -5.68
C GLY D 129 3.85 -36.14 -5.57
N HIS D 130 3.65 -37.15 -6.43
CA HIS D 130 2.44 -37.97 -6.38
C HIS D 130 2.63 -39.08 -5.35
N SER D 131 2.65 -38.67 -4.07
CA SER D 131 3.10 -39.59 -3.03
C SER D 131 2.38 -39.30 -1.72
N LYS D 132 2.30 -40.33 -0.88
CA LYS D 132 1.65 -40.18 0.41
C LYS D 132 2.31 -39.07 1.22
N GLY D 133 3.64 -38.98 1.17
CA GLY D 133 4.35 -37.98 1.94
C GLY D 133 3.93 -36.57 1.57
N VAL D 134 3.86 -36.28 0.28
CA VAL D 134 3.52 -34.95 -0.18
C VAL D 134 2.04 -34.65 0.06
N ILE D 135 1.17 -35.61 -0.23
CA ILE D 135 -0.26 -35.41 -0.02
C ILE D 135 -0.55 -35.09 1.43
N GLU D 136 0.02 -35.86 2.35
CA GLU D 136 -0.23 -35.61 3.77
C GLU D 136 0.51 -34.37 4.24
N GLY D 137 1.70 -34.11 3.69
CA GLY D 137 2.38 -32.86 3.96
C GLY D 137 1.53 -31.66 3.60
N VAL D 138 0.98 -31.64 2.38
CA VAL D 138 0.07 -30.57 1.98
C VAL D 138 -1.09 -30.45 2.96
N LYS D 139 -1.69 -31.60 3.33
CA LYS D 139 -2.82 -31.56 4.24
C LYS D 139 -2.43 -30.94 5.57
N ARG D 140 -1.26 -31.31 6.10
CA ARG D 140 -0.82 -30.79 7.39
C ARG D 140 -0.58 -29.28 7.31
N ILE D 141 0.09 -28.82 6.25
CA ILE D 141 0.38 -27.39 6.13
C ILE D 141 -0.92 -26.60 5.98
N LYS D 142 -1.85 -27.10 5.17
CA LYS D 142 -3.09 -26.38 4.94
C LYS D 142 -3.97 -26.36 6.17
N ALA D 143 -3.94 -27.41 6.98
CA ALA D 143 -4.71 -27.41 8.21
C ALA D 143 -4.19 -26.36 9.18
N LYS D 144 -2.87 -26.13 9.20
CA LYS D 144 -2.32 -25.14 10.13
C LYS D 144 -2.36 -23.72 9.57
N TYR D 145 -2.00 -23.54 8.31
CA TYR D 145 -1.98 -22.24 7.65
C TYR D 145 -2.91 -22.29 6.45
N PRO D 146 -4.23 -22.15 6.66
CA PRO D 146 -5.18 -22.30 5.55
C PRO D 146 -4.99 -21.29 4.44
N GLU D 147 -4.50 -20.09 4.75
CA GLU D 147 -4.29 -19.04 3.77
C GLU D 147 -2.95 -19.16 3.05
N LEU D 148 -2.02 -19.96 3.56
CA LEU D 148 -0.69 -20.02 2.98
C LEU D 148 -0.74 -20.67 1.60
N GLN D 149 -0.21 -19.98 0.60
CA GLN D 149 -0.20 -20.49 -0.76
C GLN D 149 0.84 -21.58 -0.90
N VAL D 150 0.44 -22.70 -1.50
CA VAL D 150 1.23 -23.92 -1.48
C VAL D 150 1.33 -24.44 -2.92
N ILE D 151 2.55 -24.53 -3.43
CA ILE D 151 2.86 -25.28 -4.65
C ILE D 151 3.39 -26.65 -4.25
N ALA D 152 2.91 -27.69 -4.92
CA ALA D 152 3.30 -29.06 -4.63
C ALA D 152 3.82 -29.74 -5.89
N GLY D 153 4.91 -30.49 -5.77
CA GLY D 153 5.49 -31.18 -6.92
C GLY D 153 6.62 -32.08 -6.50
N ASN D 154 7.30 -32.68 -7.48
CA ASN D 154 6.95 -32.58 -8.90
C ASN D 154 6.15 -33.79 -9.37
N ILE D 155 5.35 -33.60 -10.43
CA ILE D 155 4.43 -34.61 -10.94
C ILE D 155 4.48 -34.60 -12.45
N ALA D 156 3.83 -35.59 -13.03
CA ALA D 156 3.73 -35.65 -14.49
C ALA D 156 2.43 -36.25 -15.01
N THR D 157 1.40 -36.47 -14.18
CA THR D 157 0.16 -37.06 -14.65
C THR D 157 -1.06 -36.26 -14.21
N PRO D 158 -2.15 -36.32 -14.98
CA PRO D 158 -3.40 -35.70 -14.51
C PRO D 158 -3.93 -36.28 -13.20
N GLU D 159 -3.72 -37.58 -12.96
CA GLU D 159 -4.17 -38.15 -11.69
C GLU D 159 -3.44 -37.49 -10.52
N ALA D 160 -2.14 -37.19 -10.70
CA ALA D 160 -1.39 -36.49 -9.68
C ALA D 160 -1.91 -35.07 -9.49
N VAL D 161 -2.26 -34.38 -10.58
CA VAL D 161 -2.87 -33.05 -10.45
C VAL D 161 -4.10 -33.11 -9.58
N ARG D 162 -4.99 -34.06 -9.88
CA ARG D 162 -6.25 -34.21 -9.16
C ARG D 162 -5.99 -34.51 -7.68
N ASP D 163 -5.08 -35.44 -7.39
CA ASP D 163 -4.83 -35.81 -6.01
C ASP D 163 -4.21 -34.67 -5.21
N LEU D 164 -3.29 -33.91 -5.81
CA LEU D 164 -2.68 -32.82 -5.06
C LEU D 164 -3.65 -31.66 -4.87
N ALA D 165 -4.53 -31.41 -5.84
CA ALA D 165 -5.58 -30.40 -5.67
C ALA D 165 -6.49 -30.79 -4.52
N GLU D 166 -6.94 -32.06 -4.51
CA GLU D 166 -7.82 -32.52 -3.46
C GLU D 166 -7.14 -32.48 -2.09
N ALA D 167 -5.81 -32.57 -2.05
CA ALA D 167 -5.08 -32.42 -0.80
C ALA D 167 -5.04 -30.98 -0.33
N GLY D 168 -5.34 -30.02 -1.21
CA GLY D 168 -5.33 -28.63 -0.86
C GLY D 168 -4.24 -27.80 -1.51
N ALA D 169 -3.54 -28.33 -2.52
CA ALA D 169 -2.51 -27.53 -3.17
C ALA D 169 -3.16 -26.38 -3.93
N ASP D 170 -2.47 -25.25 -3.96
CA ASP D 170 -2.94 -24.09 -4.71
C ASP D 170 -2.36 -24.04 -6.12
N CYS D 171 -1.41 -24.90 -6.42
CA CYS D 171 -0.71 -24.93 -7.69
C CYS D 171 0.15 -26.19 -7.69
N VAL D 172 0.34 -26.78 -8.86
CA VAL D 172 1.17 -27.97 -8.94
C VAL D 172 2.26 -27.76 -9.96
N LYS D 173 3.40 -28.38 -9.70
CA LYS D 173 4.58 -28.19 -10.52
C LYS D 173 4.89 -29.47 -11.28
N VAL D 174 5.02 -29.36 -12.60
CA VAL D 174 5.10 -30.48 -13.52
C VAL D 174 6.54 -30.64 -13.95
N GLY D 175 7.07 -31.84 -13.81
CA GLY D 175 8.37 -32.13 -14.42
C GLY D 175 9.09 -33.27 -13.75
N ILE D 176 9.08 -34.43 -14.39
CA ILE D 176 9.77 -35.61 -13.90
C ILE D 176 10.79 -35.98 -14.97
N GLY D 177 12.05 -35.61 -14.73
CA GLY D 177 13.14 -35.97 -15.63
C GLY D 177 13.57 -35.04 -16.77
N PRO D 178 12.94 -33.87 -16.99
CA PRO D 178 13.39 -33.04 -18.12
C PRO D 178 14.58 -32.15 -17.81
N GLY D 179 14.97 -32.05 -16.53
CA GLY D 179 15.97 -31.07 -16.16
C GLY D 179 17.30 -31.28 -16.87
N SER D 180 18.00 -30.18 -17.10
CA SER D 180 19.28 -30.28 -17.80
C SER D 180 20.28 -31.12 -17.02
N ILE D 181 20.22 -31.08 -15.69
CA ILE D 181 21.17 -31.78 -14.82
C ILE D 181 20.59 -33.07 -14.27
N CYS D 182 19.43 -33.49 -14.76
CA CYS D 182 18.67 -34.60 -14.21
C CYS D 182 19.04 -35.93 -14.86
N THR D 183 19.19 -36.98 -14.04
CA THR D 183 19.38 -38.33 -14.57
C THR D 183 18.27 -39.29 -14.13
N THR D 184 17.20 -38.79 -13.51
CA THR D 184 16.10 -39.64 -13.04
C THR D 184 15.62 -40.61 -14.10
N ARG D 185 15.45 -40.14 -15.35
CA ARG D 185 14.94 -41.05 -16.38
C ARG D 185 15.96 -42.12 -16.72
N ILE D 186 17.24 -41.81 -16.59
CA ILE D 186 18.27 -42.76 -16.97
C ILE D 186 18.49 -43.79 -15.86
N VAL D 187 18.49 -43.34 -14.61
CA VAL D 187 18.81 -44.23 -13.49
C VAL D 187 17.59 -44.98 -12.97
N ALA D 188 16.40 -44.36 -13.00
CA ALA D 188 15.18 -44.99 -12.52
C ALA D 188 14.29 -45.49 -13.64
N GLY D 189 14.49 -45.00 -14.87
CA GLY D 189 13.65 -45.40 -16.00
C GLY D 189 12.35 -44.64 -16.14
N VAL D 190 12.16 -43.55 -15.39
CA VAL D 190 10.84 -42.98 -15.12
C VAL D 190 10.80 -41.52 -15.56
N GLY D 191 9.70 -41.12 -16.18
CA GLY D 191 9.49 -39.73 -16.53
C GLY D 191 8.54 -39.64 -17.70
N VAL D 192 8.11 -38.41 -17.99
CA VAL D 192 7.23 -38.13 -19.11
C VAL D 192 7.80 -36.94 -19.88
N PRO D 193 8.07 -37.07 -21.17
CA PRO D 193 8.53 -35.91 -21.96
C PRO D 193 7.67 -34.67 -21.68
N GLN D 194 8.35 -33.52 -21.57
CA GLN D 194 7.80 -32.41 -20.77
C GLN D 194 6.63 -31.70 -21.45
N LEU D 195 6.62 -31.60 -22.78
CA LEU D 195 5.53 -30.88 -23.43
C LEU D 195 4.21 -31.65 -23.25
N THR D 196 4.25 -32.96 -23.48
CA THR D 196 3.07 -33.77 -23.20
C THR D 196 2.70 -33.72 -21.71
N ALA D 197 3.69 -33.80 -20.83
CA ALA D 197 3.41 -33.77 -19.40
C ALA D 197 2.66 -32.49 -19.03
N VAL D 198 3.15 -31.34 -19.53
CA VAL D 198 2.53 -30.07 -19.22
C VAL D 198 1.14 -29.99 -19.83
N MET D 199 0.97 -30.45 -21.07
N MET D 199 1.00 -30.42 -21.09
CA MET D 199 -0.33 -30.32 -21.72
CA MET D 199 -0.30 -30.36 -21.75
C MET D 199 -1.38 -31.22 -21.06
C MET D 199 -1.33 -31.19 -21.00
N ASP D 200 -1.01 -32.45 -20.71
CA ASP D 200 -1.97 -33.34 -20.07
C ASP D 200 -2.29 -32.89 -18.64
N CYS D 201 -1.29 -32.40 -17.90
CA CYS D 201 -1.55 -31.94 -16.54
C CYS D 201 -2.31 -30.61 -16.52
N ALA D 202 -1.99 -29.69 -17.44
CA ALA D 202 -2.69 -28.42 -17.48
C ALA D 202 -4.15 -28.60 -17.85
N GLU D 203 -4.42 -29.54 -18.77
CA GLU D 203 -5.82 -29.82 -19.12
C GLU D 203 -6.61 -30.22 -17.89
N GLU D 204 -6.03 -31.07 -17.04
CA GLU D 204 -6.74 -31.47 -15.83
C GLU D 204 -6.82 -30.31 -14.85
N GLY D 205 -5.74 -29.52 -14.74
CA GLY D 205 -5.77 -28.39 -13.82
C GLY D 205 -6.81 -27.35 -14.21
N LYS D 206 -6.96 -27.09 -15.52
CA LYS D 206 -8.01 -26.18 -15.96
C LYS D 206 -9.38 -26.67 -15.52
N LYS D 207 -9.62 -27.97 -15.60
CA LYS D 207 -10.93 -28.50 -15.20
C LYS D 207 -11.16 -28.37 -13.70
N LEU D 208 -10.11 -28.36 -12.90
CA LEU D 208 -10.26 -28.24 -11.45
C LEU D 208 -10.04 -26.82 -10.94
N GLY D 209 -9.61 -25.92 -11.80
CA GLY D 209 -9.30 -24.57 -11.38
C GLY D 209 -7.97 -24.41 -10.66
N ILE D 210 -7.00 -25.28 -10.94
CA ILE D 210 -5.70 -25.24 -10.27
C ILE D 210 -4.62 -25.05 -11.32
N PRO D 211 -3.74 -24.06 -11.17
CA PRO D 211 -2.70 -23.83 -12.17
C PRO D 211 -1.59 -24.87 -12.08
N VAL D 212 -0.84 -24.97 -13.18
CA VAL D 212 0.30 -25.87 -13.26
C VAL D 212 1.53 -25.07 -13.69
N ILE D 213 2.69 -25.44 -13.15
CA ILE D 213 3.96 -24.81 -13.49
C ILE D 213 4.74 -25.78 -14.39
N ALA D 214 5.35 -25.25 -15.46
CA ALA D 214 6.21 -26.06 -16.30
C ALA D 214 7.66 -25.94 -15.81
N ASP D 215 8.16 -26.98 -15.14
CA ASP D 215 9.44 -26.95 -14.45
C ASP D 215 10.44 -27.88 -15.13
N GLY D 216 11.45 -27.29 -15.76
CA GLY D 216 12.59 -28.04 -16.24
C GLY D 216 12.57 -28.25 -17.74
N GLY D 217 13.75 -28.36 -18.32
CA GLY D 217 13.87 -28.73 -19.72
C GLY D 217 13.83 -27.59 -20.71
N LEU D 218 13.74 -26.35 -20.24
CA LEU D 218 13.65 -25.18 -21.08
C LEU D 218 15.06 -24.69 -21.44
N LYS D 219 15.28 -24.39 -22.72
CA LYS D 219 16.60 -23.98 -23.19
C LYS D 219 16.58 -22.64 -23.88
N TYR D 220 15.54 -22.38 -24.67
CA TYR D 220 15.39 -21.16 -25.42
C TYR D 220 14.07 -20.50 -25.05
N SER D 221 13.98 -19.21 -25.39
CA SER D 221 12.75 -18.46 -25.14
C SER D 221 11.55 -19.07 -25.86
N GLY D 222 11.75 -19.68 -27.03
CA GLY D 222 10.63 -20.31 -27.70
C GLY D 222 10.09 -21.50 -26.95
N ASP D 223 10.94 -22.18 -26.17
CA ASP D 223 10.46 -23.31 -25.36
C ASP D 223 9.45 -22.83 -24.30
N ILE D 224 9.69 -21.64 -23.75
CA ILE D 224 8.76 -21.09 -22.76
C ILE D 224 7.43 -20.79 -23.42
N VAL D 225 7.45 -20.28 -24.66
CA VAL D 225 6.19 -20.02 -25.36
C VAL D 225 5.40 -21.31 -25.50
N LYS D 226 6.08 -22.42 -25.82
CA LYS D 226 5.38 -23.69 -25.97
C LYS D 226 4.80 -24.18 -24.64
N ALA D 227 5.54 -23.99 -23.54
CA ALA D 227 5.06 -24.44 -22.24
C ALA D 227 3.83 -23.65 -21.81
N LEU D 228 3.83 -22.34 -22.07
CA LEU D 228 2.69 -21.51 -21.70
C LEU D 228 1.50 -21.79 -22.61
N ALA D 229 1.76 -22.00 -23.90
CA ALA D 229 0.70 -22.33 -24.86
C ALA D 229 0.10 -23.69 -24.55
N ALA D 230 0.87 -24.59 -23.95
CA ALA D 230 0.40 -25.89 -23.53
C ALA D 230 -0.47 -25.82 -22.28
N GLY D 231 -0.50 -24.66 -21.61
CA GLY D 231 -1.41 -24.44 -20.50
C GLY D 231 -0.75 -24.12 -19.18
N ALA D 232 0.59 -24.10 -19.06
CA ALA D 232 1.21 -23.75 -17.78
C ALA D 232 1.00 -22.28 -17.45
N CYS D 233 0.83 -21.98 -16.15
CA CYS D 233 0.73 -20.60 -15.70
C CYS D 233 2.08 -19.91 -15.63
N ALA D 234 3.17 -20.67 -15.57
CA ALA D 234 4.51 -20.14 -15.32
C ALA D 234 5.54 -21.20 -15.68
N ALA D 235 6.73 -20.75 -16.04
CA ALA D 235 7.85 -21.61 -16.40
C ALA D 235 8.94 -21.46 -15.35
N MET D 236 9.50 -22.57 -14.90
CA MET D 236 10.56 -22.56 -13.91
C MET D 236 11.84 -23.04 -14.57
N MET D 237 12.94 -22.32 -14.31
CA MET D 237 14.20 -22.57 -15.00
C MET D 237 15.36 -22.66 -14.02
N GLY D 238 16.23 -23.64 -14.23
CA GLY D 238 17.48 -23.67 -13.47
C GLY D 238 18.64 -23.28 -14.36
N SER D 239 18.86 -24.06 -15.41
CA SER D 239 20.01 -23.84 -16.31
C SER D 239 20.05 -22.44 -16.88
N ILE D 240 18.90 -21.92 -17.35
CA ILE D 240 18.89 -20.60 -17.98
C ILE D 240 19.28 -19.49 -17.00
N PHE D 241 19.10 -19.69 -15.69
CA PHE D 241 19.45 -18.65 -14.72
C PHE D 241 20.74 -18.92 -13.95
N ALA D 242 21.29 -20.14 -14.02
CA ALA D 242 22.41 -20.51 -13.16
C ALA D 242 23.70 -19.77 -13.51
N GLY D 243 23.83 -19.34 -14.76
CA GLY D 243 25.00 -18.60 -15.18
C GLY D 243 24.93 -17.11 -14.93
N CYS D 244 23.83 -16.63 -14.36
CA CYS D 244 23.70 -15.21 -14.14
C CYS D 244 24.44 -14.78 -12.88
N GLU D 245 24.86 -13.52 -12.86
CA GLU D 245 25.63 -13.01 -11.73
C GLU D 245 24.90 -13.21 -10.40
N GLU D 246 23.56 -13.16 -10.42
CA GLU D 246 22.73 -13.20 -9.20
C GLU D 246 22.59 -14.60 -8.62
N ALA D 247 22.98 -15.64 -9.35
CA ALA D 247 22.96 -17.01 -8.87
C ALA D 247 24.13 -17.25 -7.92
N PRO D 248 24.00 -18.20 -6.99
CA PRO D 248 25.11 -18.51 -6.09
C PRO D 248 26.32 -19.05 -6.83
N GLY D 249 27.49 -18.84 -6.25
CA GLY D 249 28.74 -19.35 -6.77
C GLY D 249 29.59 -18.27 -7.40
N ALA D 250 30.90 -18.47 -7.35
CA ALA D 250 31.82 -17.52 -7.95
C ALA D 250 31.88 -17.69 -9.47
N ILE D 251 32.35 -16.65 -10.14
CA ILE D 251 32.65 -16.72 -11.57
C ILE D 251 34.03 -17.36 -11.73
N GLU D 252 34.10 -18.47 -12.47
CA GLU D 252 35.35 -19.17 -12.70
C GLU D 252 35.81 -18.95 -14.13
N ILE D 253 37.11 -18.72 -14.29
CA ILE D 253 37.73 -18.52 -15.60
C ILE D 253 38.51 -19.77 -15.96
N TYR D 254 38.48 -20.15 -17.23
CA TYR D 254 39.33 -21.21 -17.75
C TYR D 254 39.43 -21.05 -19.26
N GLN D 255 40.66 -20.93 -19.77
CA GLN D 255 40.90 -20.76 -21.21
C GLN D 255 40.16 -19.55 -21.77
N GLY D 256 40.18 -18.44 -21.04
CA GLY D 256 39.53 -17.22 -21.49
C GLY D 256 38.02 -17.24 -21.48
N ARG D 257 37.40 -18.25 -20.88
CA ARG D 257 35.94 -18.33 -20.80
C ARG D 257 35.51 -18.30 -19.33
N SER D 258 34.38 -17.64 -19.07
CA SER D 258 33.83 -17.56 -17.74
C SER D 258 32.72 -18.57 -17.56
N TYR D 259 32.68 -19.17 -16.38
CA TYR D 259 31.76 -20.26 -16.08
C TYR D 259 31.20 -20.09 -14.68
N LYS D 260 30.08 -20.76 -14.44
CA LYS D 260 29.55 -20.90 -13.08
C LYS D 260 29.15 -22.35 -12.86
N VAL D 261 29.15 -22.77 -11.60
CA VAL D 261 28.82 -24.14 -11.25
C VAL D 261 27.32 -24.32 -11.31
N TYR D 262 26.88 -25.46 -11.82
CA TYR D 262 25.47 -25.82 -11.82
C TYR D 262 25.36 -27.33 -11.61
N ARG D 263 24.48 -27.74 -10.68
CA ARG D 263 24.40 -29.14 -10.29
C ARG D 263 22.98 -29.50 -9.88
N GLY D 264 22.61 -30.75 -10.13
CA GLY D 264 21.33 -31.24 -9.64
C GLY D 264 21.32 -31.31 -8.12
N MET D 265 20.14 -31.06 -7.55
CA MET D 265 20.02 -31.21 -6.10
C MET D 265 20.02 -32.67 -5.67
N GLY D 266 19.81 -33.60 -6.61
CA GLY D 266 20.01 -35.02 -6.41
C GLY D 266 21.36 -35.53 -6.86
N SER D 267 22.32 -34.65 -7.14
CA SER D 267 23.68 -35.02 -7.45
C SER D 267 24.45 -35.29 -6.16
N LEU D 268 25.58 -35.99 -6.29
CA LEU D 268 26.39 -36.32 -5.12
C LEU D 268 26.81 -35.07 -4.35
N GLY D 269 27.25 -34.05 -5.07
CA GLY D 269 27.73 -32.84 -4.42
C GLY D 269 26.66 -32.18 -3.57
N ALA D 270 25.47 -31.96 -4.14
CA ALA D 270 24.40 -31.30 -3.42
C ALA D 270 23.95 -32.09 -2.20
N MET D 271 23.82 -33.41 -2.34
CA MET D 271 23.44 -34.25 -1.21
C MET D 271 24.50 -34.36 -0.12
N ALA D 272 25.72 -33.88 -0.37
CA ALA D 272 26.74 -33.90 0.66
C ALA D 272 26.73 -32.60 1.47
N VAL D 288 22.84 -43.03 -4.11
CA VAL D 288 22.55 -43.22 -5.53
C VAL D 288 21.90 -41.98 -6.14
N PRO D 289 22.71 -41.17 -6.81
CA PRO D 289 22.25 -39.86 -7.28
C PRO D 289 21.29 -39.95 -8.45
N GLU D 290 20.52 -38.87 -8.61
CA GLU D 290 19.66 -38.67 -9.78
C GLU D 290 19.93 -37.33 -10.44
N GLY D 291 21.18 -36.85 -10.35
CA GLY D 291 21.62 -35.60 -10.95
C GLY D 291 23.12 -35.61 -11.18
N VAL D 292 23.57 -34.67 -12.00
CA VAL D 292 24.99 -34.50 -12.30
C VAL D 292 25.43 -33.11 -11.87
N GLU D 293 26.75 -32.92 -11.82
CA GLU D 293 27.39 -31.67 -11.43
C GLU D 293 28.30 -31.21 -12.55
N GLY D 294 28.23 -29.92 -12.87
CA GLY D 294 29.07 -29.41 -13.92
C GLY D 294 29.16 -27.89 -13.90
N ARG D 295 29.43 -27.34 -15.09
CA ARG D 295 29.57 -25.91 -15.29
C ARG D 295 28.81 -25.47 -16.55
N ILE D 296 28.33 -24.23 -16.52
CA ILE D 296 27.69 -23.59 -17.66
C ILE D 296 28.30 -22.21 -17.83
N ALA D 297 28.07 -21.63 -19.01
CA ALA D 297 28.64 -20.33 -19.34
C ALA D 297 28.11 -19.23 -18.42
N TYR D 298 29.02 -18.35 -17.99
CA TYR D 298 28.61 -17.12 -17.33
C TYR D 298 27.86 -16.22 -18.31
N LYS D 299 26.72 -15.68 -17.87
CA LYS D 299 25.86 -14.89 -18.75
C LYS D 299 25.77 -13.42 -18.36
N GLY D 300 26.36 -13.02 -17.24
CA GLY D 300 26.18 -11.65 -16.78
C GLY D 300 24.91 -11.48 -15.97
N HIS D 301 24.34 -10.28 -16.02
CA HIS D 301 23.24 -9.95 -15.13
C HIS D 301 21.92 -10.55 -15.60
N LEU D 302 21.13 -11.01 -14.62
CA LEU D 302 19.82 -11.57 -14.90
C LEU D 302 18.98 -10.68 -15.81
N ALA D 303 19.01 -9.36 -15.59
CA ALA D 303 18.17 -8.46 -16.38
C ALA D 303 18.35 -8.67 -17.89
N ASP D 304 19.59 -8.89 -18.33
CA ASP D 304 19.84 -9.08 -19.75
C ASP D 304 19.24 -10.38 -20.25
N THR D 305 19.27 -11.43 -19.42
CA THR D 305 18.66 -12.69 -19.84
C THR D 305 17.13 -12.57 -19.88
N ILE D 306 16.55 -11.96 -18.83
CA ILE D 306 15.09 -11.79 -18.78
C ILE D 306 14.61 -11.01 -20.00
N TYR D 307 15.33 -9.93 -20.36
CA TYR D 307 14.93 -9.14 -21.52
C TYR D 307 14.80 -10.00 -22.76
N GLN D 308 15.77 -10.87 -23.01
CA GLN D 308 15.70 -11.72 -24.20
C GLN D 308 14.56 -12.73 -24.11
N LEU D 309 14.34 -13.32 -22.93
CA LEU D 309 13.24 -14.27 -22.78
C LEU D 309 11.91 -13.58 -23.06
N ILE D 310 11.71 -12.39 -22.50
CA ILE D 310 10.46 -11.67 -22.64
C ILE D 310 10.24 -11.22 -24.07
N GLY D 311 11.29 -10.77 -24.75
CA GLY D 311 11.15 -10.42 -26.15
C GLY D 311 10.70 -11.60 -26.99
N GLY D 312 11.31 -12.76 -26.78
CA GLY D 312 10.93 -13.93 -27.57
C GLY D 312 9.53 -14.39 -27.26
N ILE D 313 9.15 -14.33 -25.98
CA ILE D 313 7.78 -14.70 -25.60
C ILE D 313 6.77 -13.75 -26.25
N LYS D 314 7.00 -12.44 -26.15
CA LYS D 314 6.08 -11.48 -26.77
C LYS D 314 6.02 -11.68 -28.28
N SER D 315 7.16 -12.04 -28.89
CA SER D 315 7.16 -12.33 -30.31
C SER D 315 6.23 -13.49 -30.63
N GLY D 316 6.37 -14.59 -29.88
CA GLY D 316 5.51 -15.74 -30.09
C GLY D 316 4.03 -15.39 -29.90
N MET D 317 3.72 -14.60 -28.88
CA MET D 317 2.31 -14.23 -28.69
C MET D 317 1.81 -13.35 -29.82
N GLY D 318 2.66 -12.47 -30.35
CA GLY D 318 2.32 -11.74 -31.57
C GLY D 318 1.96 -12.67 -32.71
N TYR D 319 2.81 -13.68 -32.94
CA TYR D 319 2.54 -14.65 -34.01
C TYR D 319 1.25 -15.42 -33.77
N LEU D 320 0.89 -15.64 -32.50
CA LEU D 320 -0.30 -16.38 -32.15
C LEU D 320 -1.52 -15.47 -31.94
N GLY D 321 -1.38 -14.16 -32.12
CA GLY D 321 -2.52 -13.28 -31.98
C GLY D 321 -3.04 -13.19 -30.57
N ALA D 322 -2.21 -13.48 -29.60
CA ALA D 322 -2.60 -13.56 -28.21
C ALA D 322 -2.19 -12.29 -27.51
N PRO D 323 -3.11 -11.38 -27.20
CA PRO D 323 -2.75 -10.23 -26.36
C PRO D 323 -2.46 -10.62 -24.92
N THR D 324 -2.93 -11.79 -24.48
CA THR D 324 -2.74 -12.27 -23.11
C THR D 324 -2.55 -13.77 -23.11
N LEU D 325 -2.25 -14.31 -21.92
CA LEU D 325 -1.76 -15.68 -21.81
C LEU D 325 -2.86 -16.73 -21.84
N GLU D 326 -4.04 -16.44 -21.30
N GLU D 326 -4.04 -16.44 -21.29
CA GLU D 326 -5.13 -17.41 -21.36
CA GLU D 326 -5.14 -17.42 -21.36
C GLU D 326 -5.58 -17.62 -22.80
C GLU D 326 -5.58 -17.63 -22.80
N ASN D 327 -5.73 -16.53 -23.54
CA ASN D 327 -6.03 -16.62 -24.97
C ASN D 327 -4.98 -17.45 -25.71
N LEU D 328 -3.74 -17.44 -25.21
CA LEU D 328 -2.67 -18.20 -25.87
C LEU D 328 -2.95 -19.70 -25.81
N TYR D 329 -3.38 -20.19 -24.64
CA TYR D 329 -3.68 -21.61 -24.49
C TYR D 329 -4.86 -22.01 -25.36
N GLU D 330 -5.92 -21.20 -25.32
CA GLU D 330 -7.13 -21.50 -26.06
C GLU D 330 -6.87 -21.61 -27.56
N ASN D 331 -6.01 -20.75 -28.08
CA ASN D 331 -5.78 -20.68 -29.52
C ASN D 331 -4.51 -21.42 -29.96
N ALA D 332 -3.95 -22.26 -29.11
CA ALA D 332 -2.68 -22.92 -29.41
C ALA D 332 -2.91 -24.17 -30.26
N ASN D 333 -2.29 -24.21 -31.44
CA ASN D 333 -2.27 -25.42 -32.27
C ASN D 333 -0.83 -25.80 -32.57
N PHE D 334 -0.42 -26.97 -32.08
CA PHE D 334 0.92 -27.51 -32.29
C PHE D 334 0.94 -28.43 -33.52
N VAL D 335 2.09 -28.48 -34.19
CA VAL D 335 2.37 -29.56 -35.13
C VAL D 335 3.61 -30.28 -34.61
N VAL D 336 3.69 -31.57 -34.87
CA VAL D 336 4.88 -32.35 -34.52
C VAL D 336 5.87 -32.21 -35.68
N GLN D 337 7.16 -32.02 -35.38
CA GLN D 337 8.20 -32.01 -36.39
C GLN D 337 9.12 -33.20 -36.14
N THR D 338 9.72 -33.71 -37.23
CA THR D 338 10.71 -34.76 -37.18
C THR D 338 12.09 -34.18 -36.83
N SER D 339 13.09 -35.07 -36.75
CA SER D 339 14.45 -34.58 -36.56
C SER D 339 14.92 -33.78 -37.76
N ALA D 340 14.46 -34.10 -38.97
CA ALA D 340 14.72 -33.22 -40.12
C ALA D 340 14.03 -31.86 -39.95
N GLY D 341 12.79 -31.85 -39.48
CA GLY D 341 12.14 -30.56 -39.20
C GLY D 341 12.91 -29.74 -38.18
N PHE D 342 13.43 -30.41 -37.15
CA PHE D 342 14.22 -29.74 -36.11
C PHE D 342 15.46 -29.09 -36.73
N ARG D 343 16.12 -29.77 -37.67
CA ARG D 343 17.29 -29.20 -38.33
C ARG D 343 16.91 -28.00 -39.20
N GLU D 344 15.72 -28.03 -39.78
CA GLU D 344 15.22 -26.86 -40.51
C GLU D 344 14.91 -25.70 -39.55
N SER D 345 14.34 -26.03 -38.39
CA SER D 345 13.92 -24.97 -37.46
C SER D 345 15.12 -24.19 -36.93
N HIS D 346 16.22 -24.87 -36.63
CA HIS D 346 17.43 -24.17 -36.25
C HIS D 346 18.07 -23.56 -37.48
N PRO D 347 18.86 -22.50 -37.32
CA PRO D 347 19.74 -22.06 -38.42
C PRO D 347 20.54 -23.25 -38.92
N HIS D 348 20.84 -23.24 -40.21
CA HIS D 348 21.50 -24.35 -40.87
C HIS D 348 22.21 -23.87 -42.11
N ASP D 349 23.30 -24.56 -42.45
CA ASP D 349 24.07 -24.29 -43.66
C ASP D 349 24.63 -22.87 -43.65
N ILE D 350 25.01 -22.39 -42.47
CA ILE D 350 25.58 -21.06 -42.30
C ILE D 350 26.72 -21.18 -41.29
N ASN D 351 27.82 -20.49 -41.59
CA ASN D 351 28.91 -20.33 -40.62
C ASN D 351 28.64 -19.07 -39.83
N ILE D 352 28.05 -19.22 -38.64
CA ILE D 352 27.69 -18.06 -37.83
C ILE D 352 28.96 -17.44 -37.24
N THR D 353 29.20 -16.17 -37.58
CA THR D 353 30.40 -15.49 -37.14
C THR D 353 30.13 -14.43 -36.09
N LYS D 354 28.87 -14.07 -35.84
CA LYS D 354 28.51 -13.04 -34.88
C LYS D 354 27.63 -13.64 -33.79
N GLU D 355 27.88 -13.22 -32.55
CA GLU D 355 27.09 -13.68 -31.41
C GLU D 355 25.68 -13.11 -31.50
N ALA D 356 24.70 -13.93 -31.14
CA ALA D 356 23.31 -13.50 -31.07
C ALA D 356 22.84 -13.56 -29.62
N PRO D 357 22.16 -12.53 -29.11
CA PRO D 357 21.87 -12.49 -27.66
C PRO D 357 20.85 -13.54 -27.22
N ASN D 358 20.09 -14.13 -28.13
CA ASN D 358 19.05 -15.10 -27.76
C ASN D 358 19.23 -16.42 -28.50
N TYR D 359 20.43 -16.68 -29.03
CA TYR D 359 20.64 -17.97 -29.70
C TYR D 359 22.08 -18.40 -29.48
N SER D 360 22.23 -19.62 -28.97
CA SER D 360 23.49 -20.28 -28.62
C SER D 360 24.78 -19.52 -28.91
C1 8L7 E . -14.13 -3.69 9.89
C10 8L7 E . -16.11 -4.88 7.64
C11 8L7 E . -13.89 -4.01 8.46
C12 8L7 E . -13.13 -5.34 8.35
C13 8L7 E . -13.00 -2.88 7.95
C17 8L7 E . -18.24 -5.22 6.48
C18 8L7 E . -19.10 -4.70 5.51
C19 8L7 E . -20.30 -5.34 5.19
C2 8L7 E . -13.31 -4.22 10.88
C20 8L7 E . -20.64 -6.53 5.83
C21 8L7 E . -19.74 -7.08 6.85
C22 8L7 E . -18.56 -6.40 7.13
C24 8L7 E . -19.72 -8.39 8.93
C25 8L7 E . -18.45 -9.24 9.02
C26 8L7 E . -18.93 -10.68 9.05
C27 8L7 E . -20.45 -10.57 9.07
C29 8L7 E . -21.08 -11.60 9.99
C3 8L7 E . -13.53 -3.90 12.21
C4 8L7 E . -14.56 -3.03 12.57
C5 8L7 E . -15.38 -2.50 11.58
C6 8L7 E . -15.17 -2.83 10.24
C7 8L7 E . -16.51 -1.57 11.87
C8 8L7 E . -17.05 -0.92 10.85
C9 8L7 E . -16.99 -1.42 13.10
N3 8L7 E . -15.11 -3.99 7.66
N34 8L7 E . -20.02 -8.24 7.51
N4 8L7 E . -17.08 -4.56 6.77
O2 8L7 E . -16.12 -5.87 8.39
O3 8L7 E . -20.73 -9.23 9.50
O4 8L7 E . -17.58 -9.06 7.89
O5 8L7 E . -18.49 -11.35 7.86
O6 8L7 E . -22.47 -11.70 9.71
CL 8L7 E . -22.14 -7.43 5.48
P IMP F . -16.37 7.12 19.42
O1P IMP F . -14.87 7.22 19.27
O2P IMP F . -17.17 8.20 18.72
O3P IMP F . -16.79 7.06 20.87
O5' IMP F . -16.79 5.76 18.70
C5' IMP F . -16.36 4.47 19.16
C4' IMP F . -17.15 3.35 18.49
O4' IMP F . -16.82 3.29 17.08
C3' IMP F . -16.88 1.94 18.97
O3' IMP F . -17.54 1.67 20.18
C2' IMP F . -17.37 1.09 17.79
O2' IMP F . -18.79 0.95 17.82
C1' IMP F . -17.03 1.98 16.59
N9 IMP F . -15.81 1.58 15.90
C8 IMP F . -14.59 1.19 16.39
N7 IMP F . -13.74 1.02 15.34
C5 IMP F . -14.40 1.32 14.19
C6 IMP F . -14.02 1.34 12.86
O6 IMP F . -12.82 1.25 12.52
N1 IMP F . -14.96 1.71 11.91
C2 IMP F . -16.24 2.04 12.29
N3 IMP F . -16.62 2.04 13.61
C4 IMP F . -15.70 1.67 14.53
C1 MPD G . -34.11 5.32 9.66
C2 MPD G . -34.72 4.33 10.63
O2 MPD G . -35.98 4.91 11.09
CM MPD G . -33.83 4.15 11.86
C3 MPD G . -34.91 2.95 9.99
C4 MPD G . -36.27 2.62 9.36
O4 MPD G . -36.11 1.42 8.63
C5 MPD G . -37.38 2.38 10.39
C ACY H . -15.45 15.91 27.56
O ACY H . -14.63 16.65 28.16
OXT ACY H . -16.29 16.35 26.72
CH3 ACY H . -15.44 14.46 27.89
C1 8L7 I . -18.63 23.69 -22.86
C10 8L7 I . -21.41 25.11 -23.62
C11 8L7 I . -18.91 25.10 -23.27
C12 8L7 I . -18.55 25.30 -24.74
C13 8L7 I . -18.00 25.94 -22.38
C17 8L7 I . -23.84 25.44 -23.55
C18 8L7 I . -24.89 26.06 -22.87
C19 8L7 I . -26.22 25.91 -23.27
C2 8L7 I . -17.65 22.95 -23.52
C20 8L7 I . -26.52 25.14 -24.40
C21 8L7 I . -25.42 24.48 -25.12
C22 8L7 I . -24.12 24.65 -24.68
C24 8L7 I . -25.00 22.42 -26.29
C25 8L7 I . -24.04 22.56 -27.46
C26 8L7 I . -24.74 21.89 -28.63
C27 8L7 I . -26.15 21.64 -28.12
C29 8L7 I . -26.80 20.46 -28.81
C3 8L7 I . -17.40 21.65 -23.10
C4 8L7 I . -18.09 21.10 -22.03
C5 8L7 I . -19.05 21.86 -21.36
C6 8L7 I . -19.32 23.15 -21.78
C7 8L7 I . -19.84 21.30 -20.21
C8 8L7 I . -20.52 22.14 -19.42
C9 8L7 I . -19.88 19.99 -20.03
N3 8L7 I . -20.30 25.46 -22.96
N34 8L7 I . -25.66 23.72 -26.22
N4 8L7 I . -22.55 25.61 -23.10
O2 8L7 I . -21.35 24.36 -24.61
O3 8L7 I . -25.95 21.43 -26.71
O4 8L7 I . -23.82 23.95 -27.75
O5 8L7 I . -24.76 22.69 -29.81
O6 8L7 I . -27.78 20.96 -29.72
CL 8L7 I . -28.18 24.90 -25.01
P IMP J . -15.76 14.65 -11.66
O1P IMP J . -14.42 15.30 -11.79
O2P IMP J . -16.58 15.14 -10.49
O3P IMP J . -15.80 13.14 -11.67
O5' IMP J . -16.69 15.05 -12.92
C5' IMP J . -16.34 14.66 -14.24
C4' IMP J . -17.45 15.01 -15.22
O4' IMP J . -17.59 16.44 -15.35
C3' IMP J . -17.27 14.56 -16.66
O3' IMP J . -17.54 13.17 -16.82
C2' IMP J . -18.25 15.46 -17.44
O2' IMP J . -19.57 14.96 -17.33
C1' IMP J . -18.18 16.75 -16.62
N9 IMP J . -17.35 17.79 -17.26
C8 IMP J . -16.13 17.67 -17.90
N7 IMP J . -15.69 18.89 -18.26
C5 IMP J . -16.62 19.81 -17.82
C6 IMP J . -16.74 21.21 -17.89
O6 IMP J . -15.76 21.94 -18.08
N1 IMP J . -17.85 21.82 -17.35
C2 IMP J . -18.84 21.08 -16.76
N3 IMP J . -18.76 19.72 -16.67
C4 IMP J . -17.65 19.11 -17.19
C1 MPD K . -34.89 16.29 -11.70
C2 MPD K . -36.31 16.80 -11.48
O2 MPD K . -37.13 15.68 -11.16
CM MPD K . -36.36 17.78 -10.33
C3 MPD K . -36.85 17.42 -12.75
C4 MPD K . -38.34 17.69 -12.71
O4 MPD K . -38.65 18.50 -13.85
C5 MPD K . -39.14 16.41 -12.81
C1 MRD L . -10.17 5.70 -3.21
C2 MRD L . -10.38 7.21 -3.21
O2 MRD L . -11.50 7.58 -2.33
CM MRD L . -10.73 7.65 -4.63
C3 MRD L . -9.10 7.88 -2.72
C4 MRD L . -9.28 9.18 -1.93
O4 MRD L . -10.64 9.51 -1.78
C5 MRD L . -8.56 10.33 -2.62
C1 8L7 M . 26.75 9.11 21.16
C10 8L7 M . 28.80 10.12 23.43
C11 8L7 M . 26.54 9.33 22.63
C12 8L7 M . 26.57 7.97 23.33
C13 8L7 M . 25.14 9.91 22.76
C17 8L7 M . 30.77 11.27 24.30
C18 8L7 M . 31.24 12.50 24.80
C19 8L7 M . 32.57 12.67 25.19
C2 8L7 M . 26.31 7.92 20.57
C20 8L7 M . 33.46 11.60 25.09
C21 8L7 M . 32.98 10.31 24.55
C22 8L7 M . 31.65 10.20 24.18
C24 8L7 M . 33.75 8.42 23.23
C25 8L7 M . 33.29 7.06 23.74
C26 8L7 M . 34.54 6.21 23.80
C27 8L7 M . 35.66 7.18 23.50
C29 8L7 M . 36.82 6.50 22.79
C3 8L7 M . 26.48 7.75 19.20
C4 8L7 M . 27.09 8.73 18.43
C5 8L7 M . 27.52 9.90 19.03
C6 8L7 M . 27.34 10.10 20.40
C7 8L7 M . 28.19 10.99 18.23
C8 8L7 M . 28.28 12.21 18.73
C9 8L7 M . 28.69 10.73 17.03
N3 8L7 M . 27.50 10.31 23.16
N34 8L7 M . 33.82 9.25 24.43
N4 8L7 M . 29.45 11.19 23.94
O2 8L7 M . 29.32 9.05 23.20
O3 8L7 M . 35.07 8.21 22.72
O4 8L7 M . 32.76 7.19 25.06
O5 8L7 M . 34.68 5.66 25.11
O6 8L7 M . 37.69 5.97 23.79
CL 8L7 M . 35.19 11.75 25.59
P IMP N . 24.70 14.45 7.70
O1P IMP N . 24.88 15.94 7.83
O2P IMP N . 23.28 14.02 8.01
O3P IMP N . 25.26 13.87 6.43
O5' IMP N . 25.58 13.87 8.93
C5' IMP N . 25.91 12.50 9.02
C4' IMP N . 27.01 12.26 10.04
O4' IMP N . 26.62 12.69 11.36
C3' IMP N . 27.42 10.81 10.27
O3' IMP N . 28.20 10.31 9.21
C2' IMP N . 28.14 10.87 11.62
O2' IMP N . 29.50 11.32 11.47
C1' IMP N . 27.36 11.97 12.35
N9 IMP N . 26.41 11.44 13.36
C8 IMP N . 25.60 10.34 13.26
N7 IMP N . 24.84 10.27 14.38
C5 IMP N . 25.15 11.30 15.21
C6 IMP N . 24.69 11.71 16.47
O6 IMP N . 23.59 11.35 16.95
N1 IMP N . 25.21 12.86 17.03
C2 IMP N . 26.19 13.54 16.35
N3 IMP N . 26.66 13.16 15.11
C4 IMP N . 26.13 12.05 14.54
C ACY O . 19.67 17.59 -3.44
O ACY O . 20.74 18.19 -3.20
OXT ACY O . 19.60 16.38 -3.74
CH3 ACY O . 18.39 18.38 -3.35
C1 MPD P . 40.35 25.08 14.28
C2 MPD P . 41.52 24.11 14.14
O2 MPD P . 42.52 24.74 13.30
CM MPD P . 41.05 22.84 13.42
C3 MPD P . 42.02 23.72 15.53
C4 MPD P . 43.40 24.21 15.96
O4 MPD P . 43.61 23.68 17.26
C5 MPD P . 44.55 23.69 15.10
C1 8L7 Q . 17.01 -36.76 -5.06
C10 8L7 Q . 15.25 -39.35 -4.68
C11 8L7 Q . 17.45 -38.15 -4.70
C12 8L7 Q . 17.68 -38.23 -3.19
C13 8L7 Q . 18.78 -38.37 -5.42
C17 8L7 Q . 13.31 -40.78 -5.03
C18 8L7 Q . 12.79 -41.81 -5.81
C19 8L7 Q . 11.53 -42.33 -5.58
C2 8L7 Q . 17.33 -35.68 -4.26
C20 8L7 Q . 10.72 -41.83 -4.56
C21 8L7 Q . 11.26 -40.70 -3.72
C22 8L7 Q . 12.53 -40.26 -4.00
C24 8L7 Q . 9.19 -40.03 -2.41
C25 8L7 Q . 8.87 -38.60 -1.97
C26 8L7 Q . 7.69 -38.79 -1.03
C27 8L7 Q . 7.86 -40.20 -0.46
C29 8L7 Q . 6.59 -41.05 -0.49
C3 8L7 Q . 16.91 -34.41 -4.63
C4 8L7 Q . 16.17 -34.21 -5.80
C5 8L7 Q . 15.87 -35.30 -6.60
C6 8L7 Q . 16.29 -36.57 -6.23
C7 8L7 Q . 15.09 -35.17 -7.86
C8 8L7 Q . 14.40 -34.07 -8.14
C9 8L7 Q . 15.06 -36.20 -8.70
N3 8L7 Q . 16.48 -39.13 -5.17
N34 8L7 Q . 10.62 -40.09 -2.67
N4 8L7 Q . 14.56 -40.33 -5.30
O2 8L7 Q . 14.81 -38.69 -3.75
O3 8L7 Q . 8.85 -40.84 -1.28
O4 8L7 Q . 9.98 -38.07 -1.26
O5 8L7 Q . 7.69 -37.81 0.01
O6 8L7 Q . 5.62 -40.58 0.46
CL 8L7 Q . 9.10 -42.55 -4.35
P IMP R . 16.62 -26.95 -15.97
O1P IMP R . 18.10 -26.81 -15.62
O2P IMP R . 16.40 -27.72 -17.27
O3P IMP R . 15.98 -25.58 -16.02
O5' IMP R . 15.96 -27.87 -14.86
C5' IMP R . 15.80 -27.42 -13.51
C4' IMP R . 14.84 -28.28 -12.72
O4' IMP R . 15.38 -29.62 -12.57
C3' IMP R . 14.56 -27.85 -11.28
O3' IMP R . 13.65 -26.78 -11.21
C2' IMP R . 14.05 -29.15 -10.64
O2' IMP R . 12.68 -29.33 -10.98
C1' IMP R . 14.87 -30.21 -11.39
N9 IMP R . 15.99 -30.77 -10.63
C8 IMP R . 16.91 -30.09 -9.84
N7 IMP R . 17.81 -30.99 -9.39
C5 IMP R . 17.53 -32.22 -9.90
C6 IMP R . 18.14 -33.48 -9.78
O6 IMP R . 19.29 -33.62 -9.39
N1 IMP R . 17.57 -34.55 -10.46
C2 IMP R . 16.43 -34.36 -11.20
N3 IMP R . 15.85 -33.13 -11.34
C4 IMP R . 16.39 -32.07 -10.69
C1 MPD S . 1.38 -39.29 -20.65
C2 MPD S . 0.41 -38.91 -19.55
O2 MPD S . -0.80 -38.37 -20.15
CM MPD S . 1.03 -37.81 -18.69
C3 MPD S . 0.06 -40.16 -18.72
C4 MPD S . -1.19 -40.00 -17.86
O4 MPD S . -2.27 -39.69 -18.70
C5 MPD S . -1.51 -41.28 -17.11
C ACY T . 19.29 -18.05 -24.17
O ACY T . 20.36 -18.69 -24.22
OXT ACY T . 18.47 -18.07 -25.11
CH3 ACY T . 19.00 -17.23 -22.94
#